data_4AIN
#
_entry.id   4AIN
#
_cell.length_a   112.810
_cell.length_b   128.150
_cell.length_c   159.690
_cell.angle_alpha   90.00
_cell.angle_beta   90.00
_cell.angle_gamma   90.00
#
_symmetry.space_group_name_H-M   'P 21 21 21'
#
loop_
_entity.id
_entity.type
_entity.pdbx_description
1 polymer 'GLYCINE BETAINE TRANSPORTER BETP'
2 non-polymer 'SODIUM ION'
3 non-polymer 'TRIMETHYL GLYCINE'
4 non-polymer DI(HYDROXYETHYL)ETHER
5 non-polymer 'CHLORIDE ION'
6 non-polymer 'CITRATE ANION'
7 non-polymer 5-CYCLOHEXYL-1-PENTYL-BETA-D-MALTOSIDE
8 water water
#
_entity_poly.entity_id   1
_entity_poly.type   'polypeptide(L)'
_entity_poly.pdbx_seq_one_letter_code
;ADAEEEIILEGEDTQASLNWSVIVPALVIVLATVVWGIGFKDSFTNFASSALSAVVDNLGWAFILFGTVFVFFIVVIAAS
KFGTIRLGRIDEAPEFRTVSWISMMFAAGMGIGLMFYGTTEPLTFYRNGVPGHDEHNVGVAMSTTMFHWTLHPWAIYAIV
GLAIAYSTFRVGRKQLLSSAFVPLIGEKGAEGWLGKLIDILAIIATVFGTACSLGLGALQIGAGLSAANIIEDPSDWTIV
GIVSVLTLAFIFSAISGVGKGIQYLSNANMVLAALLAIFVFVVGPTVSILNLLPGSIGNYLSNFFQMAGRTAMSADGTAG
EWLGSWTIFYWAWWISWSPFVGMFLARISRGRSIREFILGVLLVPAGVSTVWFSIFGGTAIVFEQNGESIWGDGAAEEQL
FGLLHALPGGQIMGIIAMILLGTFFITSADSASTVMGTMSQHGQLEANKWVTAAWGVATAAIGLTLLLSGGDNALSNLQN
VTIVAATPFLFVVIGLMFALVKDLSNDVIYLEYREQQRFNARLARERRVHNEHRKRELA
;
_entity_poly.pdbx_strand_id   A,B,C
#
# COMPACT_ATOMS: atom_id res chain seq x y z
N ALA A 1 43.68 -0.27 41.00
CA ALA A 1 42.54 -0.32 40.09
C ALA A 1 42.05 1.08 39.76
N ASP A 2 41.87 1.90 40.79
CA ASP A 2 41.43 3.27 40.61
C ASP A 2 42.42 4.06 39.76
N ALA A 3 43.69 3.69 39.83
CA ALA A 3 44.75 4.39 39.10
C ALA A 3 44.82 3.96 37.64
N GLU A 4 44.35 2.75 37.36
CA GLU A 4 44.36 2.22 35.99
C GLU A 4 43.01 2.42 35.32
N GLU A 5 41.99 2.72 36.12
CA GLU A 5 40.64 2.91 35.62
C GLU A 5 40.49 4.27 34.94
N GLU A 6 40.62 5.33 35.72
CA GLU A 6 40.47 6.69 35.21
C GLU A 6 41.59 7.08 34.25
N ILE A 7 42.71 6.39 34.32
CA ILE A 7 43.86 6.69 33.47
C ILE A 7 43.58 6.31 32.02
N ILE A 8 42.61 5.43 31.81
CA ILE A 8 42.24 5.00 30.47
C ILE A 8 41.11 5.85 29.92
N LEU A 9 40.34 6.46 30.81
CA LEU A 9 39.29 7.40 30.41
C LEU A 9 39.95 8.57 29.69
N GLU A 10 40.97 9.14 30.32
CA GLU A 10 41.73 10.23 29.71
C GLU A 10 42.72 9.68 28.68
N GLY A 11 42.78 8.35 28.59
CA GLY A 11 43.69 7.69 27.66
C GLY A 11 43.17 7.69 26.23
N GLU A 12 42.02 7.07 26.03
CA GLU A 12 41.41 6.97 24.71
C GLU A 12 40.85 8.32 24.24
N ASP A 13 40.47 9.16 25.19
CA ASP A 13 39.94 10.48 24.88
C ASP A 13 41.02 11.34 24.26
N THR A 14 42.24 11.24 24.78
CA THR A 14 43.35 12.04 24.31
C THR A 14 44.07 11.34 23.15
N GLN A 15 43.87 10.03 23.05
CA GLN A 15 44.54 9.24 22.02
C GLN A 15 44.47 9.90 20.65
N ALA A 16 45.62 10.25 20.12
CA ALA A 16 45.70 10.87 18.80
C ALA A 16 46.64 10.07 17.90
N SER A 17 46.90 8.83 18.29
CA SER A 17 47.74 7.93 17.50
C SER A 17 47.09 7.63 16.16
N LEU A 18 47.21 8.54 15.21
CA LEU A 18 46.61 8.37 13.89
C LEU A 18 46.96 7.01 13.31
N ASN A 19 45.94 6.15 13.17
CA ASN A 19 46.15 4.80 12.67
C ASN A 19 46.88 4.80 11.33
N TRP A 20 48.11 4.32 11.35
CA TRP A 20 48.96 4.31 10.16
C TRP A 20 48.42 3.39 9.07
N SER A 21 47.58 2.44 9.47
CA SER A 21 47.06 1.46 8.52
C SER A 21 45.60 1.75 8.13
N VAL A 22 45.07 2.86 8.61
CA VAL A 22 43.75 3.31 8.21
C VAL A 22 43.86 4.55 7.33
N ILE A 23 44.87 5.37 7.62
CA ILE A 23 45.10 6.60 6.88
C ILE A 23 45.84 6.34 5.58
N VAL A 24 46.97 5.66 5.67
CA VAL A 24 47.83 5.44 4.51
C VAL A 24 47.14 4.66 3.38
N PRO A 25 46.59 3.48 3.68
CA PRO A 25 45.92 2.69 2.63
C PRO A 25 44.84 3.51 1.92
N ALA A 26 44.38 4.57 2.55
CA ALA A 26 43.42 5.48 1.94
C ALA A 26 44.14 6.57 1.15
N LEU A 27 45.14 7.21 1.77
CA LEU A 27 45.97 8.19 1.09
C LEU A 27 46.57 7.58 -0.18
N VAL A 28 46.78 6.27 -0.15
CA VAL A 28 47.28 5.55 -1.31
C VAL A 28 46.28 5.58 -2.46
N ILE A 29 45.08 5.06 -2.24
CA ILE A 29 44.06 5.03 -3.27
C ILE A 29 43.72 6.43 -3.76
N VAL A 30 43.65 7.38 -2.83
CA VAL A 30 43.36 8.78 -3.18
C VAL A 30 44.40 9.35 -4.14
N LEU A 31 45.63 9.47 -3.67
CA LEU A 31 46.72 10.02 -4.49
C LEU A 31 47.01 9.15 -5.71
N ALA A 32 46.76 7.85 -5.59
CA ALA A 32 46.91 6.96 -6.73
C ALA A 32 45.83 7.27 -7.76
N THR A 33 44.64 7.64 -7.28
CA THR A 33 43.54 8.03 -8.16
C THR A 33 43.86 9.36 -8.85
N VAL A 34 44.48 10.27 -8.11
CA VAL A 34 44.90 11.55 -8.65
C VAL A 34 45.93 11.33 -9.75
N VAL A 35 46.98 10.59 -9.43
CA VAL A 35 48.07 10.35 -10.38
C VAL A 35 47.65 9.42 -11.52
N TRP A 36 46.91 8.37 -11.19
CA TRP A 36 46.41 7.45 -12.21
C TRP A 36 45.32 8.11 -13.02
N GLY A 37 45.02 9.37 -12.71
CA GLY A 37 44.04 10.13 -13.44
C GLY A 37 44.67 11.36 -14.10
N ILE A 38 45.79 11.80 -13.53
CA ILE A 38 46.57 12.89 -14.10
C ILE A 38 47.53 12.30 -15.13
N GLY A 39 48.45 11.47 -14.67
CA GLY A 39 49.42 10.80 -15.52
C GLY A 39 48.75 9.88 -16.53
N PHE A 40 47.77 9.11 -16.07
CA PHE A 40 47.02 8.22 -16.95
C PHE A 40 45.57 8.67 -17.07
N LYS A 41 45.22 9.18 -18.25
CA LYS A 41 43.87 9.66 -18.50
C LYS A 41 43.22 8.92 -19.65
N ASP A 42 43.88 7.87 -20.12
CA ASP A 42 43.39 7.08 -21.24
C ASP A 42 42.86 5.71 -20.81
N SER A 43 43.52 5.11 -19.84
CA SER A 43 43.10 3.80 -19.33
C SER A 43 42.32 3.95 -18.04
N PHE A 44 42.48 5.10 -17.38
CA PHE A 44 41.77 5.40 -16.16
C PHE A 44 40.27 5.57 -16.43
N THR A 45 39.95 6.42 -17.40
CA THR A 45 38.56 6.67 -17.77
C THR A 45 37.93 5.41 -18.36
N ASN A 46 38.78 4.47 -18.78
CA ASN A 46 38.31 3.16 -19.23
C ASN A 46 37.99 2.26 -18.05
N PHE A 47 38.70 2.46 -16.95
CA PHE A 47 38.41 1.75 -15.71
C PHE A 47 37.03 2.14 -15.23
N ALA A 48 36.77 3.45 -15.21
CA ALA A 48 35.46 3.96 -14.81
C ALA A 48 34.35 3.28 -15.59
N SER A 49 34.52 3.17 -16.91
CA SER A 49 33.51 2.56 -17.78
C SER A 49 33.37 1.07 -17.50
N SER A 50 34.39 0.30 -17.88
CA SER A 50 34.36 -1.15 -17.69
C SER A 50 33.87 -1.53 -16.30
N ALA A 51 34.32 -0.79 -15.29
CA ALA A 51 33.88 -1.04 -13.93
C ALA A 51 32.40 -0.77 -13.76
N LEU A 52 31.94 0.40 -14.19
CA LEU A 52 30.54 0.75 -14.08
C LEU A 52 29.68 -0.36 -14.70
N SER A 53 29.95 -0.69 -15.96
CA SER A 53 29.20 -1.71 -16.68
C SER A 53 29.31 -3.09 -16.03
N ALA A 54 30.13 -3.17 -14.98
CA ALA A 54 30.25 -4.39 -14.20
C ALA A 54 29.46 -4.24 -12.91
N VAL A 55 29.70 -3.15 -12.19
CA VAL A 55 28.94 -2.81 -10.99
C VAL A 55 27.45 -2.76 -11.29
N VAL A 56 27.07 -1.79 -12.12
CA VAL A 56 25.68 -1.59 -12.51
C VAL A 56 25.03 -2.89 -13.02
N ASP A 57 25.73 -3.57 -13.91
CA ASP A 57 25.14 -4.72 -14.60
C ASP A 57 25.10 -6.01 -13.78
N ASN A 58 26.00 -6.15 -12.81
CA ASN A 58 26.10 -7.37 -12.03
C ASN A 58 25.68 -7.22 -10.57
N LEU A 59 25.58 -5.98 -10.10
CA LEU A 59 25.22 -5.71 -8.71
C LEU A 59 24.07 -4.71 -8.60
N GLY A 60 23.59 -4.23 -9.73
CA GLY A 60 22.49 -3.28 -9.75
C GLY A 60 21.28 -3.78 -9.00
N TRP A 61 20.92 -5.04 -9.24
CA TRP A 61 19.78 -5.64 -8.56
C TRP A 61 19.96 -5.54 -7.05
N ALA A 62 21.21 -5.61 -6.58
CA ALA A 62 21.48 -5.55 -5.14
C ALA A 62 21.18 -4.16 -4.57
N PHE A 63 21.64 -3.12 -5.26
CA PHE A 63 21.25 -1.75 -4.93
C PHE A 63 19.72 -1.63 -4.94
N ILE A 64 19.10 -2.18 -5.98
CA ILE A 64 17.65 -2.09 -6.18
C ILE A 64 16.88 -2.84 -5.09
N LEU A 65 17.29 -4.08 -4.81
CA LEU A 65 16.63 -4.90 -3.80
C LEU A 65 16.84 -4.33 -2.40
N PHE A 66 18.10 -4.28 -1.96
CA PHE A 66 18.42 -3.85 -0.60
C PHE A 66 18.14 -2.38 -0.36
N GLY A 67 18.12 -1.59 -1.42
CA GLY A 67 17.81 -0.17 -1.29
C GLY A 67 16.42 0.03 -0.72
N THR A 68 15.48 -0.81 -1.16
CA THR A 68 14.11 -0.77 -0.67
C THR A 68 13.98 -1.52 0.66
N VAL A 69 14.90 -2.44 0.93
CA VAL A 69 14.94 -3.10 2.23
C VAL A 69 15.29 -2.10 3.32
N PHE A 70 16.40 -1.39 3.14
CA PHE A 70 16.88 -0.39 4.09
C PHE A 70 15.78 0.57 4.54
N VAL A 71 14.86 0.88 3.63
CA VAL A 71 13.69 1.68 3.97
C VAL A 71 12.81 0.93 4.98
N PHE A 72 12.27 -0.21 4.58
CA PHE A 72 11.38 -0.98 5.45
C PHE A 72 12.06 -1.32 6.77
N PHE A 73 13.19 -2.01 6.69
CA PHE A 73 13.94 -2.37 7.88
C PHE A 73 13.87 -1.26 8.92
N ILE A 74 14.37 -0.08 8.55
CA ILE A 74 14.44 1.05 9.47
C ILE A 74 13.08 1.65 9.84
N VAL A 75 12.09 1.48 8.96
CA VAL A 75 10.74 1.88 9.29
C VAL A 75 10.24 0.98 10.42
N VAL A 76 10.64 -0.29 10.37
CA VAL A 76 10.27 -1.24 11.41
C VAL A 76 10.99 -0.89 12.72
N ILE A 77 12.32 -0.99 12.71
CA ILE A 77 13.12 -0.60 13.87
C ILE A 77 12.58 0.66 14.56
N ALA A 78 12.19 1.65 13.76
CA ALA A 78 11.65 2.90 14.30
C ALA A 78 10.36 2.66 15.07
N ALA A 79 9.37 2.06 14.41
CA ALA A 79 8.10 1.75 15.06
C ALA A 79 8.23 0.46 15.86
N SER A 80 9.46 0.00 16.03
CA SER A 80 9.72 -1.25 16.75
C SER A 80 9.92 -0.99 18.23
N LYS A 81 9.93 -2.06 19.02
CA LYS A 81 10.14 -1.93 20.46
C LYS A 81 11.49 -1.27 20.77
N PHE A 82 12.47 -1.49 19.90
CA PHE A 82 13.78 -0.87 20.07
C PHE A 82 13.68 0.64 19.98
N GLY A 83 12.49 1.15 19.68
CA GLY A 83 12.30 2.57 19.44
C GLY A 83 12.54 3.44 20.67
N THR A 84 12.00 3.02 21.81
CA THR A 84 12.08 3.81 23.03
C THR A 84 13.50 3.92 23.58
N ILE A 85 14.37 3.00 23.18
CA ILE A 85 15.76 3.01 23.60
C ILE A 85 16.43 4.36 23.33
N ARG A 86 17.12 4.89 24.33
CA ARG A 86 17.77 6.18 24.22
C ARG A 86 19.22 6.02 23.79
N LEU A 87 19.63 6.72 22.74
CA LEU A 87 21.01 6.68 22.27
C LEU A 87 21.97 7.19 23.35
N GLY A 88 22.64 6.25 24.01
CA GLY A 88 23.48 6.57 25.14
C GLY A 88 22.95 5.88 26.38
N ARG A 89 22.67 6.67 27.41
CA ARG A 89 22.06 6.15 28.62
C ARG A 89 20.97 7.12 29.08
N ILE A 90 20.08 6.64 29.95
CA ILE A 90 18.96 7.46 30.39
C ILE A 90 19.42 8.64 31.23
N ASP A 91 20.72 8.73 31.48
CA ASP A 91 21.30 9.86 32.19
C ASP A 91 21.56 11.00 31.22
N GLU A 92 21.14 10.82 29.98
CA GLU A 92 21.41 11.78 28.93
C GLU A 92 20.15 12.27 28.23
N ALA A 93 19.98 13.58 28.18
CA ALA A 93 18.89 14.21 27.44
C ALA A 93 19.47 14.70 26.12
N PRO A 94 18.59 15.12 25.18
CA PRO A 94 19.06 15.65 23.89
C PRO A 94 20.25 16.59 24.03
N GLU A 95 21.31 16.32 23.28
CA GLU A 95 22.54 17.09 23.35
C GLU A 95 22.32 18.53 22.86
N PHE A 96 21.85 18.65 21.62
CA PHE A 96 21.50 19.95 21.06
C PHE A 96 19.99 20.10 21.06
N ARG A 97 19.50 21.33 20.88
CA ARG A 97 18.07 21.55 20.81
C ARG A 97 17.51 20.94 19.52
N THR A 98 16.33 20.35 19.62
CA THR A 98 15.71 19.63 18.51
C THR A 98 15.86 20.33 17.16
N VAL A 99 15.41 21.59 17.08
CA VAL A 99 15.40 22.30 15.82
C VAL A 99 16.82 22.54 15.28
N SER A 100 17.78 22.69 16.19
CA SER A 100 19.18 22.83 15.80
C SER A 100 19.75 21.46 15.45
N TRP A 101 19.15 20.41 16.01
CA TRP A 101 19.57 19.04 15.76
C TRP A 101 19.20 18.60 14.35
N ILE A 102 17.90 18.59 14.06
CA ILE A 102 17.39 18.18 12.75
C ILE A 102 17.98 19.04 11.63
N SER A 103 18.32 20.28 11.96
CA SER A 103 18.84 21.22 10.97
C SER A 103 20.32 20.99 10.69
N MET A 104 21.02 20.46 11.69
CA MET A 104 22.47 20.27 11.59
C MET A 104 22.78 18.99 10.82
N MET A 105 21.84 18.05 10.82
CA MET A 105 22.02 16.78 10.13
C MET A 105 21.47 16.81 8.70
N PHE A 106 20.37 17.52 8.51
CA PHE A 106 19.77 17.63 7.19
C PHE A 106 20.64 18.49 6.28
N ALA A 107 21.35 19.43 6.88
CA ALA A 107 22.22 20.34 6.13
C ALA A 107 23.65 19.81 6.06
N ALA A 108 23.87 18.62 6.62
CA ALA A 108 25.19 18.00 6.63
C ALA A 108 25.24 16.81 5.66
N GLY A 109 24.17 16.02 5.63
CA GLY A 109 24.10 14.86 4.76
C GLY A 109 23.47 15.20 3.42
N MET A 110 23.32 16.48 3.13
CA MET A 110 22.65 16.90 1.92
C MET A 110 23.65 17.41 0.87
N GLY A 111 23.95 16.56 -0.12
CA GLY A 111 24.83 16.94 -1.20
C GLY A 111 24.28 18.17 -1.90
N ILE A 112 25.11 18.82 -2.72
CA ILE A 112 24.64 19.97 -3.48
C ILE A 112 23.46 19.59 -4.37
N GLY A 113 23.10 18.31 -4.34
CA GLY A 113 22.05 17.75 -5.16
C GLY A 113 20.82 18.62 -5.38
N LEU A 114 20.17 19.02 -4.29
CA LEU A 114 18.93 19.79 -4.40
C LEU A 114 19.09 20.98 -5.33
N MET A 115 20.23 21.64 -5.24
CA MET A 115 20.56 22.70 -6.18
C MET A 115 20.69 22.10 -7.58
N PHE A 116 21.62 21.16 -7.73
CA PHE A 116 21.96 20.60 -9.03
C PHE A 116 20.77 19.95 -9.73
N TYR A 117 20.24 18.88 -9.13
CA TYR A 117 19.17 18.08 -9.74
C TYR A 117 17.77 18.62 -9.49
N GLY A 118 17.63 19.54 -8.54
CA GLY A 118 16.33 20.11 -8.21
C GLY A 118 15.56 20.63 -9.40
N THR A 119 16.21 21.45 -10.21
CA THR A 119 15.59 22.00 -11.41
C THR A 119 15.57 20.97 -12.52
N THR A 120 16.69 20.27 -12.69
CA THR A 120 16.88 19.35 -13.80
C THR A 120 16.03 18.08 -13.68
N GLU A 121 16.39 17.21 -12.75
CA GLU A 121 15.79 15.89 -12.64
C GLU A 121 14.30 15.82 -12.98
N PRO A 122 13.48 16.66 -12.33
CA PRO A 122 12.05 16.68 -12.68
C PRO A 122 11.82 17.12 -14.13
N LEU A 123 12.39 18.25 -14.51
CA LEU A 123 12.24 18.77 -15.87
C LEU A 123 12.72 17.77 -16.92
N THR A 124 13.70 16.95 -16.57
CA THR A 124 14.18 15.91 -17.47
C THR A 124 13.17 14.78 -17.57
N PHE A 125 12.88 14.14 -16.44
CA PHE A 125 11.93 13.04 -16.39
C PHE A 125 10.61 13.42 -17.06
N TYR A 126 10.39 14.72 -17.22
CA TYR A 126 9.17 15.21 -17.85
C TYR A 126 9.30 15.31 -19.36
N ARG A 127 10.44 15.83 -19.82
CA ARG A 127 10.70 15.97 -21.24
C ARG A 127 10.91 14.62 -21.91
N ASN A 128 11.84 13.84 -21.37
CA ASN A 128 12.23 12.57 -21.98
C ASN A 128 11.44 11.38 -21.44
N GLY A 129 10.74 11.60 -20.33
CA GLY A 129 10.00 10.53 -19.68
C GLY A 129 10.94 9.50 -19.07
N VAL A 130 10.41 8.67 -18.17
CA VAL A 130 11.20 7.60 -17.55
C VAL A 130 10.69 6.24 -18.03
N PRO A 131 11.52 5.18 -17.90
CA PRO A 131 11.19 3.85 -18.43
C PRO A 131 9.78 3.40 -18.11
N GLY A 132 9.21 2.56 -18.97
CA GLY A 132 7.88 2.03 -18.76
C GLY A 132 6.78 3.06 -18.60
N HIS A 133 7.03 4.27 -19.06
CA HIS A 133 6.05 5.35 -18.95
C HIS A 133 6.08 6.30 -20.14
N ASP A 134 4.93 6.89 -20.43
CA ASP A 134 4.81 7.87 -21.49
C ASP A 134 5.69 9.09 -21.21
N GLU A 135 5.41 10.19 -21.91
CA GLU A 135 6.21 11.39 -21.78
C GLU A 135 5.35 12.52 -21.24
N HIS A 136 5.97 13.64 -20.91
CA HIS A 136 5.23 14.79 -20.41
C HIS A 136 4.20 14.38 -19.37
N ASN A 137 4.63 13.55 -18.41
CA ASN A 137 3.76 13.10 -17.33
C ASN A 137 4.20 13.71 -16.01
N VAL A 138 3.44 14.69 -15.54
CA VAL A 138 3.78 15.40 -14.30
C VAL A 138 3.87 14.44 -13.13
N GLY A 139 2.86 13.57 -13.00
CA GLY A 139 2.79 12.62 -11.91
C GLY A 139 4.03 11.76 -11.76
N VAL A 140 4.39 11.04 -12.84
CA VAL A 140 5.58 10.20 -12.84
C VAL A 140 6.86 11.03 -12.68
N ALA A 141 6.90 12.18 -13.34
CA ALA A 141 8.07 13.06 -13.23
C ALA A 141 8.32 13.46 -11.78
N MET A 142 7.25 13.76 -11.04
CA MET A 142 7.38 14.16 -9.65
C MET A 142 7.58 12.96 -8.71
N SER A 143 6.73 11.95 -8.85
CA SER A 143 6.83 10.74 -8.03
C SER A 143 8.22 10.12 -8.11
N THR A 144 8.75 10.00 -9.32
CA THR A 144 10.08 9.46 -9.53
C THR A 144 11.14 10.24 -8.76
N THR A 145 11.23 11.54 -9.06
CA THR A 145 12.20 12.39 -8.38
C THR A 145 12.08 12.21 -6.88
N MET A 146 10.88 12.45 -6.37
CA MET A 146 10.59 12.26 -4.95
C MET A 146 11.25 10.98 -4.47
N PHE A 147 11.03 9.89 -5.21
CA PHE A 147 11.52 8.57 -4.88
C PHE A 147 13.03 8.51 -4.69
N HIS A 148 13.74 9.37 -5.43
CA HIS A 148 15.19 9.45 -5.36
C HIS A 148 15.69 10.22 -4.14
N TRP A 149 14.87 11.15 -3.64
CA TRP A 149 15.36 12.14 -2.67
C TRP A 149 14.66 12.17 -1.30
N THR A 150 13.67 11.31 -1.08
CA THR A 150 12.93 11.34 0.18
C THR A 150 13.33 10.20 1.12
N LEU A 151 12.44 9.22 1.27
CA LEU A 151 12.65 8.12 2.21
C LEU A 151 13.79 7.19 1.80
N HIS A 152 13.75 6.72 0.55
CA HIS A 152 14.73 5.75 0.08
C HIS A 152 16.19 6.08 0.41
N PRO A 153 16.63 7.29 0.05
CA PRO A 153 18.03 7.65 0.28
C PRO A 153 18.32 7.97 1.75
N TRP A 154 17.33 8.50 2.46
CA TRP A 154 17.54 8.96 3.82
C TRP A 154 17.50 7.85 4.87
N ALA A 155 16.88 6.72 4.53
CA ALA A 155 16.91 5.57 5.42
C ALA A 155 18.32 4.97 5.45
N ILE A 156 19.11 5.29 4.43
CA ILE A 156 20.51 4.87 4.39
C ILE A 156 21.27 5.53 5.53
N TYR A 157 21.09 6.83 5.68
CA TYR A 157 21.67 7.56 6.80
C TYR A 157 21.18 7.01 8.12
N ALA A 158 19.87 6.93 8.26
CA ALA A 158 19.28 6.42 9.50
C ALA A 158 19.95 5.13 9.95
N ILE A 159 20.11 4.18 9.04
CA ILE A 159 20.75 2.90 9.36
C ILE A 159 22.15 3.09 9.94
N VAL A 160 23.06 3.64 9.14
CA VAL A 160 24.42 3.87 9.62
C VAL A 160 24.41 4.78 10.84
N GLY A 161 23.55 5.78 10.83
CA GLY A 161 23.42 6.72 11.93
C GLY A 161 23.09 6.03 13.24
N LEU A 162 22.06 5.18 13.19
CA LEU A 162 21.61 4.45 14.37
C LEU A 162 22.63 3.38 14.76
N ALA A 163 23.27 2.79 13.75
CA ALA A 163 24.25 1.74 13.98
C ALA A 163 25.47 2.25 14.74
N ILE A 164 25.95 3.44 14.36
CA ILE A 164 27.06 4.08 15.06
C ILE A 164 26.61 4.66 16.40
N ALA A 165 25.57 5.49 16.35
CA ALA A 165 25.06 6.14 17.55
C ALA A 165 24.87 5.16 18.71
N TYR A 166 24.40 3.96 18.39
CA TYR A 166 24.20 2.92 19.39
C TYR A 166 25.53 2.31 19.82
N SER A 167 26.29 1.82 18.85
CA SER A 167 27.60 1.23 19.10
C SER A 167 28.52 2.15 19.91
N THR A 168 28.22 3.44 19.89
CA THR A 168 29.05 4.42 20.58
C THR A 168 28.43 4.87 21.90
N PHE A 169 27.32 5.58 21.83
CA PHE A 169 26.70 6.16 23.02
C PHE A 169 26.10 5.09 23.94
N ARG A 170 25.37 4.15 23.37
CA ARG A 170 24.68 3.14 24.17
C ARG A 170 25.61 2.08 24.74
N VAL A 171 26.46 1.51 23.89
CA VAL A 171 27.39 0.48 24.33
C VAL A 171 28.66 1.07 24.95
N GLY A 172 29.25 2.05 24.27
CA GLY A 172 30.42 2.74 24.80
C GLY A 172 31.69 2.52 24.01
N ARG A 173 31.55 1.99 22.79
CA ARG A 173 32.71 1.72 21.95
C ARG A 173 33.26 3.00 21.35
N LYS A 174 34.42 2.90 20.71
CA LYS A 174 35.00 4.04 20.01
C LYS A 174 34.22 4.29 18.72
N GLN A 175 34.19 5.55 18.30
CA GLN A 175 33.38 5.96 17.16
C GLN A 175 33.98 5.54 15.82
N LEU A 176 34.22 4.25 15.66
CA LEU A 176 34.63 3.70 14.37
C LEU A 176 33.43 3.10 13.66
N LEU A 177 33.40 3.24 12.34
CA LEU A 177 32.35 2.64 11.54
C LEU A 177 32.49 1.12 11.60
N SER A 178 33.61 0.67 12.15
CA SER A 178 33.89 -0.75 12.28
C SER A 178 33.41 -1.28 13.62
N SER A 179 33.44 -0.41 14.64
CA SER A 179 32.98 -0.79 15.97
C SER A 179 31.48 -1.07 15.96
N ALA A 180 30.77 -0.51 15.00
CA ALA A 180 29.33 -0.75 14.86
C ALA A 180 29.07 -2.19 14.43
N PHE A 181 30.13 -2.87 14.00
CA PHE A 181 30.04 -4.25 13.54
C PHE A 181 30.47 -5.24 14.62
N VAL A 182 30.85 -4.73 15.79
CA VAL A 182 31.26 -5.58 16.89
C VAL A 182 30.27 -6.71 17.20
N PRO A 183 28.97 -6.41 17.24
CA PRO A 183 28.00 -7.47 17.54
C PRO A 183 28.15 -8.68 16.63
N LEU A 184 28.71 -8.48 15.44
CA LEU A 184 28.91 -9.57 14.50
C LEU A 184 30.37 -9.98 14.43
N ILE A 185 31.24 -8.99 14.24
CA ILE A 185 32.66 -9.23 14.00
C ILE A 185 33.44 -9.47 15.29
N GLY A 186 32.93 -8.93 16.40
CA GLY A 186 33.56 -9.11 17.69
C GLY A 186 34.51 -7.99 18.07
N GLU A 187 34.77 -7.86 19.36
CA GLU A 187 35.69 -6.84 19.87
C GLU A 187 37.05 -6.95 19.17
N LYS A 188 37.42 -8.18 18.81
CA LYS A 188 38.72 -8.44 18.22
C LYS A 188 38.75 -8.05 16.74
N GLY A 189 37.74 -8.49 16.00
CA GLY A 189 37.67 -8.24 14.56
C GLY A 189 37.64 -6.76 14.20
N ALA A 190 36.92 -5.97 14.99
CA ALA A 190 36.83 -4.53 14.74
C ALA A 190 38.18 -3.86 14.97
N GLU A 191 39.04 -4.51 15.75
CA GLU A 191 40.39 -4.04 15.97
C GLU A 191 41.36 -4.83 15.11
N GLY A 192 40.83 -5.86 14.44
CA GLY A 192 41.62 -6.69 13.55
C GLY A 192 41.85 -6.01 12.21
N TRP A 193 41.78 -6.78 11.14
CA TRP A 193 42.01 -6.23 9.80
C TRP A 193 40.71 -5.68 9.22
N LEU A 194 39.62 -6.42 9.37
CA LEU A 194 38.33 -5.98 8.86
C LEU A 194 37.97 -4.60 9.40
N GLY A 195 38.04 -4.45 10.71
CA GLY A 195 37.77 -3.18 11.35
C GLY A 195 38.37 -2.03 10.56
N LYS A 196 39.64 -2.19 10.19
CA LYS A 196 40.30 -1.19 9.37
C LYS A 196 39.72 -1.18 7.96
N LEU A 197 39.75 -2.35 7.31
CA LEU A 197 39.20 -2.50 5.97
C LEU A 197 37.93 -1.66 5.82
N ILE A 198 37.04 -1.80 6.81
CA ILE A 198 35.80 -1.03 6.86
C ILE A 198 36.08 0.47 7.02
N ASP A 199 36.82 0.82 8.07
CA ASP A 199 37.21 2.21 8.29
C ASP A 199 37.97 2.77 7.09
N ILE A 200 38.54 1.89 6.29
CA ILE A 200 39.21 2.29 5.05
C ILE A 200 38.16 2.55 3.98
N LEU A 201 37.41 1.49 3.64
CA LEU A 201 36.33 1.61 2.66
C LEU A 201 35.47 2.82 2.99
N ALA A 202 35.24 3.03 4.29
CA ALA A 202 34.48 4.18 4.76
C ALA A 202 35.12 5.49 4.32
N ILE A 203 36.42 5.61 4.56
CA ILE A 203 37.16 6.81 4.18
C ILE A 203 37.23 7.00 2.67
N ILE A 204 37.53 5.93 1.94
CA ILE A 204 37.61 6.01 0.49
C ILE A 204 36.24 6.29 -0.11
N ALA A 205 35.20 5.70 0.47
CA ALA A 205 33.83 5.93 0.02
C ALA A 205 33.43 7.37 0.31
N THR A 206 33.85 7.86 1.47
CA THR A 206 33.63 9.26 1.84
C THR A 206 34.29 10.20 0.83
N VAL A 207 35.55 9.93 0.48
CA VAL A 207 36.28 10.76 -0.45
C VAL A 207 35.55 10.92 -1.78
N PHE A 208 35.41 9.83 -2.52
CA PHE A 208 34.75 9.85 -3.82
C PHE A 208 33.34 10.45 -3.72
N GLY A 209 32.68 10.21 -2.60
CA GLY A 209 31.38 10.79 -2.36
C GLY A 209 31.42 12.30 -2.32
N THR A 210 32.38 12.84 -1.57
CA THR A 210 32.52 14.30 -1.43
C THR A 210 33.05 14.92 -2.72
N ALA A 211 34.00 14.24 -3.36
CA ALA A 211 34.61 14.75 -4.59
C ALA A 211 33.59 14.85 -5.71
N CYS A 212 32.67 13.89 -5.75
CA CYS A 212 31.57 13.93 -6.72
C CYS A 212 30.71 15.16 -6.48
N SER A 213 30.16 15.26 -5.27
CA SER A 213 29.33 16.41 -4.91
C SER A 213 30.12 17.71 -5.08
N LEU A 214 31.44 17.60 -5.06
CA LEU A 214 32.31 18.75 -5.29
C LEU A 214 32.37 19.07 -6.78
N GLY A 215 32.68 18.07 -7.59
CA GLY A 215 32.77 18.24 -9.02
C GLY A 215 31.47 18.79 -9.60
N LEU A 216 30.37 18.11 -9.33
CA LEU A 216 29.06 18.57 -9.78
C LEU A 216 28.82 20.01 -9.36
N GLY A 217 29.10 20.30 -8.09
CA GLY A 217 28.95 21.65 -7.57
C GLY A 217 29.84 22.64 -8.32
N ALA A 218 31.07 22.24 -8.59
CA ALA A 218 32.01 23.09 -9.33
C ALA A 218 31.49 23.36 -10.74
N LEU A 219 31.19 22.29 -11.47
CA LEU A 219 30.62 22.42 -12.81
C LEU A 219 29.47 23.41 -12.85
N GLN A 220 28.65 23.39 -11.81
CA GLN A 220 27.45 24.23 -11.77
C GLN A 220 27.74 25.65 -11.30
N ILE A 221 28.72 25.81 -10.42
CA ILE A 221 29.18 27.15 -10.05
C ILE A 221 29.82 27.78 -11.28
N GLY A 222 30.64 26.99 -11.98
CA GLY A 222 31.28 27.43 -13.21
C GLY A 222 30.25 27.72 -14.30
N ALA A 223 29.36 26.76 -14.54
CA ALA A 223 28.26 26.98 -15.47
C ALA A 223 27.39 28.12 -14.96
N GLY A 224 27.35 28.25 -13.63
CA GLY A 224 26.63 29.33 -13.00
C GLY A 224 27.26 30.67 -13.31
N LEU A 225 28.57 30.66 -13.55
CA LEU A 225 29.29 31.87 -13.91
C LEU A 225 29.29 32.06 -15.43
N SER A 226 29.40 30.95 -16.16
CA SER A 226 29.40 30.99 -17.61
C SER A 226 28.17 31.73 -18.15
N ALA A 227 27.02 31.45 -17.57
CA ALA A 227 25.77 32.01 -18.07
C ALA A 227 25.34 33.27 -17.33
N ALA A 228 25.74 33.40 -16.07
CA ALA A 228 25.33 34.54 -15.25
C ALA A 228 26.29 35.72 -15.37
N ASN A 229 27.58 35.43 -15.43
CA ASN A 229 28.60 36.48 -15.55
C ASN A 229 30.00 35.92 -15.82
N GLU A 232 32.41 34.01 -17.50
CA GLU A 232 32.55 32.79 -18.29
C GLU A 232 33.99 32.29 -18.26
N ASP A 233 34.15 30.98 -18.07
CA ASP A 233 35.49 30.39 -18.05
C ASP A 233 35.52 29.05 -18.77
N PRO A 234 35.75 29.09 -20.09
CA PRO A 234 35.92 27.86 -20.88
C PRO A 234 37.10 27.03 -20.37
N SER A 235 38.25 27.68 -20.17
CA SER A 235 39.43 27.00 -19.66
C SER A 235 39.24 26.66 -18.18
N ASP A 236 39.97 25.65 -17.71
CA ASP A 236 39.78 25.13 -16.36
C ASP A 236 40.51 25.96 -15.31
N TRP A 237 40.40 27.28 -15.41
CA TRP A 237 40.99 28.16 -14.42
C TRP A 237 40.12 28.26 -13.17
N THR A 238 38.81 28.26 -13.37
CA THR A 238 37.87 28.38 -12.25
C THR A 238 37.40 27.03 -11.71
N ILE A 239 37.45 25.99 -12.56
CA ILE A 239 37.18 24.64 -12.08
C ILE A 239 38.18 24.30 -10.99
N VAL A 240 39.40 24.82 -11.13
CA VAL A 240 40.45 24.64 -10.13
C VAL A 240 40.46 25.82 -9.16
N GLY A 241 39.89 26.94 -9.59
CA GLY A 241 39.85 28.14 -8.77
C GLY A 241 38.70 28.15 -7.78
N ILE A 242 37.51 27.76 -8.24
CA ILE A 242 36.33 27.70 -7.37
C ILE A 242 36.38 26.45 -6.52
N VAL A 243 37.12 25.44 -6.97
CA VAL A 243 37.40 24.27 -6.16
C VAL A 243 38.18 24.72 -4.93
N SER A 244 39.15 25.60 -5.15
CA SER A 244 39.97 26.13 -4.08
C SER A 244 39.13 26.96 -3.10
N VAL A 245 38.31 27.86 -3.65
CA VAL A 245 37.40 28.66 -2.84
C VAL A 245 36.66 27.79 -1.83
N LEU A 246 36.25 26.60 -2.26
CA LEU A 246 35.54 25.68 -1.39
C LEU A 246 36.49 24.76 -0.63
N THR A 247 37.53 24.29 -1.31
CA THR A 247 38.51 23.39 -0.70
C THR A 247 39.08 23.98 0.58
N LEU A 248 39.08 25.30 0.67
CA LEU A 248 39.62 25.98 1.84
C LEU A 248 38.51 26.40 2.80
N ALA A 249 37.32 26.60 2.24
CA ALA A 249 36.18 27.08 3.02
C ALA A 249 35.74 26.08 4.10
N PHE A 250 35.57 24.82 3.72
CA PHE A 250 35.11 23.80 4.65
C PHE A 250 36.23 23.29 5.56
N ILE A 251 37.47 23.46 5.13
CA ILE A 251 38.62 23.12 5.98
C ILE A 251 38.65 24.03 7.20
N PHE A 252 37.93 25.14 7.09
CA PHE A 252 37.81 26.08 8.20
C PHE A 252 36.97 25.51 9.34
N SER A 253 35.81 24.98 9.01
CA SER A 253 34.89 24.45 10.02
C SER A 253 35.36 23.10 10.58
N ALA A 254 36.05 22.32 9.76
CA ALA A 254 36.60 21.05 10.21
C ALA A 254 37.45 21.27 11.46
N ILE A 255 38.18 22.37 11.47
CA ILE A 255 39.01 22.76 12.61
C ILE A 255 38.15 23.28 13.77
N SER A 256 37.32 24.27 13.49
CA SER A 256 36.42 24.82 14.49
C SER A 256 35.19 23.94 14.69
N LYS A 260 30.66 26.88 17.76
CA LYS A 260 31.14 25.98 16.71
C LYS A 260 30.87 26.58 15.32
N GLY A 261 31.83 26.38 14.41
CA GLY A 261 31.72 26.92 13.07
C GLY A 261 30.79 26.12 12.18
N ILE A 262 30.70 24.82 12.43
CA ILE A 262 29.81 23.95 11.68
C ILE A 262 28.39 24.08 12.24
N GLN A 263 28.31 24.50 13.50
CA GLN A 263 27.04 24.64 14.18
C GLN A 263 26.34 25.93 13.76
N TYR A 264 27.08 26.77 13.03
CA TYR A 264 26.56 28.08 12.64
C TYR A 264 26.52 28.27 11.13
N LEU A 265 27.46 27.66 10.42
CA LEU A 265 27.54 27.79 8.98
C LEU A 265 26.28 27.22 8.32
N SER A 266 25.98 25.96 8.64
CA SER A 266 24.81 25.28 8.09
C SER A 266 23.51 25.90 8.60
N ASN A 267 23.60 26.56 9.75
CA ASN A 267 22.45 27.22 10.36
C ASN A 267 21.88 28.33 9.49
N ALA A 268 22.74 28.96 8.69
CA ALA A 268 22.35 30.12 7.89
C ALA A 268 21.82 29.76 6.50
N ASN A 269 21.74 28.46 6.22
CA ASN A 269 21.23 28.00 4.93
C ASN A 269 19.74 28.28 4.76
N MET A 270 19.14 28.98 5.72
CA MET A 270 17.76 29.40 5.60
C MET A 270 17.68 30.79 4.97
N VAL A 271 18.57 31.68 5.43
CA VAL A 271 18.67 33.01 4.85
C VAL A 271 19.04 32.90 3.38
N LEU A 272 19.62 31.77 3.00
CA LEU A 272 20.08 31.56 1.63
C LEU A 272 19.16 30.64 0.85
N ALA A 273 19.15 29.35 1.21
CA ALA A 273 18.35 28.37 0.49
C ALA A 273 16.85 28.66 0.58
N ALA A 274 16.33 28.68 1.80
CA ALA A 274 14.91 28.97 2.02
C ALA A 274 14.47 30.24 1.29
N LEU A 275 15.27 31.29 1.42
CA LEU A 275 15.01 32.54 0.71
C LEU A 275 14.80 32.29 -0.78
N LEU A 276 15.72 31.56 -1.39
CA LEU A 276 15.63 31.23 -2.80
C LEU A 276 14.29 30.57 -3.12
N ALA A 277 13.90 29.60 -2.30
CA ALA A 277 12.67 28.85 -2.50
C ALA A 277 11.43 29.70 -2.22
N ILE A 278 11.44 30.42 -1.10
CA ILE A 278 10.35 31.32 -0.76
C ILE A 278 10.19 32.38 -1.84
N PHE A 279 11.30 32.71 -2.50
CA PHE A 279 11.29 33.65 -3.62
C PHE A 279 10.61 33.04 -4.84
N VAL A 280 11.18 31.96 -5.34
CA VAL A 280 10.64 31.28 -6.53
C VAL A 280 9.19 30.87 -6.32
N PHE A 281 8.83 30.58 -5.08
CA PHE A 281 7.47 30.17 -4.75
C PHE A 281 6.45 31.25 -5.08
N VAL A 282 6.68 32.47 -4.58
CA VAL A 282 5.78 33.58 -4.82
C VAL A 282 5.87 34.11 -6.24
N VAL A 283 7.09 34.43 -6.67
CA VAL A 283 7.32 34.99 -8.00
C VAL A 283 6.75 34.12 -9.12
N GLY A 284 7.07 32.84 -9.09
CA GLY A 284 6.64 31.91 -10.13
C GLY A 284 5.22 31.41 -9.98
N PRO A 285 4.94 30.23 -10.55
CA PRO A 285 3.61 29.61 -10.57
C PRO A 285 3.21 29.12 -9.19
N THR A 286 3.01 30.06 -8.27
CA THR A 286 2.70 29.74 -6.88
C THR A 286 1.63 28.66 -6.74
N VAL A 287 0.53 28.80 -7.47
CA VAL A 287 -0.56 27.84 -7.39
C VAL A 287 -0.18 26.45 -7.93
N SER A 288 0.36 26.42 -9.15
CA SER A 288 0.80 25.16 -9.73
C SER A 288 1.67 24.37 -8.75
N ILE A 289 2.61 25.07 -8.13
CA ILE A 289 3.49 24.46 -7.14
C ILE A 289 2.69 23.77 -6.04
N LEU A 290 1.69 24.47 -5.51
CA LEU A 290 0.83 23.89 -4.47
C LEU A 290 0.15 22.63 -4.98
N ASN A 291 -0.34 22.69 -6.21
CA ASN A 291 -0.98 21.55 -6.85
C ASN A 291 -0.05 20.33 -6.90
N LEU A 292 1.25 20.59 -6.82
CA LEU A 292 2.24 19.51 -6.88
C LEU A 292 2.59 18.94 -5.51
N LEU A 293 2.07 19.55 -4.45
CA LEU A 293 2.31 19.03 -3.11
C LEU A 293 1.54 17.73 -2.88
N PRO A 294 0.21 17.75 -3.13
CA PRO A 294 -0.53 16.50 -3.10
C PRO A 294 -0.12 15.62 -4.27
N GLY A 295 0.20 16.25 -5.40
CA GLY A 295 0.60 15.54 -6.60
C GLY A 295 1.90 14.79 -6.43
N SER A 296 2.79 15.34 -5.60
CA SER A 296 4.05 14.66 -5.33
C SER A 296 3.84 13.51 -4.34
N ILE A 297 3.26 13.83 -3.19
CA ILE A 297 3.03 12.83 -2.14
C ILE A 297 2.08 11.74 -2.61
N GLY A 298 0.94 12.15 -3.13
CA GLY A 298 -0.04 11.22 -3.68
C GLY A 298 0.56 10.29 -4.70
N ASN A 299 1.13 10.84 -5.76
CA ASN A 299 1.73 10.01 -6.81
C ASN A 299 2.92 9.20 -6.30
N TYR A 300 3.74 9.80 -5.44
CA TYR A 300 4.89 9.09 -4.87
C TYR A 300 4.44 7.84 -4.13
N LEU A 301 3.40 7.97 -3.31
CA LEU A 301 2.84 6.84 -2.58
C LEU A 301 2.27 5.80 -3.54
N SER A 302 1.60 6.29 -4.59
CA SER A 302 0.94 5.45 -5.59
C SER A 302 1.91 4.55 -6.36
N ASN A 303 2.95 5.15 -6.93
CA ASN A 303 3.91 4.43 -7.77
C ASN A 303 5.08 3.80 -7.00
N PHE A 304 5.13 4.03 -5.69
CA PHE A 304 6.26 3.61 -4.87
C PHE A 304 6.87 2.25 -5.22
N PHE A 305 6.11 1.19 -5.01
CA PHE A 305 6.64 -0.16 -5.20
C PHE A 305 7.01 -0.43 -6.66
N GLN A 306 6.32 0.21 -7.59
CA GLN A 306 6.62 0.06 -9.00
C GLN A 306 8.09 0.41 -9.23
N MET A 307 8.51 1.54 -8.65
CA MET A 307 9.87 2.01 -8.74
C MET A 307 10.87 1.06 -8.08
N ALA A 308 10.58 0.64 -6.84
CA ALA A 308 11.45 -0.31 -6.15
C ALA A 308 11.61 -1.59 -6.96
N GLY A 309 10.70 -1.80 -7.92
CA GLY A 309 10.72 -3.00 -8.73
C GLY A 309 11.36 -2.78 -10.08
N ARG A 310 11.40 -1.52 -10.50
CA ARG A 310 12.07 -1.16 -11.74
C ARG A 310 13.52 -1.58 -11.66
N THR A 311 13.90 -2.53 -12.50
CA THR A 311 15.26 -3.04 -12.53
C THR A 311 15.80 -2.95 -13.95
N ALA A 312 16.64 -3.90 -14.34
CA ALA A 312 17.23 -3.91 -15.68
C ALA A 312 16.29 -4.58 -16.69
N MET A 313 15.49 -5.52 -16.21
CA MET A 313 14.51 -6.21 -17.05
C MET A 313 13.26 -5.36 -17.26
N SER A 314 13.12 -4.31 -16.46
CA SER A 314 11.96 -3.43 -16.57
C SER A 314 11.94 -2.77 -17.94
N ALA A 315 10.74 -2.43 -18.42
CA ALA A 315 10.58 -1.82 -19.73
C ALA A 315 11.04 -2.77 -20.83
N ASP A 316 10.70 -4.04 -20.67
CA ASP A 316 11.11 -5.07 -21.62
C ASP A 316 12.62 -5.19 -21.74
N GLY A 317 13.33 -4.94 -20.66
CA GLY A 317 14.77 -5.10 -20.62
C GLY A 317 15.53 -3.86 -21.07
N THR A 318 14.79 -2.80 -21.35
CA THR A 318 15.37 -1.59 -21.94
C THR A 318 15.53 -0.45 -20.94
N ALA A 319 16.05 -0.74 -19.75
CA ALA A 319 16.18 0.28 -18.72
C ALA A 319 17.53 0.24 -18.02
N GLY A 320 18.30 -0.82 -18.28
CA GLY A 320 19.61 -0.97 -17.67
C GLY A 320 20.42 0.32 -17.64
N GLU A 321 20.32 1.09 -18.72
CA GLU A 321 21.06 2.35 -18.83
C GLU A 321 20.48 3.44 -17.93
N TRP A 322 19.21 3.78 -18.15
CA TRP A 322 18.54 4.83 -17.40
C TRP A 322 18.85 4.72 -15.91
N LEU A 323 18.80 3.51 -15.38
CA LEU A 323 19.09 3.27 -13.97
C LEU A 323 20.49 3.75 -13.60
N GLY A 324 21.49 3.30 -14.36
CA GLY A 324 22.87 3.69 -14.11
C GLY A 324 23.05 5.19 -14.12
N SER A 325 22.36 5.86 -15.03
CA SER A 325 22.42 7.31 -15.13
C SER A 325 21.67 7.96 -13.98
N TRP A 326 20.64 7.26 -13.49
CA TRP A 326 19.78 7.81 -12.44
C TRP A 326 19.81 7.02 -11.14
N THR A 327 18.72 6.30 -10.86
CA THR A 327 18.54 5.61 -9.58
C THR A 327 19.82 4.98 -9.02
N ILE A 328 20.39 4.03 -9.76
CA ILE A 328 21.56 3.30 -9.30
C ILE A 328 22.71 4.25 -8.94
N PHE A 329 22.80 5.37 -9.63
CA PHE A 329 23.83 6.36 -9.30
C PHE A 329 23.54 6.98 -7.94
N TYR A 330 22.29 7.39 -7.73
CA TYR A 330 21.91 8.01 -6.47
C TYR A 330 22.10 7.07 -5.28
N TRP A 331 21.70 5.81 -5.43
CA TRP A 331 21.88 4.83 -4.38
C TRP A 331 23.36 4.73 -3.99
N ALA A 332 24.19 4.33 -4.94
CA ALA A 332 25.63 4.20 -4.70
C ALA A 332 26.23 5.51 -4.19
N TRP A 333 25.71 6.63 -4.67
CA TRP A 333 26.24 7.95 -4.29
C TRP A 333 25.91 8.31 -2.85
N TRP A 334 24.67 8.04 -2.44
CA TRP A 334 24.27 8.27 -1.05
C TRP A 334 24.97 7.28 -0.12
N ILE A 335 25.22 6.07 -0.63
CA ILE A 335 25.93 5.05 0.13
C ILE A 335 27.32 5.54 0.52
N SER A 336 28.06 6.04 -0.46
CA SER A 336 29.41 6.54 -0.24
C SER A 336 29.44 7.67 0.78
N TRP A 337 28.30 8.34 0.94
CA TRP A 337 28.17 9.42 1.92
C TRP A 337 27.82 8.89 3.32
N SER A 338 27.07 7.79 3.38
CA SER A 338 26.61 7.25 4.65
C SER A 338 27.70 7.01 5.70
N PRO A 339 28.87 6.51 5.27
CA PRO A 339 29.90 6.21 6.28
C PRO A 339 30.21 7.42 7.16
N PHE A 340 30.21 8.61 6.59
CA PHE A 340 30.51 9.80 7.36
C PHE A 340 29.26 10.58 7.79
N VAL A 341 28.16 10.41 7.08
CA VAL A 341 26.92 11.08 7.45
C VAL A 341 26.32 10.39 8.66
N GLY A 342 26.59 9.09 8.80
CA GLY A 342 26.20 8.35 9.98
C GLY A 342 27.03 8.78 11.18
N MET A 343 28.34 8.92 10.95
CA MET A 343 29.25 9.41 11.98
C MET A 343 28.73 10.70 12.58
N PHE A 344 28.40 11.65 11.72
CA PHE A 344 27.92 12.95 12.15
C PHE A 344 26.54 12.85 12.80
N LEU A 345 25.61 12.25 12.07
CA LEU A 345 24.26 12.03 12.58
C LEU A 345 24.27 11.46 14.00
N ALA A 346 25.17 10.51 14.24
CA ALA A 346 25.30 9.92 15.56
C ALA A 346 25.59 10.99 16.61
N ARG A 347 26.67 11.74 16.41
CA ARG A 347 27.16 12.72 17.38
C ARG A 347 26.07 13.65 17.94
N ILE A 348 25.35 14.32 17.05
CA ILE A 348 24.32 15.27 17.45
C ILE A 348 23.07 14.57 17.99
N SER A 349 23.05 13.25 17.93
CA SER A 349 21.89 12.49 18.38
C SER A 349 22.09 11.85 19.76
N ARG A 350 23.00 12.42 20.53
CA ARG A 350 23.23 11.98 21.91
C ARG A 350 21.95 12.14 22.72
N GLY A 351 21.40 11.03 23.18
CA GLY A 351 20.20 11.06 24.02
C GLY A 351 18.91 10.96 23.23
N ARG A 352 19.02 11.03 21.91
CA ARG A 352 17.85 10.87 21.04
C ARG A 352 17.36 9.43 21.08
N SER A 353 16.07 9.24 21.31
CA SER A 353 15.51 7.89 21.27
C SER A 353 15.68 7.32 19.87
N ILE A 354 15.87 6.01 19.79
CA ILE A 354 16.07 5.35 18.49
C ILE A 354 14.93 5.65 17.53
N ARG A 355 13.78 6.02 18.08
CA ARG A 355 12.62 6.37 17.26
C ARG A 355 12.69 7.81 16.74
N GLU A 356 12.71 8.77 17.65
CA GLU A 356 12.75 10.18 17.27
C GLU A 356 13.92 10.48 16.33
N PHE A 357 15.00 9.74 16.49
CA PHE A 357 16.16 9.86 15.61
C PHE A 357 15.77 9.57 14.16
N ILE A 358 14.92 8.57 13.96
CA ILE A 358 14.47 8.19 12.64
C ILE A 358 13.63 9.29 12.01
N LEU A 359 12.52 9.64 12.65
CA LEU A 359 11.57 10.58 12.09
C LEU A 359 12.20 11.94 11.76
N GLY A 360 13.24 12.29 12.51
CA GLY A 360 13.96 13.52 12.24
C GLY A 360 14.95 13.36 11.09
N VAL A 361 15.22 12.10 10.74
CA VAL A 361 16.16 11.79 9.66
C VAL A 361 15.43 11.49 8.35
N LEU A 362 14.25 10.88 8.45
CA LEU A 362 13.45 10.60 7.26
C LEU A 362 12.46 11.72 6.99
N LEU A 363 11.50 11.88 7.90
CA LEU A 363 10.36 12.76 7.68
C LEU A 363 10.73 14.22 7.37
N VAL A 364 11.58 14.82 8.20
CA VAL A 364 11.94 16.22 7.98
C VAL A 364 12.65 16.44 6.65
N PRO A 365 13.76 15.71 6.40
CA PRO A 365 14.43 15.83 5.10
C PRO A 365 13.51 15.46 3.94
N ALA A 366 12.60 14.51 4.17
CA ALA A 366 11.66 14.11 3.12
C ALA A 366 10.69 15.24 2.82
N GLY A 367 10.14 15.85 3.86
CA GLY A 367 9.21 16.95 3.70
C GLY A 367 9.82 18.11 2.94
N VAL A 368 11.08 18.38 3.22
CA VAL A 368 11.81 19.44 2.51
C VAL A 368 12.08 19.06 1.06
N SER A 369 12.67 17.89 0.85
CA SER A 369 12.95 17.39 -0.50
C SER A 369 11.68 17.45 -1.35
N THR A 370 10.54 17.19 -0.72
CA THR A 370 9.25 17.29 -1.39
C THR A 370 8.95 18.74 -1.78
N VAL A 371 8.92 19.61 -0.78
CA VAL A 371 8.56 21.01 -0.99
C VAL A 371 9.60 21.75 -1.84
N TRP A 372 10.76 21.15 -2.02
CA TRP A 372 11.82 21.74 -2.83
C TRP A 372 11.64 21.43 -4.32
N PHE A 373 11.61 20.14 -4.66
CA PHE A 373 11.39 19.71 -6.03
C PHE A 373 10.04 20.19 -6.57
N SER A 374 9.12 20.53 -5.67
CA SER A 374 7.83 21.05 -6.06
C SER A 374 7.97 22.47 -6.60
N ILE A 375 8.86 23.23 -5.97
CA ILE A 375 9.11 24.62 -6.39
C ILE A 375 9.85 24.69 -7.71
N PHE A 376 11.10 24.23 -7.72
CA PHE A 376 11.95 24.35 -8.90
C PHE A 376 11.60 23.35 -10.00
N GLY A 377 11.65 22.06 -9.67
CA GLY A 377 11.24 21.04 -10.61
C GLY A 377 9.81 21.26 -11.06
N GLY A 378 9.02 21.90 -10.21
CA GLY A 378 7.64 22.21 -10.52
C GLY A 378 7.53 23.38 -11.50
N THR A 379 8.06 24.52 -11.11
CA THR A 379 8.08 25.70 -11.96
C THR A 379 8.64 25.37 -13.34
N ALA A 380 9.75 24.64 -13.37
CA ALA A 380 10.37 24.22 -14.62
C ALA A 380 9.35 23.54 -15.54
N ILE A 381 8.80 22.42 -15.08
CA ILE A 381 7.81 21.69 -15.86
C ILE A 381 6.68 22.59 -16.33
N VAL A 382 6.39 23.64 -15.57
CA VAL A 382 5.32 24.56 -15.93
C VAL A 382 5.70 25.42 -17.13
N PHE A 383 6.91 25.95 -17.13
CA PHE A 383 7.39 26.72 -18.27
C PHE A 383 7.47 25.84 -19.50
N GLU A 384 7.98 24.62 -19.34
CA GLU A 384 8.06 23.66 -20.42
C GLU A 384 6.67 23.50 -21.04
N GLN A 385 5.65 23.63 -20.22
CA GLN A 385 4.26 23.52 -20.68
C GLN A 385 3.82 24.79 -21.40
N ASN A 386 4.17 25.95 -20.83
CA ASN A 386 3.81 27.23 -21.43
C ASN A 386 4.58 27.53 -22.72
N GLY A 387 5.32 26.54 -23.21
CA GLY A 387 6.16 26.72 -24.38
C GLY A 387 7.36 27.59 -24.07
N GLU A 388 7.47 28.00 -22.80
CA GLU A 388 8.55 28.86 -22.36
C GLU A 388 9.66 28.04 -21.71
N SER A 389 10.19 27.09 -22.48
CA SER A 389 11.17 26.12 -21.97
C SER A 389 12.32 26.76 -21.21
N ILE A 390 13.00 25.95 -20.41
CA ILE A 390 14.17 26.36 -19.65
C ILE A 390 15.29 25.39 -19.95
N TRP A 391 14.98 24.38 -20.76
CA TRP A 391 15.90 23.26 -21.00
C TRP A 391 17.30 23.70 -21.40
N GLY A 392 17.39 24.50 -22.46
CA GLY A 392 18.67 24.97 -22.96
C GLY A 392 19.40 23.89 -23.73
N ASP A 393 20.71 23.84 -23.57
CA ASP A 393 21.54 22.85 -24.27
C ASP A 393 21.31 21.46 -23.70
N GLY A 394 20.71 21.40 -22.52
CA GLY A 394 20.50 20.13 -21.83
C GLY A 394 21.53 19.92 -20.75
N ALA A 395 22.33 20.95 -20.49
CA ALA A 395 23.36 20.90 -19.46
C ALA A 395 22.75 21.25 -18.10
N ALA A 396 22.64 20.25 -17.24
CA ALA A 396 22.02 20.44 -15.93
C ALA A 396 22.59 21.64 -15.17
N GLU A 397 23.92 21.78 -15.20
CA GLU A 397 24.59 22.85 -14.48
C GLU A 397 24.08 24.22 -14.90
N GLU A 398 23.64 24.34 -16.15
CA GLU A 398 23.16 25.60 -16.70
C GLU A 398 21.70 25.85 -16.37
N GLN A 399 20.91 24.78 -16.31
CA GLN A 399 19.47 24.88 -16.11
C GLN A 399 19.05 25.61 -14.84
N LEU A 400 19.64 25.25 -13.71
CA LEU A 400 19.28 25.86 -12.43
C LEU A 400 19.05 27.35 -12.59
N PHE A 401 20.05 28.02 -13.15
CA PHE A 401 20.01 29.48 -13.32
C PHE A 401 19.09 29.91 -14.44
N GLY A 402 19.10 29.15 -15.54
CA GLY A 402 18.21 29.40 -16.66
C GLY A 402 16.79 29.60 -16.17
N LEU A 403 16.44 28.88 -15.10
CA LEU A 403 15.12 29.01 -14.49
C LEU A 403 15.03 30.29 -13.66
N LEU A 404 15.97 30.48 -12.75
CA LEU A 404 16.01 31.66 -11.91
C LEU A 404 15.93 32.93 -12.75
N HIS A 405 16.72 32.99 -13.82
CA HIS A 405 16.83 34.17 -14.66
C HIS A 405 15.53 34.50 -15.39
N ALA A 406 14.74 33.48 -15.69
CA ALA A 406 13.46 33.70 -16.36
C ALA A 406 12.45 34.32 -15.40
N LEU A 407 12.91 34.66 -14.20
CA LEU A 407 12.04 35.21 -13.17
C LEU A 407 12.47 36.63 -12.79
N PRO A 408 11.49 37.54 -12.66
CA PRO A 408 11.74 38.92 -12.24
C PRO A 408 12.64 39.00 -11.01
N GLY A 409 13.90 39.31 -11.23
CA GLY A 409 14.89 39.33 -10.16
C GLY A 409 15.74 38.07 -10.20
N GLY A 410 16.03 37.60 -11.41
CA GLY A 410 16.77 36.36 -11.61
C GLY A 410 18.26 36.46 -11.43
N GLN A 411 18.85 37.57 -11.90
CA GLN A 411 20.30 37.75 -11.81
C GLN A 411 20.77 37.77 -10.36
N ILE A 412 20.04 38.47 -9.51
CA ILE A 412 20.41 38.59 -8.10
C ILE A 412 20.36 37.23 -7.41
N MET A 413 19.48 36.36 -7.88
CA MET A 413 19.31 35.05 -7.27
C MET A 413 20.27 34.03 -7.89
N GLY A 414 20.74 34.32 -9.10
CA GLY A 414 21.75 33.49 -9.75
C GLY A 414 23.09 33.63 -9.06
N ILE A 415 23.24 34.70 -8.28
CA ILE A 415 24.42 34.91 -7.47
C ILE A 415 24.23 34.21 -6.13
N ILE A 416 23.07 34.44 -5.52
CA ILE A 416 22.70 33.79 -4.27
C ILE A 416 22.79 32.28 -4.41
N ALA A 417 22.18 31.75 -5.47
CA ALA A 417 22.19 30.32 -5.74
C ALA A 417 23.58 29.82 -6.10
N MET A 418 24.44 30.73 -6.57
CA MET A 418 25.82 30.41 -6.84
C MET A 418 26.53 30.14 -5.51
N ILE A 419 26.49 31.12 -4.63
CA ILE A 419 27.08 31.00 -3.30
C ILE A 419 26.41 29.88 -2.53
N LEU A 420 25.08 29.84 -2.60
CA LEU A 420 24.29 28.78 -1.97
C LEU A 420 24.77 27.42 -2.44
N LEU A 421 25.09 27.30 -3.72
CA LEU A 421 25.65 26.08 -4.28
C LEU A 421 26.97 25.77 -3.59
N GLY A 422 27.77 26.80 -3.37
CA GLY A 422 29.02 26.65 -2.67
C GLY A 422 28.83 26.22 -1.23
N THR A 423 28.10 27.04 -0.46
CA THR A 423 27.86 26.75 0.95
C THR A 423 27.19 25.39 1.15
N PHE A 424 26.29 25.03 0.24
CA PHE A 424 25.63 23.74 0.31
C PHE A 424 26.67 22.63 0.33
N PHE A 425 27.75 22.83 -0.42
CA PHE A 425 28.86 21.89 -0.43
C PHE A 425 29.74 22.07 0.80
N ILE A 426 30.09 23.32 1.10
CA ILE A 426 30.97 23.64 2.22
C ILE A 426 30.47 23.05 3.55
N THR A 427 29.23 23.34 3.91
CA THR A 427 28.66 22.88 5.16
C THR A 427 28.59 21.36 5.24
N SER A 428 28.67 20.70 4.09
CA SER A 428 28.61 19.24 4.04
C SER A 428 29.95 18.64 3.63
N ALA A 429 31.01 19.43 3.72
CA ALA A 429 32.35 18.97 3.41
C ALA A 429 33.29 19.13 4.59
N ASP A 430 32.93 20.03 5.51
CA ASP A 430 33.68 20.20 6.74
C ASP A 430 33.41 19.05 7.70
N SER A 431 32.15 18.61 7.73
CA SER A 431 31.74 17.47 8.55
C SER A 431 32.41 16.22 8.02
N ALA A 432 32.55 16.14 6.70
CA ALA A 432 33.20 15.01 6.06
C ALA A 432 34.63 14.87 6.55
N SER A 433 35.40 15.96 6.42
CA SER A 433 36.79 15.97 6.85
C SER A 433 36.98 15.52 8.30
N THR A 434 36.32 16.22 9.23
CA THR A 434 36.40 15.87 10.65
C THR A 434 36.25 14.36 10.85
N VAL A 435 35.33 13.76 10.10
CA VAL A 435 35.09 12.32 10.17
C VAL A 435 36.19 11.54 9.45
N MET A 436 36.66 12.08 8.33
CA MET A 436 37.76 11.46 7.59
C MET A 436 38.91 11.17 8.53
N GLY A 437 39.21 12.15 9.39
CA GLY A 437 40.29 12.03 10.34
C GLY A 437 39.91 11.28 11.61
N THR A 438 38.68 11.47 12.07
CA THR A 438 38.19 10.75 13.23
C THR A 438 38.42 9.25 13.06
N MET A 439 38.13 8.74 11.88
CA MET A 439 38.38 7.35 11.56
C MET A 439 39.87 7.10 11.35
N SER A 440 40.57 8.16 10.96
CA SER A 440 42.02 8.09 10.78
C SER A 440 42.75 7.97 12.12
N GLN A 441 42.02 8.17 13.21
CA GLN A 441 42.62 8.13 14.55
C GLN A 441 41.76 7.34 15.54
N HIS A 442 41.40 6.12 15.16
CA HIS A 442 40.68 5.22 16.05
C HIS A 442 39.49 5.91 16.71
N GLY A 443 38.46 6.22 15.93
CA GLY A 443 37.25 6.83 16.47
C GLY A 443 37.52 8.04 17.33
N GLN A 444 38.64 8.73 17.07
CA GLN A 444 38.96 9.95 17.78
C GLN A 444 37.88 11.00 17.52
N LEU A 445 37.00 11.19 18.49
CA LEU A 445 35.89 12.12 18.38
C LEU A 445 36.35 13.48 17.84
N GLU A 446 37.43 13.99 18.41
CA GLU A 446 37.98 15.28 18.01
C GLU A 446 39.37 15.09 17.40
N ALA A 447 39.40 14.81 16.09
CA ALA A 447 40.65 14.54 15.39
C ALA A 447 41.51 15.79 15.27
N ASN A 448 42.83 15.61 15.34
CA ASN A 448 43.76 16.72 15.14
C ASN A 448 43.42 17.52 13.89
N LYS A 449 43.19 18.81 14.07
CA LYS A 449 42.70 19.68 13.00
C LYS A 449 43.54 19.62 11.73
N TRP A 450 44.75 19.10 11.82
CA TRP A 450 45.63 18.99 10.67
C TRP A 450 45.37 17.72 9.85
N VAL A 451 44.99 16.64 10.54
CA VAL A 451 44.75 15.37 9.87
C VAL A 451 43.44 15.39 9.09
N THR A 452 42.43 16.05 9.65
CA THR A 452 41.14 16.19 8.98
C THR A 452 41.30 17.11 7.77
N ALA A 453 42.06 18.19 7.96
CA ALA A 453 42.35 19.13 6.89
C ALA A 453 43.24 18.49 5.84
N ALA A 454 43.93 17.42 6.24
CA ALA A 454 44.76 16.65 5.32
C ALA A 454 43.88 15.88 4.35
N TRP A 455 42.68 15.50 4.79
CA TRP A 455 41.73 14.79 3.94
C TRP A 455 40.90 15.77 3.11
N GLY A 456 40.23 16.69 3.78
CA GLY A 456 39.37 17.66 3.12
C GLY A 456 40.03 18.27 1.90
N VAL A 457 41.34 18.50 1.98
CA VAL A 457 42.07 19.05 0.85
C VAL A 457 42.46 17.96 -0.15
N ALA A 458 42.91 16.82 0.36
CA ALA A 458 43.29 15.69 -0.48
C ALA A 458 42.08 15.09 -1.16
N THR A 459 40.90 15.45 -0.68
CA THR A 459 39.64 14.99 -1.26
C THR A 459 39.27 15.87 -2.45
N ALA A 460 39.61 17.16 -2.35
CA ALA A 460 39.41 18.10 -3.44
C ALA A 460 40.48 17.88 -4.50
N ALA A 461 41.49 17.09 -4.17
CA ALA A 461 42.52 16.71 -5.12
C ALA A 461 42.00 15.60 -6.03
N ILE A 462 40.85 15.04 -5.65
CA ILE A 462 40.17 14.02 -6.44
C ILE A 462 39.11 14.68 -7.32
N GLY A 463 38.58 15.80 -6.84
CA GLY A 463 37.63 16.58 -7.61
C GLY A 463 38.30 17.19 -8.84
N LEU A 464 39.49 17.74 -8.64
CA LEU A 464 40.25 18.30 -9.74
C LEU A 464 40.69 17.21 -10.71
N THR A 465 40.47 15.95 -10.32
CA THR A 465 40.81 14.81 -11.17
C THR A 465 39.57 14.25 -11.85
N LEU A 466 38.50 14.07 -11.08
CA LEU A 466 37.25 13.54 -11.62
C LEU A 466 36.50 14.57 -12.45
N LEU A 467 37.10 15.74 -12.64
CA LEU A 467 36.45 16.81 -13.37
C LEU A 467 37.29 17.30 -14.54
N LEU A 468 38.60 17.13 -14.45
CA LEU A 468 39.50 17.61 -15.49
C LEU A 468 39.94 16.50 -16.46
N SER A 469 39.75 15.25 -16.06
CA SER A 469 40.14 14.12 -16.90
C SER A 469 38.96 13.65 -17.75
N LEU A 475 30.49 14.65 -16.83
CA LEU A 475 30.36 14.34 -15.41
C LEU A 475 30.41 12.84 -15.15
N SER A 476 30.34 12.05 -16.22
CA SER A 476 30.26 10.60 -16.09
C SER A 476 31.49 9.98 -15.42
N ASN A 477 32.46 10.82 -15.08
CA ASN A 477 33.58 10.36 -14.27
C ASN A 477 33.30 10.60 -12.78
N LEU A 478 32.86 11.82 -12.47
CA LEU A 478 32.42 12.13 -11.11
C LEU A 478 31.30 11.17 -10.69
N GLN A 479 30.54 10.71 -11.68
CA GLN A 479 29.48 9.74 -11.44
C GLN A 479 30.05 8.32 -11.30
N ASN A 480 30.56 7.78 -12.40
CA ASN A 480 31.06 6.41 -12.43
C ASN A 480 32.02 6.07 -11.31
N VAL A 481 33.10 6.85 -11.20
CA VAL A 481 34.08 6.63 -10.14
C VAL A 481 33.37 6.53 -8.78
N THR A 482 32.48 7.48 -8.51
CA THR A 482 31.72 7.47 -7.26
C THR A 482 30.95 6.17 -7.09
N ILE A 483 30.24 5.77 -8.14
CA ILE A 483 29.45 4.54 -8.12
C ILE A 483 30.32 3.34 -7.74
N VAL A 484 31.46 3.22 -8.39
CA VAL A 484 32.39 2.12 -8.15
C VAL A 484 32.96 2.18 -6.72
N ALA A 485 33.26 3.38 -6.26
CA ALA A 485 33.85 3.58 -4.94
C ALA A 485 32.89 3.20 -3.81
N ALA A 486 31.62 3.05 -4.14
CA ALA A 486 30.61 2.75 -3.13
C ALA A 486 30.17 1.30 -3.16
N THR A 487 30.35 0.64 -4.31
CA THR A 487 29.89 -0.74 -4.50
C THR A 487 30.20 -1.67 -3.33
N PRO A 488 31.46 -1.68 -2.85
CA PRO A 488 31.72 -2.58 -1.72
C PRO A 488 31.04 -2.07 -0.45
N PHE A 489 31.14 -0.78 -0.18
CA PHE A 489 30.58 -0.22 1.05
C PHE A 489 29.07 -0.44 1.13
N LEU A 490 28.44 -0.73 0.00
CA LEU A 490 27.05 -1.12 0.00
C LEU A 490 26.80 -2.20 1.05
N PHE A 491 27.62 -3.25 1.01
CA PHE A 491 27.48 -4.36 1.94
C PHE A 491 27.78 -3.95 3.38
N VAL A 492 28.59 -2.90 3.54
CA VAL A 492 28.89 -2.35 4.85
C VAL A 492 27.63 -1.77 5.49
N VAL A 493 26.63 -1.48 4.67
CA VAL A 493 25.34 -1.02 5.16
C VAL A 493 24.39 -2.21 5.30
N ILE A 494 24.45 -3.13 4.35
CA ILE A 494 23.62 -4.34 4.38
C ILE A 494 23.93 -5.19 5.59
N GLY A 495 25.21 -5.36 5.90
CA GLY A 495 25.63 -6.11 7.06
C GLY A 495 25.39 -5.32 8.33
N LEU A 496 25.63 -4.01 8.25
CA LEU A 496 25.39 -3.09 9.36
C LEU A 496 23.94 -3.25 9.82
N MET A 497 23.06 -3.54 8.87
CA MET A 497 21.65 -3.75 9.14
C MET A 497 21.45 -4.99 10.00
N PHE A 498 22.49 -5.81 10.12
CA PHE A 498 22.46 -6.99 10.96
C PHE A 498 23.10 -6.72 12.32
N ALA A 499 24.23 -6.02 12.31
CA ALA A 499 24.87 -5.62 13.55
C ALA A 499 23.89 -4.88 14.44
N LEU A 500 23.16 -3.94 13.85
CA LEU A 500 22.20 -3.12 14.58
C LEU A 500 21.12 -3.96 15.25
N VAL A 501 20.91 -5.16 14.74
CA VAL A 501 19.90 -6.05 15.28
C VAL A 501 20.45 -6.96 16.38
N LYS A 502 21.56 -7.62 16.10
CA LYS A 502 22.19 -8.49 17.09
C LYS A 502 22.90 -7.67 18.16
N ASP A 503 22.71 -6.36 18.12
CA ASP A 503 23.18 -5.48 19.17
C ASP A 503 21.99 -5.10 20.05
N LEU A 504 20.97 -4.50 19.44
CA LEU A 504 19.77 -4.15 20.16
C LEU A 504 19.23 -5.35 20.90
N SER A 505 19.15 -6.48 20.21
CA SER A 505 18.60 -7.70 20.79
C SER A 505 19.40 -8.16 22.01
N ASN A 506 20.62 -7.66 22.13
CA ASN A 506 21.45 -7.91 23.30
C ASN A 506 21.44 -6.73 24.25
N ASP A 507 20.47 -5.83 24.07
CA ASP A 507 20.40 -4.61 24.89
C ASP A 507 19.84 -4.88 26.28
N VAL A 508 20.51 -4.32 27.28
CA VAL A 508 20.12 -4.53 28.67
C VAL A 508 18.65 -4.21 28.92
N ILE A 509 18.26 -2.96 28.68
CA ILE A 509 16.90 -2.53 28.95
C ILE A 509 15.88 -3.32 28.13
N TYR A 510 16.30 -3.84 26.98
CA TYR A 510 15.40 -4.63 26.16
C TYR A 510 15.27 -6.03 26.74
N LEU A 511 16.36 -6.56 27.27
CA LEU A 511 16.35 -7.88 27.89
C LEU A 511 15.57 -7.82 29.20
N GLU A 512 15.70 -6.71 29.92
CA GLU A 512 14.96 -6.49 31.16
C GLU A 512 13.47 -6.37 30.85
N TYR A 513 13.16 -6.04 29.61
CA TYR A 513 11.78 -5.98 29.17
C TYR A 513 11.33 -7.38 28.72
N ARG A 514 12.20 -8.06 28.01
CA ARG A 514 11.90 -9.39 27.48
C ARG A 514 12.06 -10.46 28.56
N GLU A 515 12.48 -10.02 29.74
CA GLU A 515 12.55 -10.91 30.89
C GLU A 515 11.24 -10.80 31.66
N GLN A 516 10.79 -9.56 31.84
CA GLN A 516 9.52 -9.30 32.51
C GLN A 516 8.35 -9.65 31.59
N GLN A 517 8.68 -10.02 30.36
CA GLN A 517 7.67 -10.42 29.38
C GLN A 517 7.37 -11.91 29.54
N ARG A 518 8.43 -12.72 29.51
CA ARG A 518 8.30 -14.15 29.75
C ARG A 518 7.67 -14.42 31.11
N PHE A 519 8.10 -13.66 32.10
CA PHE A 519 7.61 -13.80 33.47
C PHE A 519 6.09 -13.85 33.51
N ASN A 520 5.46 -12.94 32.76
CA ASN A 520 4.02 -12.75 32.82
C ASN A 520 3.23 -13.88 32.17
N ALA A 521 3.75 -14.42 31.08
CA ALA A 521 3.13 -15.59 30.44
C ALA A 521 3.10 -16.77 31.41
N ARG A 522 4.12 -16.86 32.26
CA ARG A 522 4.14 -17.91 33.26
C ARG A 522 3.16 -17.56 34.38
N LEU A 523 3.29 -16.36 34.92
CA LEU A 523 2.41 -15.89 35.99
C LEU A 523 0.93 -15.97 35.58
N ALA A 524 0.61 -15.40 34.42
CA ALA A 524 -0.74 -15.49 33.88
C ALA A 524 -1.18 -16.93 33.69
N ARG A 525 -0.27 -17.78 33.24
CA ARG A 525 -0.61 -19.17 32.99
C ARG A 525 -1.03 -19.83 34.29
N GLU A 526 -0.20 -19.66 35.32
CA GLU A 526 -0.53 -20.16 36.66
C GLU A 526 -1.89 -19.66 37.10
N ARG A 527 -2.10 -18.34 37.00
CA ARG A 527 -3.36 -17.72 37.38
C ARG A 527 -4.57 -18.38 36.72
N ARG A 528 -4.53 -18.54 35.41
CA ARG A 528 -5.67 -19.11 34.69
C ARG A 528 -5.83 -20.61 34.90
N VAL A 529 -4.72 -21.31 35.10
CA VAL A 529 -4.77 -22.75 35.29
C VAL A 529 -5.34 -23.13 36.66
N HIS A 530 -5.09 -22.30 37.66
CA HIS A 530 -5.60 -22.56 39.00
C HIS A 530 -6.97 -21.93 39.24
N ASN A 531 -7.47 -21.22 38.23
CA ASN A 531 -8.84 -20.73 38.25
C ASN A 531 -9.68 -21.51 37.25
N GLU A 532 -9.06 -22.51 36.64
CA GLU A 532 -9.74 -23.46 35.78
C GLU A 532 -10.02 -24.70 36.62
N HIS A 533 -9.32 -24.80 37.74
CA HIS A 533 -9.54 -25.88 38.70
C HIS A 533 -10.60 -25.45 39.70
N ARG A 534 -10.53 -24.20 40.15
CA ARG A 534 -11.53 -23.64 41.05
C ARG A 534 -12.92 -23.71 40.43
N LYS A 535 -12.97 -23.53 39.11
CA LYS A 535 -14.24 -23.53 38.38
C LYS A 535 -14.64 -24.92 37.91
N ARG A 536 -13.67 -25.83 37.84
CA ARG A 536 -13.97 -27.22 37.45
C ARG A 536 -14.27 -28.08 38.67
N GLU A 537 -13.44 -27.95 39.70
CA GLU A 537 -13.69 -28.64 40.96
C GLU A 537 -15.00 -28.14 41.56
N LEU A 538 -15.47 -27.00 41.03
CA LEU A 538 -16.73 -26.40 41.47
C LEU A 538 -17.90 -27.35 41.24
N ALA A 539 -17.76 -28.22 40.25
CA ALA A 539 -18.81 -29.17 39.90
C ALA A 539 -18.39 -30.60 40.26
N ALA B 16 -34.78 29.63 23.93
CA ALA B 16 -35.52 30.67 24.63
C ALA B 16 -34.90 32.04 24.39
N SER B 17 -33.59 32.05 24.16
CA SER B 17 -32.89 33.28 23.81
C SER B 17 -31.93 33.02 22.67
N LEU B 18 -32.49 32.68 21.51
CA LEU B 18 -31.70 32.41 20.32
C LEU B 18 -30.64 33.47 20.07
N ASN B 19 -29.41 33.03 19.80
CA ASN B 19 -28.30 33.95 19.58
C ASN B 19 -28.49 34.76 18.31
N TRP B 20 -29.07 35.94 18.45
CA TRP B 20 -29.29 36.83 17.30
C TRP B 20 -28.02 37.05 16.50
N SER B 21 -26.91 37.27 17.20
CA SER B 21 -25.63 37.57 16.56
C SER B 21 -25.14 36.41 15.68
N VAL B 22 -25.78 35.25 15.82
CA VAL B 22 -25.42 34.09 15.01
C VAL B 22 -26.50 33.83 13.96
N ILE B 23 -27.70 34.37 14.21
CA ILE B 23 -28.82 34.20 13.29
C ILE B 23 -28.97 35.38 12.33
N VAL B 24 -29.14 36.57 12.89
CA VAL B 24 -29.33 37.77 12.08
C VAL B 24 -28.23 37.95 11.04
N PRO B 25 -26.95 37.95 11.49
CA PRO B 25 -25.85 38.10 10.54
C PRO B 25 -25.77 36.92 9.57
N ALA B 26 -26.48 35.84 9.89
CA ALA B 26 -26.50 34.66 9.04
C ALA B 26 -27.67 34.71 8.06
N LEU B 27 -28.60 35.63 8.31
CA LEU B 27 -29.75 35.81 7.42
C LEU B 27 -29.50 36.89 6.37
N VAL B 28 -28.78 37.93 6.75
CA VAL B 28 -28.45 39.01 5.82
C VAL B 28 -27.80 38.47 4.54
N ILE B 29 -27.08 37.36 4.69
CA ILE B 29 -26.37 36.75 3.56
C ILE B 29 -27.30 35.97 2.64
N VAL B 30 -28.26 35.24 3.22
CA VAL B 30 -29.19 34.46 2.42
C VAL B 30 -30.36 35.31 1.93
N LEU B 31 -30.72 36.33 2.70
CA LEU B 31 -31.76 37.28 2.30
C LEU B 31 -31.24 38.19 1.19
N ALA B 32 -29.96 38.04 0.86
CA ALA B 32 -29.33 38.83 -0.20
C ALA B 32 -29.08 37.98 -1.44
N THR B 33 -28.58 36.78 -1.24
CA THR B 33 -28.34 35.84 -2.34
C THR B 33 -29.62 35.65 -3.15
N VAL B 34 -30.75 36.01 -2.56
CA VAL B 34 -32.04 35.94 -3.24
C VAL B 34 -32.32 37.21 -4.03
N VAL B 35 -32.43 38.34 -3.34
CA VAL B 35 -32.69 39.61 -3.99
C VAL B 35 -31.67 39.86 -5.10
N TRP B 36 -30.44 39.42 -4.88
CA TRP B 36 -29.37 39.60 -5.86
C TRP B 36 -29.50 38.57 -6.98
N GLY B 37 -29.80 37.34 -6.62
CA GLY B 37 -29.97 36.27 -7.60
C GLY B 37 -31.24 36.43 -8.41
N ILE B 38 -32.15 37.27 -7.92
CA ILE B 38 -33.42 37.51 -8.59
C ILE B 38 -33.46 38.89 -9.22
N GLY B 39 -32.93 39.88 -8.49
CA GLY B 39 -32.94 41.26 -8.96
C GLY B 39 -31.88 41.53 -10.01
N PHE B 40 -30.63 41.23 -9.67
CA PHE B 40 -29.52 41.41 -10.60
C PHE B 40 -29.08 40.04 -11.15
N LYS B 41 -29.95 39.43 -11.94
CA LYS B 41 -29.70 38.08 -12.44
C LYS B 41 -28.33 37.89 -13.10
N ASP B 42 -27.91 38.88 -13.88
CA ASP B 42 -26.67 38.79 -14.63
C ASP B 42 -25.42 38.86 -13.74
N SER B 43 -25.21 40.01 -13.10
CA SER B 43 -24.03 40.20 -12.27
C SER B 43 -23.94 39.18 -11.15
N PHE B 44 -25.08 38.55 -10.85
CA PHE B 44 -25.12 37.50 -9.83
C PHE B 44 -24.30 36.29 -10.26
N THR B 45 -24.65 35.73 -11.42
CA THR B 45 -23.95 34.56 -11.96
C THR B 45 -22.53 34.90 -12.40
N ASN B 46 -22.32 36.16 -12.78
CA ASN B 46 -20.99 36.63 -13.13
C ASN B 46 -20.08 36.64 -11.90
N PHE B 47 -20.68 36.42 -10.74
CA PHE B 47 -19.92 36.26 -9.51
C PHE B 47 -19.74 34.76 -9.22
N ALA B 48 -20.80 34.00 -9.41
CA ALA B 48 -20.73 32.55 -9.28
C ALA B 48 -19.58 32.03 -10.14
N SER B 49 -19.71 32.21 -11.45
CA SER B 49 -18.69 31.77 -12.40
C SER B 49 -17.32 32.37 -12.10
N SER B 50 -17.31 33.50 -11.40
CA SER B 50 -16.07 34.16 -11.03
C SER B 50 -15.46 33.53 -9.79
N ALA B 51 -16.24 33.49 -8.71
CA ALA B 51 -15.78 32.88 -7.47
C ALA B 51 -15.40 31.43 -7.72
N LEU B 52 -16.29 30.71 -8.39
CA LEU B 52 -16.06 29.32 -8.75
C LEU B 52 -14.62 29.11 -9.20
N SER B 53 -14.15 30.00 -10.07
CA SER B 53 -12.80 29.90 -10.61
C SER B 53 -11.74 30.28 -9.57
N ALA B 54 -12.03 31.33 -8.81
CA ALA B 54 -11.10 31.77 -7.77
C ALA B 54 -10.85 30.65 -6.77
N VAL B 55 -11.93 30.14 -6.17
CA VAL B 55 -11.82 29.06 -5.20
C VAL B 55 -11.14 27.83 -5.81
N VAL B 56 -11.59 27.42 -6.98
CA VAL B 56 -11.05 26.25 -7.65
C VAL B 56 -9.59 26.40 -8.04
N ASP B 57 -9.27 27.44 -8.79
CA ASP B 57 -7.91 27.65 -9.30
C ASP B 57 -6.91 27.92 -8.17
N ASN B 58 -7.40 28.43 -7.05
CA ASN B 58 -6.50 28.90 -6.00
C ASN B 58 -6.56 28.11 -4.71
N LEU B 59 -7.66 27.39 -4.50
CA LEU B 59 -7.83 26.59 -3.29
C LEU B 59 -8.07 25.12 -3.62
N GLY B 60 -8.23 24.81 -4.91
CA GLY B 60 -8.41 23.44 -5.35
C GLY B 60 -7.31 22.55 -4.80
N TRP B 61 -6.08 23.05 -4.85
CA TRP B 61 -4.93 22.34 -4.31
C TRP B 61 -5.20 21.90 -2.87
N ALA B 62 -5.95 22.71 -2.14
CA ALA B 62 -6.22 22.44 -0.73
C ALA B 62 -7.21 21.30 -0.54
N PHE B 63 -8.44 21.49 -1.02
CA PHE B 63 -9.43 20.42 -1.00
C PHE B 63 -8.72 19.11 -1.34
N ILE B 64 -7.94 19.14 -2.42
CA ILE B 64 -7.09 18.02 -2.82
C ILE B 64 -6.17 17.55 -1.68
N LEU B 65 -5.21 18.40 -1.31
CA LEU B 65 -4.22 18.06 -0.30
C LEU B 65 -4.84 17.61 1.02
N PHE B 66 -5.44 18.54 1.74
CA PHE B 66 -6.03 18.25 3.04
C PHE B 66 -7.17 17.23 2.98
N GLY B 67 -7.84 17.14 1.84
CA GLY B 67 -8.89 16.16 1.65
C GLY B 67 -8.45 14.78 2.08
N THR B 68 -7.21 14.42 1.73
CA THR B 68 -6.61 13.16 2.12
C THR B 68 -6.16 13.17 3.59
N VAL B 69 -5.66 14.31 4.03
CA VAL B 69 -5.31 14.48 5.44
C VAL B 69 -6.46 14.03 6.34
N PHE B 70 -7.68 14.32 5.90
CA PHE B 70 -8.89 13.90 6.61
C PHE B 70 -9.02 12.38 6.70
N VAL B 71 -8.61 11.66 5.65
CA VAL B 71 -8.70 10.21 5.69
C VAL B 71 -7.67 9.60 6.63
N PHE B 72 -6.41 10.00 6.48
CA PHE B 72 -5.34 9.46 7.32
C PHE B 72 -5.54 9.85 8.78
N PHE B 73 -5.65 11.14 9.04
CA PHE B 73 -5.83 11.65 10.38
C PHE B 73 -6.93 10.91 11.14
N ILE B 74 -8.10 10.79 10.53
CA ILE B 74 -9.26 10.17 11.18
C ILE B 74 -9.04 8.69 11.45
N VAL B 75 -8.31 8.03 10.57
CA VAL B 75 -8.01 6.61 10.74
C VAL B 75 -6.92 6.41 11.79
N VAL B 76 -5.98 7.35 11.83
CA VAL B 76 -4.95 7.36 12.87
C VAL B 76 -5.61 7.42 14.24
N ILE B 77 -6.51 8.37 14.42
CA ILE B 77 -7.19 8.58 15.69
C ILE B 77 -7.99 7.37 16.15
N ALA B 78 -8.94 6.93 15.32
CA ALA B 78 -9.86 5.85 15.69
C ALA B 78 -9.18 4.58 16.16
N ALA B 79 -8.12 4.18 15.47
CA ALA B 79 -7.43 2.93 15.80
C ALA B 79 -6.43 3.11 16.93
N SER B 80 -5.92 4.34 17.09
CA SER B 80 -4.91 4.60 18.11
C SER B 80 -5.52 4.71 19.50
N LYS B 81 -4.80 5.41 20.39
CA LYS B 81 -5.20 5.53 21.79
C LYS B 81 -6.61 6.08 21.96
N PHE B 82 -6.78 7.34 21.55
CA PHE B 82 -8.00 8.10 21.80
C PHE B 82 -9.28 7.36 21.40
N GLY B 83 -9.17 6.44 20.47
CA GLY B 83 -10.32 5.67 20.01
C GLY B 83 -11.11 5.04 21.15
N THR B 84 -10.40 4.71 22.23
CA THR B 84 -11.02 4.07 23.39
C THR B 84 -11.93 5.02 24.15
N ILE B 85 -11.56 6.30 24.17
CA ILE B 85 -12.37 7.32 24.84
C ILE B 85 -13.84 7.18 24.48
N ARG B 86 -14.71 7.42 25.45
CA ARG B 86 -16.15 7.36 25.23
C ARG B 86 -16.66 8.74 24.89
N LEU B 87 -17.81 8.82 24.24
CA LEU B 87 -18.45 10.09 23.99
C LEU B 87 -19.52 10.36 25.04
N GLY B 88 -19.09 10.36 26.30
CA GLY B 88 -19.98 10.58 27.43
C GLY B 88 -19.27 10.38 28.76
N ARG B 89 -19.90 10.86 29.82
CA ARG B 89 -19.31 10.78 31.15
C ARG B 89 -19.48 9.39 31.75
N GLU B 95 -28.08 6.44 23.83
CA GLU B 95 -29.45 6.94 23.82
C GLU B 95 -30.32 6.26 22.78
N PHE B 96 -29.75 6.03 21.60
CA PHE B 96 -30.50 5.41 20.50
C PHE B 96 -30.02 3.99 20.22
N ARG B 97 -30.97 3.11 19.91
CA ARG B 97 -30.65 1.76 19.48
C ARG B 97 -29.62 1.83 18.35
N THR B 98 -28.73 0.84 18.29
CA THR B 98 -27.56 0.91 17.40
C THR B 98 -27.88 0.81 15.91
N VAL B 99 -28.73 -0.15 15.55
CA VAL B 99 -29.05 -0.39 14.14
C VAL B 99 -29.92 0.74 13.58
N SER B 100 -30.61 1.45 14.46
CA SER B 100 -31.35 2.64 14.06
C SER B 100 -30.40 3.83 13.98
N TRP B 101 -29.40 3.82 14.86
CA TRP B 101 -28.39 4.87 14.91
C TRP B 101 -27.67 5.05 13.58
N ILE B 102 -27.20 3.95 13.00
CA ILE B 102 -26.49 4.00 11.72
C ILE B 102 -27.35 4.66 10.63
N SER B 103 -28.59 4.22 10.51
CA SER B 103 -29.52 4.80 9.56
C SER B 103 -29.80 6.26 9.91
N MET B 104 -30.03 6.52 11.19
CA MET B 104 -30.22 7.89 11.69
C MET B 104 -29.23 8.85 11.04
N MET B 105 -27.95 8.48 11.12
CA MET B 105 -26.87 9.33 10.65
C MET B 105 -26.63 9.20 9.15
N PHE B 106 -26.58 7.97 8.64
CA PHE B 106 -26.37 7.74 7.22
C PHE B 106 -27.37 8.54 6.40
N ALA B 107 -28.64 8.43 6.78
CA ALA B 107 -29.69 9.19 6.12
C ALA B 107 -29.49 10.69 6.29
N ALA B 108 -29.03 11.09 7.47
CA ALA B 108 -28.84 12.50 7.78
C ALA B 108 -27.69 13.11 6.99
N GLY B 109 -26.66 12.30 6.73
CA GLY B 109 -25.49 12.76 6.01
C GLY B 109 -25.61 12.57 4.50
N MET B 110 -26.26 11.49 4.10
CA MET B 110 -26.46 11.19 2.69
C MET B 110 -27.76 11.79 2.16
N GLY B 111 -27.66 12.56 1.09
CA GLY B 111 -28.81 13.18 0.46
C GLY B 111 -29.06 12.65 -0.93
N ILE B 112 -29.25 13.56 -1.88
CA ILE B 112 -29.50 13.20 -3.28
C ILE B 112 -28.39 12.36 -3.91
N GLY B 113 -27.20 12.43 -3.31
CA GLY B 113 -26.03 11.72 -3.81
C GLY B 113 -26.28 10.52 -4.72
N LEU B 114 -26.43 9.35 -4.10
CA LEU B 114 -26.58 8.09 -4.83
C LEU B 114 -27.66 8.15 -5.92
N MET B 115 -28.57 9.10 -5.81
CA MET B 115 -29.68 9.17 -6.75
C MET B 115 -29.39 9.99 -8.00
N PHE B 116 -28.63 11.08 -7.83
CA PHE B 116 -28.34 11.98 -8.94
C PHE B 116 -27.08 11.57 -9.70
N TYR B 117 -26.05 11.20 -8.95
CA TYR B 117 -24.76 10.83 -9.52
C TYR B 117 -24.51 9.32 -9.41
N GLY B 118 -25.55 8.56 -9.12
CA GLY B 118 -25.41 7.13 -8.94
C GLY B 118 -25.35 6.35 -10.22
N THR B 119 -25.89 6.92 -11.29
CA THR B 119 -25.90 6.29 -12.61
C THR B 119 -24.95 7.02 -13.55
N THR B 120 -24.92 8.34 -13.43
CA THR B 120 -24.15 9.18 -14.35
C THR B 120 -22.65 9.11 -14.12
N GLU B 121 -22.23 9.02 -12.86
CA GLU B 121 -20.82 9.11 -12.54
C GLU B 121 -19.96 7.99 -13.12
N PRO B 122 -20.31 6.73 -12.82
CA PRO B 122 -19.54 5.61 -13.42
C PRO B 122 -19.66 5.64 -14.94
N LEU B 123 -20.88 5.87 -15.42
CA LEU B 123 -21.16 5.91 -16.86
C LEU B 123 -20.39 7.02 -17.56
N THR B 124 -20.26 8.16 -16.90
CA THR B 124 -19.50 9.28 -17.44
C THR B 124 -18.01 8.99 -17.45
N PHE B 125 -17.47 8.59 -16.31
CA PHE B 125 -16.04 8.29 -16.20
C PHE B 125 -15.64 7.19 -17.16
N TYR B 126 -16.61 6.36 -17.54
CA TYR B 126 -16.36 5.26 -18.46
C TYR B 126 -16.26 5.79 -19.89
N ARG B 127 -17.38 6.26 -20.42
CA ARG B 127 -17.45 6.87 -21.74
C ARG B 127 -16.30 7.84 -22.04
N ASN B 128 -16.22 8.90 -21.23
CA ASN B 128 -15.27 9.99 -21.44
C ASN B 128 -13.86 9.72 -20.92
N GLY B 129 -13.75 8.77 -19.99
CA GLY B 129 -12.50 8.54 -19.30
C GLY B 129 -12.33 9.58 -18.20
N VAL B 130 -11.20 9.54 -17.50
CA VAL B 130 -10.89 10.57 -16.50
C VAL B 130 -9.45 11.07 -16.64
N PRO B 131 -9.23 12.36 -16.33
CA PRO B 131 -7.94 13.03 -16.50
C PRO B 131 -6.75 12.12 -16.22
N GLY B 132 -6.00 11.78 -17.27
CA GLY B 132 -4.81 10.97 -17.14
C GLY B 132 -5.08 9.49 -17.30
N HIS B 133 -6.18 9.16 -17.95
CA HIS B 133 -6.56 7.75 -18.16
C HIS B 133 -7.32 7.55 -19.46
N ASP B 134 -7.23 6.35 -20.00
CA ASP B 134 -8.02 6.02 -21.18
C ASP B 134 -9.49 6.01 -20.83
N GLU B 135 -10.34 5.86 -21.84
CA GLU B 135 -11.77 5.80 -21.63
C GLU B 135 -12.25 4.36 -21.73
N HIS B 136 -13.55 4.17 -21.60
CA HIS B 136 -14.12 2.84 -21.52
C HIS B 136 -13.31 1.99 -20.54
N ASN B 137 -12.86 2.63 -19.47
CA ASN B 137 -12.04 1.98 -18.47
C ASN B 137 -12.80 1.76 -17.16
N VAL B 138 -13.29 0.53 -17.00
CA VAL B 138 -14.11 0.16 -15.85
C VAL B 138 -13.41 0.46 -14.52
N GLY B 139 -12.32 -0.25 -14.27
CA GLY B 139 -11.53 -0.04 -13.07
C GLY B 139 -11.43 1.40 -12.61
N VAL B 140 -11.07 2.30 -13.52
CA VAL B 140 -10.91 3.70 -13.13
C VAL B 140 -12.26 4.40 -12.95
N ALA B 141 -13.24 4.02 -13.77
CA ALA B 141 -14.57 4.61 -13.64
C ALA B 141 -15.16 4.29 -12.26
N MET B 142 -14.78 3.15 -11.71
CA MET B 142 -15.20 2.79 -10.36
C MET B 142 -14.29 3.43 -9.32
N SER B 143 -12.99 3.21 -9.46
CA SER B 143 -12.02 3.78 -8.53
C SER B 143 -12.33 5.25 -8.30
N THR B 144 -12.65 5.97 -9.37
CA THR B 144 -12.91 7.40 -9.31
C THR B 144 -14.24 7.75 -8.66
N THR B 145 -15.30 7.05 -9.09
CA THR B 145 -16.62 7.17 -8.49
C THR B 145 -16.59 6.79 -7.02
N MET B 146 -15.98 5.66 -6.72
CA MET B 146 -15.80 5.19 -5.36
C MET B 146 -14.99 6.19 -4.53
N PHE B 147 -14.00 6.82 -5.18
CA PHE B 147 -13.12 7.77 -4.52
C PHE B 147 -13.92 8.94 -3.98
N HIS B 148 -14.97 9.31 -4.71
CA HIS B 148 -15.77 10.48 -4.37
C HIS B 148 -16.82 10.16 -3.31
N TRP B 149 -17.27 8.91 -3.25
CA TRP B 149 -18.44 8.57 -2.43
C TRP B 149 -18.18 7.71 -1.18
N THR B 150 -16.97 7.16 -1.04
CA THR B 150 -16.67 6.31 0.10
C THR B 150 -15.95 7.05 1.23
N LEU B 151 -14.66 6.77 1.40
CA LEU B 151 -13.88 7.32 2.52
C LEU B 151 -13.77 8.85 2.53
N HIS B 152 -13.04 9.41 1.57
CA HIS B 152 -12.74 10.85 1.52
C HIS B 152 -13.86 11.80 1.96
N PRO B 153 -15.09 11.56 1.48
CA PRO B 153 -16.20 12.40 1.95
C PRO B 153 -16.54 12.10 3.40
N TRP B 154 -16.76 10.83 3.73
CA TRP B 154 -17.24 10.46 5.05
C TRP B 154 -16.25 10.74 6.19
N ALA B 155 -14.99 10.95 5.84
CA ALA B 155 -14.01 11.38 6.82
C ALA B 155 -14.28 12.84 7.18
N ILE B 156 -14.91 13.56 6.24
CA ILE B 156 -15.28 14.95 6.45
C ILE B 156 -16.48 15.04 7.39
N TYR B 157 -17.23 13.95 7.48
CA TYR B 157 -18.38 13.87 8.38
C TYR B 157 -17.95 13.39 9.77
N ALA B 158 -16.96 12.51 9.81
CA ALA B 158 -16.46 11.98 11.07
C ALA B 158 -15.79 13.06 11.91
N ILE B 159 -14.98 13.89 11.27
CA ILE B 159 -14.23 14.94 11.99
C ILE B 159 -15.13 15.99 12.65
N VAL B 160 -15.92 16.70 11.84
CA VAL B 160 -16.82 17.72 12.38
C VAL B 160 -17.67 17.18 13.53
N GLY B 161 -18.36 16.08 13.27
CA GLY B 161 -19.17 15.44 14.30
C GLY B 161 -18.35 15.06 15.52
N LEU B 162 -17.13 14.58 15.30
CA LEU B 162 -16.26 14.15 16.38
C LEU B 162 -15.92 15.33 17.30
N ALA B 163 -15.31 16.35 16.73
CA ALA B 163 -14.92 17.54 17.48
C ALA B 163 -16.09 18.08 18.29
N ILE B 164 -17.27 18.11 17.67
CA ILE B 164 -18.48 18.55 18.34
C ILE B 164 -18.87 17.59 19.46
N ALA B 165 -19.22 16.37 19.08
CA ALA B 165 -19.68 15.35 20.03
C ALA B 165 -18.77 15.27 21.26
N TYR B 166 -17.47 15.35 21.05
CA TYR B 166 -16.51 15.32 22.15
C TYR B 166 -16.60 16.58 22.99
N SER B 167 -16.42 17.73 22.35
CA SER B 167 -16.54 19.03 23.02
C SER B 167 -17.80 19.09 23.89
N THR B 168 -18.81 18.32 23.50
CA THR B 168 -20.09 18.32 24.17
C THR B 168 -20.23 17.20 25.20
N PHE B 169 -20.24 15.96 24.72
CA PHE B 169 -20.52 14.82 25.57
C PHE B 169 -19.39 14.41 26.52
N ARG B 170 -18.14 14.68 26.13
CA ARG B 170 -17.00 14.30 26.95
C ARG B 170 -16.47 15.46 27.79
N VAL B 171 -16.76 16.69 27.36
CA VAL B 171 -16.26 17.85 28.08
C VAL B 171 -17.38 18.59 28.81
N GLY B 172 -18.47 18.89 28.10
CA GLY B 172 -19.62 19.53 28.72
C GLY B 172 -20.07 20.81 28.04
N ARG B 173 -19.28 21.30 27.09
CA ARG B 173 -19.64 22.51 26.34
C ARG B 173 -20.93 22.27 25.57
N LYS B 174 -21.52 23.35 25.06
CA LYS B 174 -22.73 23.22 24.26
C LYS B 174 -22.38 22.68 22.87
N GLN B 175 -23.37 22.15 22.18
CA GLN B 175 -23.11 21.46 20.91
C GLN B 175 -22.73 22.41 19.77
N LEU B 176 -22.64 23.70 20.07
CA LEU B 176 -22.20 24.68 19.09
C LEU B 176 -20.85 24.33 18.49
N LEU B 177 -20.79 24.23 17.17
CA LEU B 177 -19.55 23.90 16.46
C LEU B 177 -18.40 24.79 16.96
N SER B 178 -18.74 26.02 17.31
CA SER B 178 -17.75 26.96 17.82
C SER B 178 -17.04 26.43 19.06
N SER B 179 -17.81 25.85 19.99
CA SER B 179 -17.27 25.40 21.26
C SER B 179 -16.28 24.25 21.11
N ALA B 180 -16.34 23.55 19.98
CA ALA B 180 -15.39 22.48 19.70
C ALA B 180 -14.03 23.08 19.35
N PHE B 181 -14.02 24.38 19.08
CA PHE B 181 -12.80 25.13 18.84
C PHE B 181 -12.28 25.76 20.13
N VAL B 182 -12.99 25.55 21.23
CA VAL B 182 -12.57 26.05 22.53
C VAL B 182 -11.09 25.76 22.84
N PRO B 183 -10.65 24.51 22.64
CA PRO B 183 -9.25 24.14 22.91
C PRO B 183 -8.23 25.04 22.21
N LEU B 184 -8.67 25.86 21.27
CA LEU B 184 -7.77 26.73 20.53
C LEU B 184 -8.23 28.18 20.59
N ILE B 185 -9.54 28.37 20.53
CA ILE B 185 -10.13 29.71 20.52
C ILE B 185 -10.41 30.18 21.95
N GLY B 186 -10.57 29.22 22.85
CA GLY B 186 -10.83 29.51 24.25
C GLY B 186 -12.32 29.53 24.57
N GLU B 187 -12.65 29.23 25.82
CA GLU B 187 -14.03 29.31 26.28
C GLU B 187 -14.58 30.70 25.99
N LYS B 188 -13.70 31.68 25.95
CA LYS B 188 -14.06 33.06 25.61
C LYS B 188 -14.19 33.22 24.11
N GLY B 189 -13.39 32.47 23.36
CA GLY B 189 -13.38 32.57 21.91
C GLY B 189 -14.68 32.19 21.24
N ALA B 190 -15.20 31.01 21.56
CA ALA B 190 -16.44 30.53 20.97
C ALA B 190 -17.60 31.47 21.29
N GLU B 191 -17.36 32.39 22.22
CA GLU B 191 -18.36 33.39 22.59
C GLU B 191 -18.06 34.70 21.86
N GLY B 192 -16.81 34.86 21.43
CA GLY B 192 -16.37 36.06 20.75
C GLY B 192 -16.97 36.19 19.36
N TRP B 193 -16.27 36.88 18.47
CA TRP B 193 -16.77 37.11 17.12
C TRP B 193 -16.55 35.88 16.23
N LEU B 194 -15.59 35.05 16.61
CA LEU B 194 -15.30 33.83 15.85
C LEU B 194 -16.32 32.74 16.14
N GLY B 195 -16.45 32.36 17.41
CA GLY B 195 -17.41 31.35 17.81
C GLY B 195 -18.75 31.56 17.13
N LYS B 196 -19.14 32.82 17.01
CA LYS B 196 -20.34 33.18 16.27
C LYS B 196 -20.09 32.96 14.78
N LEU B 197 -19.08 33.65 14.25
CA LEU B 197 -18.67 33.48 12.86
C LEU B 197 -18.70 32.01 12.47
N ILE B 198 -18.14 31.16 13.33
CA ILE B 198 -18.11 29.72 13.11
C ILE B 198 -19.52 29.14 13.00
N ASP B 199 -20.40 29.53 13.91
CA ASP B 199 -21.78 29.07 13.91
C ASP B 199 -22.60 29.84 12.87
N ILE B 200 -22.03 30.90 12.32
CA ILE B 200 -22.64 31.65 11.22
C ILE B 200 -22.34 30.95 9.91
N LEU B 201 -21.06 30.64 9.69
CA LEU B 201 -20.65 29.87 8.53
C LEU B 201 -21.32 28.51 8.58
N ALA B 202 -21.44 27.96 9.79
CA ALA B 202 -22.07 26.67 9.99
C ALA B 202 -23.50 26.65 9.47
N ILE B 203 -24.26 27.72 9.75
CA ILE B 203 -25.62 27.86 9.27
C ILE B 203 -25.67 28.00 7.74
N ILE B 204 -25.13 29.10 7.24
CA ILE B 204 -25.12 29.37 5.80
C ILE B 204 -24.63 28.19 4.97
N ALA B 205 -23.49 27.62 5.35
CA ALA B 205 -22.96 26.43 4.68
C ALA B 205 -24.03 25.35 4.61
N THR B 206 -24.63 25.05 5.76
CA THR B 206 -25.69 24.05 5.86
C THR B 206 -26.84 24.35 4.90
N VAL B 207 -27.13 25.63 4.71
CA VAL B 207 -28.25 26.05 3.87
C VAL B 207 -27.98 25.83 2.38
N PHE B 208 -26.95 26.48 1.85
CA PHE B 208 -26.59 26.33 0.45
C PHE B 208 -26.45 24.85 0.08
N GLY B 209 -25.72 24.10 0.90
CA GLY B 209 -25.53 22.69 0.67
C GLY B 209 -26.85 21.96 0.45
N THR B 210 -27.84 22.27 1.29
CA THR B 210 -29.15 21.65 1.19
C THR B 210 -29.95 22.25 0.04
N ALA B 211 -29.66 23.51 -0.29
CA ALA B 211 -30.29 24.16 -1.43
C ALA B 211 -29.79 23.54 -2.74
N CYS B 212 -28.46 23.50 -2.90
CA CYS B 212 -27.84 22.82 -4.02
C CYS B 212 -28.39 21.40 -4.11
N SER B 213 -28.34 20.70 -2.98
CA SER B 213 -28.83 19.33 -2.92
C SER B 213 -30.31 19.26 -3.26
N LEU B 214 -31.06 20.30 -2.88
CA LEU B 214 -32.49 20.36 -3.17
C LEU B 214 -32.75 20.68 -4.64
N GLY B 215 -31.93 21.58 -5.19
CA GLY B 215 -32.03 21.91 -6.60
C GLY B 215 -31.88 20.66 -7.44
N LEU B 216 -30.77 19.96 -7.25
CA LEU B 216 -30.49 18.71 -7.94
C LEU B 216 -31.67 17.75 -7.80
N GLY B 217 -32.03 17.45 -6.56
CA GLY B 217 -33.14 16.55 -6.27
C GLY B 217 -34.41 16.88 -7.02
N ALA B 218 -35.06 17.98 -6.65
CA ALA B 218 -36.25 18.45 -7.34
C ALA B 218 -36.05 18.41 -8.85
N LEU B 219 -34.96 19.02 -9.31
CA LEU B 219 -34.60 19.00 -10.73
C LEU B 219 -34.68 17.59 -11.31
N GLN B 220 -34.06 16.64 -10.63
CA GLN B 220 -34.09 15.25 -11.07
C GLN B 220 -35.50 14.67 -11.00
N ILE B 221 -36.21 15.00 -9.93
CA ILE B 221 -37.58 14.51 -9.75
C ILE B 221 -38.46 15.08 -10.85
N GLY B 222 -38.16 16.31 -11.25
CA GLY B 222 -38.88 16.96 -12.32
C GLY B 222 -38.75 16.12 -13.57
N ALA B 223 -37.51 15.92 -13.99
CA ALA B 223 -37.22 15.08 -15.15
C ALA B 223 -37.72 13.67 -14.92
N GLY B 224 -37.87 13.30 -13.66
CA GLY B 224 -38.44 12.02 -13.29
C GLY B 224 -39.91 11.93 -13.69
N LEU B 225 -40.56 13.09 -13.78
CA LEU B 225 -41.95 13.17 -14.19
C LEU B 225 -42.06 13.30 -15.71
N SER B 226 -41.10 13.98 -16.31
CA SER B 226 -41.09 14.23 -17.76
C SER B 226 -41.22 12.93 -18.55
N ALA B 227 -40.29 12.01 -18.33
CA ALA B 227 -40.30 10.72 -19.01
C ALA B 227 -41.18 9.73 -18.25
N ALA B 228 -41.91 10.22 -17.24
CA ALA B 228 -42.83 9.39 -16.49
C ALA B 228 -44.22 9.38 -17.12
N ASN B 229 -44.39 10.24 -18.13
CA ASN B 229 -45.68 10.37 -18.81
C ASN B 229 -46.73 11.01 -17.92
N ILE B 230 -46.28 11.69 -16.87
CA ILE B 230 -47.16 12.38 -15.95
C ILE B 230 -47.15 13.89 -16.21
N ILE B 231 -45.97 14.49 -16.13
CA ILE B 231 -45.83 15.92 -16.41
C ILE B 231 -44.70 16.16 -17.41
N GLU B 232 -45.05 16.27 -18.69
CA GLU B 232 -44.07 16.50 -19.74
C GLU B 232 -43.30 17.80 -19.53
N ASP B 233 -43.96 18.76 -18.88
CA ASP B 233 -43.39 20.09 -18.71
C ASP B 233 -42.43 20.17 -17.53
N PRO B 234 -41.25 20.77 -17.74
CA PRO B 234 -40.35 21.11 -16.65
C PRO B 234 -40.85 22.40 -16.00
N SER B 235 -42.16 22.61 -16.07
CA SER B 235 -42.80 23.83 -15.61
C SER B 235 -42.51 24.12 -14.15
N ASP B 236 -42.35 25.41 -13.83
CA ASP B 236 -42.05 25.84 -12.48
C ASP B 236 -43.20 25.52 -11.53
N TRP B 237 -44.43 25.66 -12.01
CA TRP B 237 -45.62 25.37 -11.21
C TRP B 237 -45.64 23.90 -10.79
N THR B 238 -44.74 23.11 -11.37
CA THR B 238 -44.61 21.70 -11.02
C THR B 238 -43.52 21.50 -9.99
N ILE B 239 -42.29 21.88 -10.35
CA ILE B 239 -41.16 21.74 -9.44
C ILE B 239 -41.43 22.44 -8.12
N VAL B 240 -42.11 23.59 -8.17
CA VAL B 240 -42.48 24.32 -6.97
C VAL B 240 -43.29 23.42 -6.04
N GLY B 241 -44.28 22.74 -6.62
CA GLY B 241 -45.05 21.76 -5.88
C GLY B 241 -44.12 20.79 -5.17
N ILE B 242 -43.31 20.08 -5.95
CA ILE B 242 -42.33 19.15 -5.41
C ILE B 242 -41.44 19.79 -4.34
N VAL B 243 -41.03 21.03 -4.58
CA VAL B 243 -40.16 21.74 -3.63
C VAL B 243 -40.85 21.98 -2.29
N SER B 244 -41.95 22.73 -2.32
CA SER B 244 -42.72 23.00 -1.11
C SER B 244 -43.23 21.72 -0.48
N VAL B 245 -43.69 20.78 -1.30
CA VAL B 245 -44.12 19.48 -0.81
C VAL B 245 -43.04 18.86 0.06
N LEU B 246 -41.83 18.76 -0.49
CA LEU B 246 -40.68 18.26 0.25
C LEU B 246 -40.50 19.04 1.55
N THR B 247 -40.57 20.36 1.45
CA THR B 247 -40.45 21.23 2.61
C THR B 247 -41.43 20.82 3.70
N LEU B 248 -42.72 20.96 3.41
CA LEU B 248 -43.77 20.64 4.37
C LEU B 248 -43.67 19.19 4.86
N ALA B 249 -43.34 18.28 3.95
CA ALA B 249 -43.24 16.85 4.28
C ALA B 249 -42.13 16.57 5.29
N PHE B 250 -41.01 17.28 5.17
CA PHE B 250 -39.90 17.07 6.09
C PHE B 250 -39.99 17.99 7.31
N ILE B 251 -40.76 19.08 7.19
CA ILE B 251 -41.05 19.92 8.34
C ILE B 251 -41.81 19.10 9.37
N PHE B 252 -42.71 18.25 8.86
CA PHE B 252 -43.42 17.31 9.71
C PHE B 252 -42.43 16.45 10.49
N SER B 253 -41.40 15.98 9.80
CA SER B 253 -40.40 15.09 10.39
C SER B 253 -39.42 15.84 11.29
N ALA B 254 -39.00 17.02 10.86
CA ALA B 254 -38.09 17.84 11.64
C ALA B 254 -38.74 18.21 12.98
N ILE B 255 -39.93 18.78 12.91
CA ILE B 255 -40.71 19.10 14.11
C ILE B 255 -40.99 17.83 14.92
N SER B 256 -41.31 16.74 14.22
CA SER B 256 -41.57 15.46 14.85
C SER B 256 -40.32 14.92 15.51
N GLY B 257 -39.22 15.65 15.38
CA GLY B 257 -37.96 15.32 16.02
C GLY B 257 -37.43 13.94 15.67
N VAL B 258 -36.55 13.42 16.52
CA VAL B 258 -35.93 12.13 16.27
C VAL B 258 -36.91 10.97 16.28
N GLY B 259 -37.21 10.45 17.48
CA GLY B 259 -38.05 9.28 17.63
C GLY B 259 -39.20 9.13 16.65
N LYS B 260 -40.05 10.15 16.58
CA LYS B 260 -41.31 10.04 15.85
C LYS B 260 -41.21 10.31 14.34
N GLY B 261 -40.40 11.29 13.97
CA GLY B 261 -40.28 11.65 12.56
C GLY B 261 -39.02 11.13 11.90
N ILE B 262 -37.90 11.79 12.17
CA ILE B 262 -36.61 11.44 11.58
C ILE B 262 -36.32 9.94 11.68
N GLN B 263 -36.30 9.41 12.90
CA GLN B 263 -35.93 8.01 13.13
C GLN B 263 -36.83 7.03 12.37
N TYR B 264 -38.10 7.40 12.19
CA TYR B 264 -39.03 6.57 11.45
C TYR B 264 -38.77 6.64 9.96
N LEU B 265 -38.47 7.84 9.47
CA LEU B 265 -38.24 8.06 8.05
C LEU B 265 -36.95 7.41 7.56
N SER B 266 -35.85 7.68 8.25
CA SER B 266 -34.54 7.16 7.84
C SER B 266 -34.54 5.64 7.65
N ASN B 267 -35.35 4.94 8.44
CA ASN B 267 -35.52 3.50 8.26
C ASN B 267 -36.33 3.19 7.00
N ALA B 268 -37.45 3.86 6.84
CA ALA B 268 -38.26 3.71 5.63
C ALA B 268 -37.42 4.06 4.41
N ASN B 269 -36.68 5.15 4.50
CA ASN B 269 -35.78 5.58 3.43
C ASN B 269 -34.81 4.47 3.05
N MET B 270 -34.29 3.78 4.05
CA MET B 270 -33.42 2.64 3.81
C MET B 270 -34.20 1.51 3.15
N VAL B 271 -35.43 1.30 3.61
CA VAL B 271 -36.28 0.25 3.07
C VAL B 271 -36.47 0.37 1.56
N LEU B 272 -36.81 1.57 1.09
CA LEU B 272 -36.91 1.85 -0.33
C LEU B 272 -35.56 1.65 -1.02
N ALA B 273 -34.51 2.18 -0.39
CA ALA B 273 -33.17 2.06 -0.92
C ALA B 273 -32.85 0.63 -1.35
N ALA B 274 -33.07 -0.32 -0.45
CA ALA B 274 -32.85 -1.72 -0.78
C ALA B 274 -33.78 -2.16 -1.88
N LEU B 275 -35.08 -1.99 -1.67
CA LEU B 275 -36.09 -2.39 -2.65
C LEU B 275 -35.69 -2.02 -4.07
N LEU B 276 -35.27 -0.77 -4.27
CA LEU B 276 -34.84 -0.30 -5.58
C LEU B 276 -33.60 -1.06 -6.04
N ALA B 277 -32.50 -0.89 -5.33
CA ALA B 277 -31.25 -1.56 -5.65
C ALA B 277 -31.46 -3.06 -5.84
N ILE B 278 -32.15 -3.69 -4.89
CA ILE B 278 -32.48 -5.11 -5.00
C ILE B 278 -33.09 -5.39 -6.36
N PHE B 279 -34.13 -4.63 -6.69
CA PHE B 279 -34.78 -4.75 -7.99
C PHE B 279 -33.72 -4.72 -9.09
N VAL B 280 -33.04 -3.59 -9.21
CA VAL B 280 -31.99 -3.42 -10.22
C VAL B 280 -30.91 -4.52 -10.14
N PHE B 281 -30.73 -5.11 -8.96
CA PHE B 281 -29.69 -6.10 -8.78
C PHE B 281 -30.04 -7.46 -9.37
N VAL B 282 -31.30 -7.86 -9.20
CA VAL B 282 -31.79 -9.13 -9.73
C VAL B 282 -32.12 -8.95 -11.19
N VAL B 283 -32.98 -7.98 -11.46
CA VAL B 283 -33.48 -7.71 -12.81
C VAL B 283 -32.38 -7.37 -13.81
N GLY B 284 -31.43 -6.54 -13.39
CA GLY B 284 -30.33 -6.13 -14.25
C GLY B 284 -29.25 -7.19 -14.39
N PRO B 285 -28.00 -6.75 -14.65
CA PRO B 285 -26.82 -7.60 -14.87
C PRO B 285 -26.25 -8.14 -13.55
N THR B 286 -26.95 -9.10 -12.96
CA THR B 286 -26.63 -9.61 -11.63
C THR B 286 -25.15 -9.97 -11.45
N VAL B 287 -24.70 -11.01 -12.14
CA VAL B 287 -23.31 -11.46 -12.06
C VAL B 287 -22.32 -10.32 -12.30
N SER B 288 -22.57 -9.51 -13.33
CA SER B 288 -21.70 -8.37 -13.61
C SER B 288 -21.63 -7.41 -12.43
N ILE B 289 -22.79 -7.12 -11.84
CA ILE B 289 -22.83 -6.29 -10.64
C ILE B 289 -21.98 -6.89 -9.53
N LEU B 290 -22.15 -8.19 -9.29
CA LEU B 290 -21.32 -8.91 -8.33
C LEU B 290 -19.84 -8.79 -8.68
N ASN B 291 -19.51 -9.07 -9.94
CA ASN B 291 -18.12 -8.97 -10.42
C ASN B 291 -17.52 -7.62 -10.06
N LEU B 292 -18.39 -6.62 -9.96
CA LEU B 292 -17.97 -5.26 -9.70
C LEU B 292 -17.63 -4.98 -8.24
N LEU B 293 -18.26 -5.68 -7.31
CA LEU B 293 -17.91 -5.53 -5.89
C LEU B 293 -16.40 -5.62 -5.66
N PRO B 294 -15.78 -6.76 -6.00
CA PRO B 294 -14.33 -6.83 -5.88
C PRO B 294 -13.64 -5.78 -6.76
N GLY B 295 -14.09 -5.65 -8.01
CA GLY B 295 -13.46 -4.74 -8.95
C GLY B 295 -13.53 -3.30 -8.47
N SER B 296 -14.66 -2.94 -7.88
CA SER B 296 -14.87 -1.63 -7.29
C SER B 296 -13.92 -1.37 -6.14
N ILE B 297 -13.79 -2.36 -5.26
CA ILE B 297 -12.96 -2.21 -4.06
C ILE B 297 -11.47 -2.25 -4.39
N GLY B 298 -11.06 -3.33 -5.06
CA GLY B 298 -9.68 -3.47 -5.48
C GLY B 298 -9.15 -2.26 -6.23
N ASN B 299 -9.76 -1.93 -7.36
CA ASN B 299 -9.30 -0.78 -8.10
C ASN B 299 -9.22 0.44 -7.18
N TYR B 300 -10.25 0.62 -6.35
CA TYR B 300 -10.31 1.75 -5.43
C TYR B 300 -9.07 1.88 -4.55
N LEU B 301 -8.63 0.77 -3.97
CA LEU B 301 -7.41 0.75 -3.17
C LEU B 301 -6.17 1.02 -4.03
N SER B 302 -6.13 0.42 -5.22
CA SER B 302 -5.00 0.60 -6.11
C SER B 302 -4.84 2.08 -6.46
N ASN B 303 -5.84 2.63 -7.16
CA ASN B 303 -5.77 4.01 -7.65
C ASN B 303 -5.97 5.06 -6.56
N PHE B 304 -6.01 4.65 -5.30
CA PHE B 304 -6.32 5.57 -4.20
C PHE B 304 -5.39 6.77 -4.16
N PHE B 305 -4.11 6.52 -3.90
CA PHE B 305 -3.14 7.61 -3.80
C PHE B 305 -3.02 8.40 -5.10
N GLN B 306 -3.11 7.71 -6.22
CA GLN B 306 -3.05 8.38 -7.51
C GLN B 306 -4.15 9.42 -7.57
N MET B 307 -5.30 9.07 -7.00
CA MET B 307 -6.47 9.96 -6.97
C MET B 307 -6.32 11.07 -5.94
N ALA B 308 -5.70 10.73 -4.81
CA ALA B 308 -5.42 11.72 -3.78
C ALA B 308 -4.34 12.66 -4.29
N GLY B 309 -3.59 12.19 -5.28
CA GLY B 309 -2.50 12.95 -5.85
C GLY B 309 -2.88 13.63 -7.15
N ARG B 310 -4.02 13.22 -7.73
CA ARG B 310 -4.52 13.88 -8.94
C ARG B 310 -4.85 15.32 -8.62
N THR B 311 -4.24 16.22 -9.37
CA THR B 311 -4.37 17.65 -9.11
C THR B 311 -4.65 18.35 -10.44
N ALA B 312 -4.88 19.66 -10.37
CA ALA B 312 -5.15 20.45 -11.55
C ALA B 312 -3.96 20.39 -12.51
N MET B 313 -2.81 20.02 -11.97
CA MET B 313 -1.58 19.89 -12.75
C MET B 313 -1.43 18.49 -13.33
N SER B 314 -2.32 17.59 -12.95
CA SER B 314 -2.28 16.23 -13.46
C SER B 314 -2.62 16.23 -14.93
N ALA B 315 -2.46 15.10 -15.59
CA ALA B 315 -2.75 14.98 -17.01
C ALA B 315 -2.15 16.15 -17.80
N ASP B 316 -0.97 16.58 -17.37
CA ASP B 316 -0.21 17.59 -18.10
C ASP B 316 -0.89 18.97 -18.12
N GLY B 317 -1.73 19.23 -17.13
CA GLY B 317 -2.42 20.50 -17.04
C GLY B 317 -3.89 20.38 -17.40
N THR B 318 -4.20 19.37 -18.19
CA THR B 318 -5.56 19.16 -18.71
C THR B 318 -6.58 18.78 -17.64
N ALA B 319 -6.11 18.33 -16.47
CA ALA B 319 -7.02 17.83 -15.44
C ALA B 319 -7.80 18.93 -14.72
N GLY B 320 -7.40 20.18 -14.95
CA GLY B 320 -8.03 21.32 -14.30
C GLY B 320 -9.56 21.32 -14.33
N GLU B 321 -10.13 21.39 -15.54
CA GLU B 321 -11.58 21.53 -15.70
C GLU B 321 -12.38 20.38 -15.09
N TRP B 322 -11.88 19.15 -15.27
CA TRP B 322 -12.55 17.97 -14.76
C TRP B 322 -12.74 18.05 -13.24
N LEU B 323 -11.63 18.18 -12.52
CA LEU B 323 -11.68 18.31 -11.06
C LEU B 323 -12.69 19.38 -10.67
N GLY B 324 -12.75 20.44 -11.46
CA GLY B 324 -13.63 21.57 -11.17
C GLY B 324 -15.09 21.18 -11.05
N SER B 325 -15.55 20.29 -11.91
CA SER B 325 -16.96 19.91 -11.93
C SER B 325 -17.22 18.51 -11.37
N TRP B 326 -16.17 17.87 -10.88
CA TRP B 326 -16.31 16.55 -10.26
C TRP B 326 -15.74 16.48 -8.84
N THR B 327 -14.49 16.08 -8.70
CA THR B 327 -13.85 15.98 -7.38
C THR B 327 -14.09 17.20 -6.51
N ILE B 328 -13.45 18.31 -6.87
CA ILE B 328 -13.50 19.52 -6.04
C ILE B 328 -14.92 19.93 -5.66
N PHE B 329 -15.84 19.84 -6.61
CA PHE B 329 -17.23 20.15 -6.31
C PHE B 329 -17.74 19.27 -5.18
N TYR B 330 -17.51 17.97 -5.30
CA TYR B 330 -17.89 17.02 -4.27
C TYR B 330 -17.35 17.40 -2.89
N TRP B 331 -16.03 17.45 -2.76
CA TRP B 331 -15.43 17.85 -1.48
C TRP B 331 -16.08 19.13 -0.95
N ALA B 332 -16.10 20.18 -1.77
CA ALA B 332 -16.70 21.45 -1.38
C ALA B 332 -18.15 21.27 -0.93
N TRP B 333 -18.88 20.41 -1.64
CA TRP B 333 -20.28 20.14 -1.32
C TRP B 333 -20.42 19.46 0.04
N TRP B 334 -19.67 18.36 0.23
CA TRP B 334 -19.66 17.63 1.49
C TRP B 334 -19.26 18.52 2.66
N ILE B 335 -18.46 19.54 2.37
CA ILE B 335 -18.00 20.48 3.39
C ILE B 335 -19.13 21.43 3.81
N SER B 336 -19.94 21.86 2.85
CA SER B 336 -21.12 22.66 3.16
C SER B 336 -22.13 21.80 3.89
N TRP B 337 -21.83 20.50 3.97
CA TRP B 337 -22.73 19.56 4.62
C TRP B 337 -22.19 19.07 5.96
N SER B 338 -20.88 19.23 6.16
CA SER B 338 -20.25 18.85 7.43
C SER B 338 -20.89 19.55 8.64
N PRO B 339 -21.21 20.85 8.50
CA PRO B 339 -21.82 21.52 9.65
C PRO B 339 -23.01 20.74 10.19
N PHE B 340 -24.13 20.74 9.48
CA PHE B 340 -25.35 20.09 9.98
C PHE B 340 -25.24 18.57 10.11
N VAL B 341 -24.69 17.91 9.10
CA VAL B 341 -24.50 16.46 9.15
C VAL B 341 -23.71 16.05 10.39
N GLY B 342 -22.44 16.43 10.43
CA GLY B 342 -21.57 16.10 11.55
C GLY B 342 -22.16 16.48 12.90
N MET B 343 -22.80 17.64 12.96
CA MET B 343 -23.40 18.12 14.20
C MET B 343 -24.58 17.24 14.62
N PHE B 344 -25.34 16.75 13.64
CA PHE B 344 -26.41 15.81 13.94
C PHE B 344 -25.85 14.43 14.28
N LEU B 345 -24.84 13.99 13.53
CA LEU B 345 -24.15 12.75 13.83
C LEU B 345 -23.74 12.71 15.31
N ALA B 346 -23.30 13.85 15.81
CA ALA B 346 -22.90 13.95 17.21
C ALA B 346 -24.08 13.71 18.15
N ARG B 347 -25.16 14.48 17.97
CA ARG B 347 -26.31 14.41 18.87
C ARG B 347 -26.85 13.01 19.08
N ILE B 348 -26.83 12.20 18.02
CA ILE B 348 -27.35 10.84 18.09
C ILE B 348 -26.26 9.86 18.50
N SER B 349 -25.08 10.38 18.83
CA SER B 349 -23.94 9.54 19.17
C SER B 349 -23.41 9.77 20.58
N ARG B 350 -24.30 9.82 21.57
CA ARG B 350 -23.87 9.89 22.96
C ARG B 350 -23.67 8.49 23.53
N GLY B 351 -22.47 8.23 24.02
CA GLY B 351 -22.12 6.91 24.52
C GLY B 351 -21.23 6.18 23.54
N ARG B 352 -21.35 6.53 22.27
CA ARG B 352 -20.55 5.91 21.21
C ARG B 352 -19.08 6.25 21.38
N SER B 353 -18.23 5.24 21.52
CA SER B 353 -16.80 5.46 21.66
C SER B 353 -16.22 6.13 20.41
N ILE B 354 -15.01 6.66 20.52
CA ILE B 354 -14.35 7.32 19.40
C ILE B 354 -14.13 6.37 18.22
N ARG B 355 -13.86 5.11 18.52
CA ARG B 355 -13.65 4.12 17.47
C ARG B 355 -14.97 3.70 16.83
N GLU B 356 -16.00 3.57 17.67
CA GLU B 356 -17.32 3.17 17.20
C GLU B 356 -17.98 4.24 16.36
N PHE B 357 -17.54 5.49 16.54
CA PHE B 357 -18.14 6.63 15.85
C PHE B 357 -17.45 6.88 14.51
N ILE B 358 -16.14 6.69 14.49
CA ILE B 358 -15.37 6.87 13.26
C ILE B 358 -15.59 5.71 12.29
N LEU B 359 -15.72 4.50 12.84
CA LEU B 359 -16.00 3.32 12.03
C LEU B 359 -17.49 3.20 11.73
N GLY B 360 -18.27 4.12 12.28
CA GLY B 360 -19.71 4.12 12.08
C GLY B 360 -20.11 5.09 10.97
N VAL B 361 -19.22 6.04 10.70
CA VAL B 361 -19.47 7.02 9.65
C VAL B 361 -18.75 6.62 8.35
N LEU B 362 -17.76 5.74 8.46
CA LEU B 362 -17.00 5.31 7.30
C LEU B 362 -17.45 3.96 6.75
N LEU B 363 -17.00 2.89 7.40
CA LEU B 363 -17.28 1.52 6.93
C LEU B 363 -18.64 1.31 6.27
N VAL B 364 -19.73 1.58 6.98
CA VAL B 364 -21.04 1.29 6.44
C VAL B 364 -21.51 2.24 5.34
N PRO B 365 -21.34 3.56 5.54
CA PRO B 365 -21.70 4.49 4.47
C PRO B 365 -20.79 4.30 3.25
N ALA B 366 -19.52 3.98 3.49
CA ALA B 366 -18.61 3.70 2.39
C ALA B 366 -18.92 2.33 1.79
N GLY B 367 -19.38 1.40 2.63
CA GLY B 367 -19.74 0.07 2.18
C GLY B 367 -21.13 0.00 1.57
N VAL B 368 -21.89 1.07 1.71
CA VAL B 368 -23.22 1.16 1.11
C VAL B 368 -23.14 1.92 -0.20
N SER B 369 -22.32 2.96 -0.23
CA SER B 369 -21.99 3.63 -1.47
C SER B 369 -21.47 2.61 -2.48
N THR B 370 -20.59 1.71 -2.02
CA THR B 370 -20.00 0.69 -2.89
C THR B 370 -21.07 -0.15 -3.58
N VAL B 371 -21.83 -0.91 -2.80
CA VAL B 371 -22.84 -1.80 -3.36
C VAL B 371 -23.77 -1.05 -4.30
N TRP B 372 -24.10 0.19 -3.92
CA TRP B 372 -24.98 1.02 -4.74
C TRP B 372 -24.43 1.17 -6.15
N PHE B 373 -23.30 1.84 -6.27
CA PHE B 373 -22.71 2.12 -7.58
C PHE B 373 -22.40 0.87 -8.41
N SER B 374 -22.16 -0.24 -7.73
CA SER B 374 -21.90 -1.49 -8.43
C SER B 374 -23.18 -2.03 -9.06
N ILE B 375 -24.32 -1.65 -8.50
CA ILE B 375 -25.62 -2.11 -9.00
C ILE B 375 -26.19 -1.15 -10.04
N PHE B 376 -25.91 0.13 -9.88
CA PHE B 376 -26.44 1.12 -10.81
C PHE B 376 -25.42 1.55 -11.85
N GLY B 377 -24.30 2.10 -11.39
CA GLY B 377 -23.24 2.48 -12.31
C GLY B 377 -22.82 1.27 -13.13
N GLY B 378 -22.87 0.11 -12.50
CA GLY B 378 -22.45 -1.13 -13.14
C GLY B 378 -23.38 -1.52 -14.26
N THR B 379 -24.68 -1.43 -14.00
CA THR B 379 -25.67 -1.66 -15.04
C THR B 379 -25.54 -0.61 -16.13
N ALA B 380 -25.29 0.63 -15.75
CA ALA B 380 -25.13 1.73 -16.71
C ALA B 380 -23.95 1.48 -17.65
N ILE B 381 -22.84 1.01 -17.09
CA ILE B 381 -21.70 0.61 -17.91
C ILE B 381 -22.05 -0.65 -18.71
N VAL B 382 -22.41 -1.71 -18.00
CA VAL B 382 -22.86 -2.95 -18.65
C VAL B 382 -23.76 -2.69 -19.85
N PHE B 383 -24.59 -1.65 -19.77
CA PHE B 383 -25.41 -1.29 -20.92
C PHE B 383 -24.55 -0.69 -22.02
N GLU B 384 -23.78 0.34 -21.67
CA GLU B 384 -22.88 0.98 -22.62
C GLU B 384 -22.10 -0.07 -23.39
N GLN B 385 -21.79 -1.18 -22.71
CA GLN B 385 -20.94 -2.22 -23.27
C GLN B 385 -21.68 -3.08 -24.31
N ASN B 386 -22.98 -3.27 -24.11
CA ASN B 386 -23.80 -4.04 -25.04
C ASN B 386 -24.45 -3.14 -26.08
N GLY B 387 -23.90 -1.95 -26.26
CA GLY B 387 -24.42 -1.00 -27.22
C GLY B 387 -25.73 -0.38 -26.79
N GLU B 388 -26.43 -1.04 -25.87
CA GLU B 388 -27.71 -0.58 -25.38
C GLU B 388 -27.55 0.55 -24.37
N SER B 389 -26.95 1.66 -24.80
CA SER B 389 -26.64 2.75 -23.88
C SER B 389 -27.87 3.26 -23.13
N ILE B 390 -27.62 4.07 -22.11
CA ILE B 390 -28.69 4.71 -21.34
C ILE B 390 -28.28 6.17 -21.12
N TRP B 391 -27.41 6.65 -21.99
CA TRP B 391 -26.87 7.99 -21.89
C TRP B 391 -27.90 9.00 -22.39
N GLY B 392 -28.56 8.64 -23.50
CA GLY B 392 -29.55 9.51 -24.11
C GLY B 392 -28.90 10.78 -24.63
N ASP B 393 -29.32 11.91 -24.09
CA ASP B 393 -28.75 13.19 -24.49
C ASP B 393 -27.81 13.76 -23.44
N GLY B 394 -27.36 12.89 -22.54
CA GLY B 394 -26.39 13.28 -21.53
C GLY B 394 -26.93 14.20 -20.47
N ALA B 395 -28.14 13.91 -19.99
CA ALA B 395 -28.77 14.69 -18.93
C ALA B 395 -28.87 13.88 -17.66
N ALA B 396 -27.98 14.15 -16.71
CA ALA B 396 -27.90 13.38 -15.48
C ALA B 396 -29.27 13.11 -14.87
N GLU B 397 -30.13 14.11 -14.90
CA GLU B 397 -31.41 14.05 -14.21
C GLU B 397 -32.42 13.16 -14.94
N GLU B 398 -31.93 12.34 -15.87
CA GLU B 398 -32.81 11.51 -16.68
C GLU B 398 -32.31 10.08 -16.74
N GLN B 399 -30.99 9.93 -16.67
CA GLN B 399 -30.36 8.63 -16.90
C GLN B 399 -30.82 7.56 -15.91
N LEU B 400 -31.17 7.98 -14.70
CA LEU B 400 -31.62 7.04 -13.68
C LEU B 400 -32.86 6.31 -14.19
N PHE B 401 -33.80 7.09 -14.72
CA PHE B 401 -35.06 6.54 -15.19
C PHE B 401 -34.89 5.82 -16.52
N GLY B 402 -33.94 6.28 -17.33
CA GLY B 402 -33.61 5.59 -18.56
C GLY B 402 -33.14 4.18 -18.23
N LEU B 403 -32.35 4.08 -17.17
CA LEU B 403 -31.82 2.81 -16.69
C LEU B 403 -32.97 1.89 -16.29
N LEU B 404 -33.88 2.42 -15.49
CA LEU B 404 -35.02 1.65 -14.98
C LEU B 404 -35.91 1.14 -16.12
N HIS B 405 -36.33 2.04 -16.99
CA HIS B 405 -37.22 1.68 -18.08
C HIS B 405 -36.69 0.51 -18.90
N ALA B 406 -35.38 0.44 -19.07
CA ALA B 406 -34.75 -0.62 -19.83
C ALA B 406 -34.92 -1.98 -19.15
N LEU B 407 -35.08 -1.96 -17.83
CA LEU B 407 -35.32 -3.18 -17.07
C LEU B 407 -36.81 -3.49 -16.97
N PRO B 408 -37.19 -4.76 -17.23
CA PRO B 408 -38.59 -5.18 -17.11
C PRO B 408 -39.14 -4.84 -15.73
N GLY B 409 -40.29 -4.17 -15.70
CA GLY B 409 -40.88 -3.74 -14.45
C GLY B 409 -40.28 -2.42 -14.00
N GLY B 410 -39.41 -1.86 -14.84
CA GLY B 410 -38.75 -0.61 -14.54
C GLY B 410 -39.70 0.58 -14.52
N GLN B 411 -40.83 0.43 -15.19
CA GLN B 411 -41.84 1.48 -15.20
C GLN B 411 -42.31 1.80 -13.79
N ILE B 412 -42.74 0.76 -13.07
CA ILE B 412 -43.22 0.93 -11.71
C ILE B 412 -42.10 1.33 -10.74
N MET B 413 -40.96 0.65 -10.83
CA MET B 413 -39.82 0.94 -9.97
C MET B 413 -39.33 2.36 -10.20
N GLY B 414 -39.59 2.89 -11.39
CA GLY B 414 -39.28 4.27 -11.69
C GLY B 414 -39.99 5.21 -10.73
N ILE B 415 -41.24 4.89 -10.42
CA ILE B 415 -42.02 5.69 -9.47
C ILE B 415 -41.44 5.60 -8.07
N ILE B 416 -41.06 4.38 -7.68
CA ILE B 416 -40.42 4.14 -6.39
C ILE B 416 -39.15 4.99 -6.29
N ALA B 417 -38.43 5.08 -7.39
CA ALA B 417 -37.19 5.86 -7.45
C ALA B 417 -37.48 7.34 -7.24
N MET B 418 -38.58 7.81 -7.80
CA MET B 418 -38.99 9.19 -7.66
C MET B 418 -39.27 9.52 -6.21
N ILE B 419 -40.03 8.64 -5.57
CA ILE B 419 -40.39 8.81 -4.16
C ILE B 419 -39.16 8.74 -3.29
N LEU B 420 -38.39 7.66 -3.44
CA LEU B 420 -37.17 7.45 -2.68
C LEU B 420 -36.25 8.66 -2.81
N LEU B 421 -36.25 9.27 -4.00
CA LEU B 421 -35.49 10.49 -4.25
C LEU B 421 -35.95 11.61 -3.33
N GLY B 422 -37.26 11.79 -3.21
CA GLY B 422 -37.80 12.73 -2.25
C GLY B 422 -37.41 12.37 -0.83
N THR B 423 -37.51 11.08 -0.50
CA THR B 423 -37.16 10.58 0.83
C THR B 423 -35.73 10.94 1.18
N PHE B 424 -34.79 10.47 0.34
CA PHE B 424 -33.38 10.74 0.53
C PHE B 424 -33.14 12.18 0.96
N PHE B 425 -33.77 13.11 0.24
CA PHE B 425 -33.67 14.52 0.59
C PHE B 425 -34.32 14.80 1.94
N ILE B 426 -35.54 14.31 2.12
CA ILE B 426 -36.31 14.54 3.35
C ILE B 426 -35.53 14.22 4.62
N THR B 427 -35.01 13.01 4.72
CA THR B 427 -34.26 12.59 5.90
C THR B 427 -33.05 13.48 6.13
N SER B 428 -32.51 14.03 5.06
CA SER B 428 -31.35 14.92 5.15
C SER B 428 -31.77 16.34 5.49
N ALA B 429 -32.96 16.73 5.04
CA ALA B 429 -33.49 18.06 5.28
C ALA B 429 -33.89 18.26 6.75
N ASP B 430 -34.68 17.34 7.28
CA ASP B 430 -35.11 17.42 8.69
C ASP B 430 -33.93 17.54 9.64
N SER B 431 -32.97 16.63 9.52
CA SER B 431 -31.77 16.66 10.35
C SER B 431 -31.09 18.01 10.23
N ALA B 432 -30.96 18.49 9.00
CA ALA B 432 -30.38 19.80 8.75
C ALA B 432 -31.10 20.84 9.58
N SER B 433 -32.39 21.01 9.30
CA SER B 433 -33.23 22.00 9.97
C SER B 433 -33.08 21.99 11.50
N THR B 434 -33.34 20.85 12.11
CA THR B 434 -33.21 20.71 13.55
C THR B 434 -31.82 21.17 14.01
N VAL B 435 -30.79 20.58 13.41
CA VAL B 435 -29.41 20.96 13.73
C VAL B 435 -29.18 22.45 13.57
N MET B 436 -29.82 23.04 12.56
CA MET B 436 -29.70 24.48 12.33
C MET B 436 -30.19 25.24 13.56
N GLY B 437 -31.36 24.84 14.06
CA GLY B 437 -31.94 25.46 15.24
C GLY B 437 -31.06 25.31 16.47
N THR B 438 -30.30 24.22 16.51
CA THR B 438 -29.35 24.02 17.60
C THR B 438 -28.26 25.08 17.54
N MET B 439 -27.86 25.44 16.34
CA MET B 439 -26.88 26.51 16.13
C MET B 439 -27.54 27.87 16.29
N SER B 440 -28.86 27.87 16.44
CA SER B 440 -29.62 29.11 16.59
C SER B 440 -29.92 29.41 18.06
N GLN B 441 -29.63 28.45 18.93
CA GLN B 441 -29.89 28.62 20.36
C GLN B 441 -28.71 28.15 21.22
N HIS B 442 -27.53 28.66 20.90
CA HIS B 442 -26.33 28.36 21.69
C HIS B 442 -26.10 26.87 21.93
N GLY B 443 -26.75 26.02 21.14
CA GLY B 443 -26.55 24.59 21.24
C GLY B 443 -27.73 23.83 21.80
N GLN B 444 -28.91 24.45 21.78
CA GLN B 444 -30.13 23.79 22.24
C GLN B 444 -30.33 22.48 21.48
N LEU B 445 -30.24 21.36 22.18
CA LEU B 445 -30.31 20.04 21.56
C LEU B 445 -31.65 19.80 20.84
N GLU B 446 -32.74 20.07 21.54
CA GLU B 446 -34.07 19.90 20.97
C GLU B 446 -34.82 21.22 20.96
N ALA B 447 -34.41 22.11 20.06
CA ALA B 447 -34.93 23.48 20.03
C ALA B 447 -36.43 23.54 19.74
N ASN B 448 -36.99 24.74 19.86
CA ASN B 448 -38.40 24.94 19.57
C ASN B 448 -38.76 24.53 18.15
N LYS B 449 -39.78 23.67 18.03
CA LYS B 449 -40.24 23.20 16.74
C LYS B 449 -40.35 24.34 15.73
N TRP B 450 -40.87 25.47 16.21
CA TRP B 450 -41.10 26.64 15.35
C TRP B 450 -39.81 27.15 14.72
N VAL B 451 -38.69 26.98 15.41
CA VAL B 451 -37.40 27.41 14.91
C VAL B 451 -36.81 26.37 13.95
N THR B 452 -36.99 25.09 14.28
CA THR B 452 -36.50 24.01 13.43
C THR B 452 -37.40 23.87 12.20
N ALA B 453 -38.55 24.52 12.25
CA ALA B 453 -39.46 24.58 11.11
C ALA B 453 -39.30 25.91 10.40
N ALA B 454 -38.74 26.90 11.10
CA ALA B 454 -38.43 28.19 10.52
C ALA B 454 -37.30 28.04 9.51
N TRP B 455 -36.19 27.45 9.95
CA TRP B 455 -35.06 27.20 9.07
C TRP B 455 -35.38 26.14 8.02
N GLY B 456 -36.23 25.19 8.39
CA GLY B 456 -36.64 24.14 7.47
C GLY B 456 -37.28 24.70 6.21
N VAL B 457 -38.08 25.75 6.38
CA VAL B 457 -38.75 26.39 5.25
C VAL B 457 -37.88 27.50 4.66
N ALA B 458 -37.20 28.24 5.53
CA ALA B 458 -36.29 29.30 5.10
C ALA B 458 -35.29 28.77 4.07
N THR B 459 -34.56 27.73 4.46
CA THR B 459 -33.61 27.06 3.56
C THR B 459 -34.31 26.51 2.33
N ALA B 460 -35.54 26.05 2.52
CA ALA B 460 -36.34 25.46 1.44
C ALA B 460 -36.57 26.46 0.31
N ALA B 461 -37.16 27.60 0.63
CA ALA B 461 -37.47 28.63 -0.37
C ALA B 461 -36.23 29.10 -1.13
N ILE B 462 -35.06 28.91 -0.54
CA ILE B 462 -33.81 29.25 -1.20
C ILE B 462 -33.59 28.35 -2.42
N GLY B 463 -34.06 27.12 -2.33
CA GLY B 463 -33.96 26.17 -3.43
C GLY B 463 -34.56 26.73 -4.71
N LEU B 464 -35.73 27.34 -4.60
CA LEU B 464 -36.38 27.95 -5.75
C LEU B 464 -35.52 29.03 -6.38
N THR B 465 -34.84 29.81 -5.54
CA THR B 465 -33.98 30.89 -6.03
C THR B 465 -32.98 30.40 -7.07
N LEU B 466 -32.19 29.41 -6.70
CA LEU B 466 -31.12 28.91 -7.57
C LEU B 466 -31.68 28.14 -8.76
N LEU B 467 -32.89 27.61 -8.61
CA LEU B 467 -33.54 26.89 -9.70
C LEU B 467 -34.23 27.84 -10.66
N LEU B 468 -34.78 28.92 -10.13
CA LEU B 468 -35.52 29.90 -10.92
C LEU B 468 -34.68 31.12 -11.26
N SER B 469 -33.36 30.95 -11.19
CA SER B 469 -32.43 32.01 -11.57
C SER B 469 -31.98 31.83 -13.02
N GLY B 470 -32.26 30.64 -13.56
CA GLY B 470 -31.89 30.32 -14.93
C GLY B 470 -31.94 28.82 -15.19
N GLY B 471 -31.90 28.45 -16.47
CA GLY B 471 -31.95 27.05 -16.85
C GLY B 471 -30.72 26.27 -16.42
N ASP B 472 -29.58 26.58 -17.05
CA ASP B 472 -28.32 25.95 -16.69
C ASP B 472 -27.79 26.56 -15.40
N ASN B 473 -28.31 27.73 -15.04
CA ASN B 473 -27.87 28.44 -13.84
C ASN B 473 -28.31 27.77 -12.55
N ALA B 474 -29.17 26.75 -12.66
CA ALA B 474 -29.46 25.91 -11.51
C ALA B 474 -28.18 25.17 -11.17
N LEU B 475 -27.74 24.31 -12.08
CA LEU B 475 -26.49 23.59 -11.92
C LEU B 475 -25.32 24.56 -11.70
N SER B 476 -25.36 25.69 -12.41
CA SER B 476 -24.30 26.69 -12.31
C SER B 476 -24.21 27.32 -10.92
N ASN B 477 -25.36 27.72 -10.38
CA ASN B 477 -25.39 28.40 -9.09
C ASN B 477 -25.44 27.43 -7.90
N LEU B 478 -26.26 26.38 -8.02
CA LEU B 478 -26.31 25.34 -7.00
C LEU B 478 -24.90 24.82 -6.72
N GLN B 479 -24.16 24.50 -7.78
CA GLN B 479 -22.78 24.04 -7.66
C GLN B 479 -21.85 25.11 -7.08
N ASN B 480 -21.71 26.22 -7.80
CA ASN B 480 -20.77 27.27 -7.43
C ASN B 480 -21.08 27.99 -6.12
N VAL B 481 -22.29 28.50 -5.98
CA VAL B 481 -22.69 29.19 -4.74
C VAL B 481 -22.42 28.31 -3.53
N THR B 482 -22.65 27.01 -3.68
CA THR B 482 -22.36 26.06 -2.63
C THR B 482 -20.86 26.01 -2.34
N ILE B 483 -20.07 25.86 -3.39
CA ILE B 483 -18.62 25.83 -3.27
C ILE B 483 -18.13 26.98 -2.40
N VAL B 484 -18.43 28.20 -2.84
CA VAL B 484 -18.07 29.39 -2.09
C VAL B 484 -18.53 29.28 -0.64
N ALA B 485 -19.78 28.87 -0.45
CA ALA B 485 -20.36 28.73 0.88
C ALA B 485 -19.54 27.81 1.79
N ALA B 486 -18.82 26.87 1.17
CA ALA B 486 -18.01 25.93 1.92
C ALA B 486 -16.53 26.15 1.67
N THR B 487 -16.19 27.30 1.11
CA THR B 487 -14.79 27.63 0.86
C THR B 487 -14.05 27.99 2.14
N PRO B 488 -14.62 28.91 2.94
CA PRO B 488 -13.98 29.22 4.21
C PRO B 488 -14.24 28.12 5.24
N PHE B 489 -15.43 27.53 5.18
CA PHE B 489 -15.80 26.46 6.11
C PHE B 489 -14.79 25.31 6.03
N LEU B 490 -14.13 25.17 4.89
CA LEU B 490 -13.10 24.15 4.72
C LEU B 490 -12.03 24.27 5.80
N PHE B 491 -11.55 25.50 6.00
CA PHE B 491 -10.56 25.78 7.03
C PHE B 491 -11.11 25.44 8.41
N VAL B 492 -12.40 25.72 8.62
CA VAL B 492 -13.08 25.36 9.86
C VAL B 492 -12.98 23.87 10.12
N VAL B 493 -13.12 23.07 9.06
CA VAL B 493 -13.06 21.61 9.17
C VAL B 493 -11.63 21.15 9.38
N ILE B 494 -10.66 21.97 8.95
CA ILE B 494 -9.26 21.64 9.15
C ILE B 494 -8.75 22.20 10.48
N GLY B 495 -9.49 23.16 11.04
CA GLY B 495 -9.18 23.71 12.34
C GLY B 495 -9.58 22.76 13.46
N LEU B 496 -10.79 22.22 13.35
CA LEU B 496 -11.26 21.19 14.26
C LEU B 496 -10.23 20.07 14.34
N MET B 497 -9.52 19.88 13.24
CA MET B 497 -8.50 18.83 13.16
C MET B 497 -7.37 19.08 14.16
N PHE B 498 -7.33 20.29 14.72
CA PHE B 498 -6.36 20.64 15.75
C PHE B 498 -7.01 20.73 17.12
N ALA B 499 -8.05 21.55 17.23
CA ALA B 499 -8.77 21.72 18.49
C ALA B 499 -9.20 20.37 19.07
N LEU B 500 -9.58 19.46 18.18
CA LEU B 500 -9.98 18.12 18.59
C LEU B 500 -8.81 17.35 19.19
N VAL B 501 -7.62 17.54 18.65
CA VAL B 501 -6.43 16.86 19.14
C VAL B 501 -6.10 17.26 20.58
N LYS B 502 -5.97 18.57 20.80
CA LYS B 502 -5.68 19.09 22.13
C LYS B 502 -6.81 18.73 23.09
N ASP B 503 -8.04 18.96 22.68
CA ASP B 503 -9.21 18.58 23.46
C ASP B 503 -9.14 17.09 23.82
N LEU B 504 -8.49 16.31 22.96
CA LEU B 504 -8.33 14.88 23.21
C LEU B 504 -7.21 14.60 24.20
N SER B 505 -5.99 14.98 23.83
CA SER B 505 -4.82 14.71 24.66
C SER B 505 -5.08 15.05 26.13
N ASN B 506 -5.67 16.21 26.36
CA ASN B 506 -5.98 16.66 27.71
C ASN B 506 -7.30 16.08 28.22
N ASP B 507 -7.43 14.75 28.14
CA ASP B 507 -8.63 14.06 28.60
C ASP B 507 -8.28 13.10 29.73
N VAL B 508 -9.17 13.01 30.72
CA VAL B 508 -8.96 12.18 31.90
C VAL B 508 -8.49 10.77 31.57
N ILE B 509 -9.30 10.03 30.83
CA ILE B 509 -8.97 8.63 30.50
C ILE B 509 -7.61 8.53 29.82
N TYR B 510 -7.18 9.63 29.20
CA TYR B 510 -5.88 9.66 28.52
C TYR B 510 -4.77 10.12 29.45
N LEU B 511 -5.08 11.10 30.30
CA LEU B 511 -4.13 11.61 31.28
C LEU B 511 -3.74 10.51 32.27
N GLU B 512 -4.64 9.55 32.46
CA GLU B 512 -4.43 8.47 33.41
C GLU B 512 -3.64 7.34 32.78
N TYR B 513 -3.37 7.46 31.49
CA TYR B 513 -2.67 6.40 30.75
C TYR B 513 -1.24 6.79 30.36
N ARG B 514 -1.02 8.09 30.18
CA ARG B 514 0.27 8.58 29.71
C ARG B 514 1.40 8.26 30.70
N GLU B 515 1.02 7.86 31.91
CA GLU B 515 1.99 7.57 32.96
C GLU B 515 2.56 6.16 32.80
N GLN B 516 3.63 6.03 32.02
CA GLN B 516 4.32 4.76 31.85
C GLN B 516 5.75 4.83 32.36
N GLN B 517 6.38 3.67 32.52
CA GLN B 517 7.77 3.58 32.97
C GLN B 517 8.14 4.69 33.95
N GLN C 15 -10.06 -54.49 10.61
CA GLN C 15 -11.16 -53.54 10.47
C GLN C 15 -11.16 -52.54 11.61
N ALA C 16 -12.01 -51.52 11.50
CA ALA C 16 -12.10 -50.49 12.53
C ALA C 16 -13.41 -49.69 12.42
N SER C 17 -13.51 -48.62 13.18
CA SER C 17 -14.72 -47.81 13.23
C SER C 17 -14.64 -46.57 12.33
N LEU C 18 -13.58 -46.48 11.55
CA LEU C 18 -13.41 -45.37 10.62
C LEU C 18 -14.69 -45.10 9.83
N ASN C 19 -15.24 -43.90 10.01
CA ASN C 19 -16.54 -43.55 9.46
C ASN C 19 -16.74 -43.94 8.01
N TRP C 20 -17.62 -44.91 7.77
CA TRP C 20 -18.01 -45.27 6.41
C TRP C 20 -18.76 -44.12 5.77
N SER C 21 -19.57 -43.44 6.57
CA SER C 21 -20.38 -42.32 6.08
C SER C 21 -19.53 -41.19 5.52
N VAL C 22 -18.22 -41.35 5.61
CA VAL C 22 -17.30 -40.35 5.06
C VAL C 22 -16.43 -40.97 3.96
N ILE C 23 -16.25 -42.28 4.04
CA ILE C 23 -15.41 -42.99 3.09
C ILE C 23 -16.21 -43.49 1.89
N VAL C 24 -17.44 -43.92 2.13
CA VAL C 24 -18.31 -44.42 1.05
C VAL C 24 -18.78 -43.28 0.12
N PRO C 25 -19.25 -42.16 0.72
CA PRO C 25 -19.65 -41.01 -0.10
C PRO C 25 -18.45 -40.42 -0.85
N ALA C 26 -17.26 -40.55 -0.28
CA ALA C 26 -16.04 -40.11 -0.94
C ALA C 26 -15.70 -41.04 -2.10
N LEU C 27 -15.70 -42.34 -1.84
CA LEU C 27 -15.43 -43.34 -2.88
C LEU C 27 -16.41 -43.24 -4.04
N VAL C 28 -17.70 -43.37 -3.74
CA VAL C 28 -18.72 -43.34 -4.77
C VAL C 28 -18.49 -42.19 -5.75
N ILE C 29 -18.15 -41.01 -5.23
CA ILE C 29 -17.94 -39.83 -6.07
C ILE C 29 -16.63 -39.92 -6.86
N VAL C 30 -15.62 -40.55 -6.27
CA VAL C 30 -14.37 -40.78 -6.98
C VAL C 30 -14.55 -41.82 -8.06
N LEU C 31 -15.12 -42.97 -7.69
CA LEU C 31 -15.39 -44.04 -8.64
C LEU C 31 -16.37 -43.58 -9.72
N ALA C 32 -17.46 -42.96 -9.30
CA ALA C 32 -18.44 -42.42 -10.23
C ALA C 32 -17.74 -41.55 -11.27
N THR C 33 -16.78 -40.76 -10.82
CA THR C 33 -16.01 -39.90 -11.70
C THR C 33 -15.04 -40.71 -12.58
N VAL C 34 -14.51 -41.79 -12.02
CA VAL C 34 -13.64 -42.68 -12.79
C VAL C 34 -14.46 -43.46 -13.82
N VAL C 35 -15.66 -43.87 -13.42
CA VAL C 35 -16.57 -44.58 -14.32
C VAL C 35 -17.17 -43.63 -15.34
N TRP C 36 -17.70 -42.51 -14.85
CA TRP C 36 -18.30 -41.50 -15.70
C TRP C 36 -17.23 -40.73 -16.48
N GLY C 37 -15.97 -40.97 -16.12
CA GLY C 37 -14.85 -40.39 -16.83
C GLY C 37 -14.35 -41.34 -17.91
N ILE C 38 -14.31 -42.62 -17.57
CA ILE C 38 -13.85 -43.67 -18.48
C ILE C 38 -15.00 -44.21 -19.35
N GLY C 39 -16.09 -44.61 -18.69
CA GLY C 39 -17.26 -45.14 -19.38
C GLY C 39 -17.92 -44.11 -20.27
N PHE C 40 -18.20 -42.94 -19.71
CA PHE C 40 -18.78 -41.84 -20.49
C PHE C 40 -17.74 -40.74 -20.70
N LYS C 41 -16.74 -41.04 -21.51
CA LYS C 41 -15.64 -40.12 -21.77
C LYS C 41 -16.01 -39.02 -22.76
N ASP C 42 -17.30 -38.93 -23.09
CA ASP C 42 -17.80 -37.90 -24.00
C ASP C 42 -18.93 -37.11 -23.36
N SER C 43 -19.67 -37.77 -22.47
CA SER C 43 -20.73 -37.10 -21.74
C SER C 43 -20.22 -36.66 -20.37
N PHE C 44 -18.90 -36.65 -20.23
CA PHE C 44 -18.24 -36.15 -19.04
C PHE C 44 -17.63 -34.78 -19.32
N THR C 45 -16.87 -34.70 -20.41
CA THR C 45 -16.28 -33.44 -20.84
C THR C 45 -17.35 -32.36 -20.95
N ASN C 46 -18.59 -32.78 -21.21
CA ASN C 46 -19.72 -31.86 -21.29
C ASN C 46 -20.03 -31.25 -19.94
N PHE C 47 -20.32 -32.09 -18.96
CA PHE C 47 -20.56 -31.64 -17.59
C PHE C 47 -19.40 -30.77 -17.11
N ALA C 48 -18.20 -31.10 -17.56
CA ALA C 48 -17.01 -30.33 -17.21
C ALA C 48 -17.13 -28.89 -17.67
N SER C 49 -17.08 -28.69 -18.99
CA SER C 49 -17.20 -27.35 -19.56
C SER C 49 -18.55 -26.70 -19.21
N SER C 50 -19.58 -27.51 -19.08
CA SER C 50 -20.91 -27.02 -18.74
C SER C 50 -20.91 -26.39 -17.35
N ALA C 51 -20.38 -27.12 -16.38
CA ALA C 51 -20.29 -26.62 -15.01
C ALA C 51 -19.25 -25.51 -14.90
N LEU C 52 -18.07 -25.75 -15.45
CA LEU C 52 -17.00 -24.75 -15.43
C LEU C 52 -17.51 -23.39 -15.88
N SER C 53 -18.44 -23.39 -16.84
CA SER C 53 -19.03 -22.16 -17.35
C SER C 53 -19.97 -21.53 -16.33
N ALA C 54 -20.74 -22.36 -15.64
CA ALA C 54 -21.61 -21.87 -14.57
C ALA C 54 -20.79 -21.34 -13.41
N VAL C 55 -19.84 -22.16 -12.95
CA VAL C 55 -18.97 -21.80 -11.83
C VAL C 55 -18.20 -20.51 -12.08
N VAL C 56 -17.54 -20.42 -13.24
CA VAL C 56 -16.71 -19.25 -13.52
C VAL C 56 -17.56 -18.00 -13.76
N ASP C 57 -18.70 -18.16 -14.43
CA ASP C 57 -19.57 -17.03 -14.68
C ASP C 57 -20.26 -16.54 -13.41
N ASN C 58 -20.96 -17.45 -12.73
CA ASN C 58 -21.79 -17.12 -11.58
C ASN C 58 -21.06 -17.08 -10.23
N LEU C 59 -19.96 -17.80 -10.12
CA LEU C 59 -19.20 -17.86 -8.87
C LEU C 59 -17.79 -17.32 -9.02
N GLY C 60 -17.54 -16.58 -10.09
CA GLY C 60 -16.23 -16.00 -10.30
C GLY C 60 -16.00 -14.85 -9.32
N TRP C 61 -17.00 -13.99 -9.19
CA TRP C 61 -16.91 -12.87 -8.28
C TRP C 61 -16.56 -13.35 -6.88
N ALA C 62 -17.04 -14.54 -6.52
CA ALA C 62 -16.76 -15.13 -5.21
C ALA C 62 -15.27 -15.49 -5.02
N PHE C 63 -14.78 -16.42 -5.83
CA PHE C 63 -13.36 -16.80 -5.79
C PHE C 63 -12.48 -15.55 -5.80
N ILE C 64 -12.87 -14.55 -6.57
CA ILE C 64 -12.14 -13.30 -6.66
C ILE C 64 -12.23 -12.48 -5.38
N LEU C 65 -13.46 -12.12 -4.99
CA LEU C 65 -13.68 -11.31 -3.79
C LEU C 65 -13.08 -11.94 -2.54
N PHE C 66 -13.39 -13.20 -2.29
CA PHE C 66 -12.92 -13.86 -1.08
C PHE C 66 -11.44 -14.23 -1.12
N GLY C 67 -10.93 -14.59 -2.29
CA GLY C 67 -9.53 -14.89 -2.44
C GLY C 67 -8.67 -13.83 -1.77
N THR C 68 -9.02 -12.58 -2.02
CA THR C 68 -8.34 -11.44 -1.41
C THR C 68 -8.80 -11.25 0.04
N VAL C 69 -10.07 -11.54 0.32
CA VAL C 69 -10.55 -11.47 1.70
C VAL C 69 -9.60 -12.26 2.60
N PHE C 70 -9.52 -13.57 2.35
CA PHE C 70 -8.64 -14.44 3.11
C PHE C 70 -7.30 -13.76 3.44
N VAL C 71 -6.73 -13.05 2.48
CA VAL C 71 -5.43 -12.41 2.73
C VAL C 71 -5.55 -11.30 3.77
N PHE C 72 -6.61 -10.49 3.68
CA PHE C 72 -6.84 -9.50 4.70
C PHE C 72 -7.11 -10.16 6.05
N PHE C 73 -8.15 -11.00 6.08
CA PHE C 73 -8.51 -11.74 7.29
C PHE C 73 -7.29 -12.29 8.00
N ILE C 74 -6.49 -13.05 7.27
CA ILE C 74 -5.30 -13.69 7.85
C ILE C 74 -4.34 -12.68 8.43
N VAL C 75 -4.06 -11.62 7.67
CA VAL C 75 -3.09 -10.64 8.12
C VAL C 75 -3.63 -9.88 9.33
N VAL C 76 -4.91 -9.55 9.30
CA VAL C 76 -5.55 -8.92 10.46
C VAL C 76 -5.46 -9.80 11.70
N ILE C 77 -5.54 -11.11 11.52
CA ILE C 77 -5.47 -12.03 12.67
C ILE C 77 -4.06 -12.13 13.28
N ALA C 78 -3.04 -11.77 12.51
CA ALA C 78 -1.68 -11.80 13.04
C ALA C 78 -1.41 -10.54 13.82
N ALA C 79 -1.82 -9.42 13.24
CA ALA C 79 -1.64 -8.13 13.88
C ALA C 79 -2.56 -8.06 15.09
N SER C 80 -3.66 -8.80 15.04
CA SER C 80 -4.65 -8.78 16.11
C SER C 80 -4.03 -9.26 17.40
N LYS C 81 -4.71 -9.01 18.52
CA LYS C 81 -4.23 -9.44 19.82
C LYS C 81 -4.28 -10.96 19.94
N PHE C 82 -4.92 -11.61 18.97
CA PHE C 82 -4.93 -13.07 18.91
C PHE C 82 -3.55 -13.61 18.52
N GLY C 83 -2.75 -12.76 17.87
CA GLY C 83 -1.46 -13.18 17.37
C GLY C 83 -0.53 -13.72 18.43
N THR C 84 -0.76 -13.33 19.68
CA THR C 84 0.09 -13.78 20.78
C THR C 84 -0.24 -15.20 21.21
N ILE C 85 -1.53 -15.56 21.13
CA ILE C 85 -1.95 -16.91 21.45
C ILE C 85 -1.05 -17.90 20.72
N ARG C 86 -0.77 -19.04 21.34
CA ARG C 86 0.02 -20.06 20.68
C ARG C 86 -0.75 -21.36 20.49
N LEU C 87 -0.54 -21.98 19.34
CA LEU C 87 -1.23 -23.21 18.98
C LEU C 87 -0.85 -24.36 19.93
N GLY C 88 -1.67 -24.55 20.96
CA GLY C 88 -1.47 -25.61 21.94
C GLY C 88 -1.94 -25.18 23.31
N ARG C 89 -1.55 -25.93 24.34
CA ARG C 89 -1.86 -25.52 25.70
C ARG C 89 -1.20 -24.17 25.99
N ILE C 90 -1.68 -23.47 27.00
CA ILE C 90 -1.19 -22.13 27.29
C ILE C 90 0.34 -22.08 27.35
N ASP C 91 0.92 -21.04 26.76
CA ASP C 91 2.36 -20.81 26.83
C ASP C 91 3.21 -21.95 26.27
N GLU C 92 2.59 -22.85 25.49
CA GLU C 92 3.34 -23.95 24.89
C GLU C 92 4.42 -23.43 23.92
N ALA C 93 5.35 -24.30 23.55
CA ALA C 93 6.46 -23.90 22.69
C ALA C 93 6.64 -24.90 21.56
N PRO C 94 7.37 -24.50 20.51
CA PRO C 94 7.54 -25.33 19.32
C PRO C 94 8.26 -26.65 19.61
N GLU C 95 7.88 -27.69 18.87
CA GLU C 95 8.54 -28.98 18.98
C GLU C 95 9.86 -28.93 18.20
N PHE C 96 9.89 -28.10 17.17
CA PHE C 96 11.09 -27.92 16.36
C PHE C 96 11.61 -26.49 16.49
N ARG C 97 12.86 -26.28 16.12
CA ARG C 97 13.41 -24.93 16.16
C ARG C 97 12.89 -24.12 14.98
N THR C 98 12.74 -22.81 15.20
CA THR C 98 12.19 -21.93 14.18
C THR C 98 12.89 -22.08 12.82
N VAL C 99 14.13 -22.53 12.85
CA VAL C 99 14.88 -22.72 11.61
C VAL C 99 14.55 -24.06 10.92
N SER C 100 14.34 -25.11 11.71
CA SER C 100 13.88 -26.38 11.17
C SER C 100 12.46 -26.23 10.66
N TRP C 101 11.68 -25.45 11.39
CA TRP C 101 10.33 -25.09 10.98
C TRP C 101 10.36 -24.55 9.56
N ILE C 102 11.04 -23.41 9.38
CA ILE C 102 11.19 -22.79 8.07
C ILE C 102 11.59 -23.80 7.00
N SER C 103 12.64 -24.58 7.29
CA SER C 103 13.15 -25.56 6.34
C SER C 103 12.07 -26.54 5.88
N MET C 104 11.04 -26.74 6.70
CA MET C 104 9.95 -27.64 6.34
C MET C 104 8.90 -26.98 5.43
N MET C 105 8.70 -25.68 5.60
CA MET C 105 7.79 -24.93 4.72
C MET C 105 8.45 -24.70 3.36
N PHE C 106 9.77 -24.50 3.38
CA PHE C 106 10.55 -24.42 2.16
C PHE C 106 10.29 -25.67 1.34
N ALA C 107 10.33 -26.82 2.00
CA ALA C 107 10.03 -28.10 1.36
C ALA C 107 8.62 -28.12 0.79
N ALA C 108 7.68 -27.55 1.53
CA ALA C 108 6.28 -27.50 1.11
C ALA C 108 6.10 -26.60 -0.11
N GLY C 109 6.95 -25.59 -0.22
CA GLY C 109 6.88 -24.66 -1.34
C GLY C 109 7.07 -25.37 -2.67
N MET C 110 8.30 -25.83 -2.92
CA MET C 110 8.63 -26.56 -4.14
C MET C 110 7.74 -27.78 -4.34
N GLY C 111 7.32 -28.02 -5.57
CA GLY C 111 6.43 -29.12 -5.90
C GLY C 111 6.08 -29.15 -7.37
N ILE C 112 5.10 -29.98 -7.74
CA ILE C 112 4.73 -30.13 -9.14
C ILE C 112 4.24 -28.82 -9.76
N GLY C 113 3.32 -28.15 -9.08
CA GLY C 113 2.82 -26.87 -9.55
C GLY C 113 3.93 -25.96 -10.03
N LEU C 114 5.00 -25.89 -9.25
CA LEU C 114 6.16 -25.08 -9.60
C LEU C 114 6.89 -25.65 -10.83
N MET C 115 6.99 -26.97 -10.89
CA MET C 115 7.58 -27.62 -12.05
C MET C 115 6.84 -27.24 -13.33
N PHE C 116 5.54 -27.50 -13.33
CA PHE C 116 4.69 -27.28 -14.49
C PHE C 116 4.60 -25.80 -14.88
N TYR C 117 4.05 -24.98 -13.98
CA TYR C 117 3.75 -23.60 -14.27
C TYR C 117 4.89 -22.62 -13.95
N GLY C 118 6.05 -23.14 -13.59
CA GLY C 118 7.19 -22.30 -13.25
C GLY C 118 7.77 -21.60 -14.46
N THR C 119 7.80 -22.31 -15.59
CA THR C 119 8.34 -21.75 -16.82
C THR C 119 7.22 -21.20 -17.70
N THR C 120 6.13 -21.96 -17.79
CA THR C 120 5.03 -21.61 -18.68
C THR C 120 4.31 -20.33 -18.31
N GLU C 121 3.90 -20.21 -17.04
CA GLU C 121 3.02 -19.13 -16.63
C GLU C 121 3.57 -17.73 -16.90
N PRO C 122 4.74 -17.41 -16.34
CA PRO C 122 5.33 -16.10 -16.60
C PRO C 122 5.48 -15.85 -18.10
N LEU C 123 6.33 -16.62 -18.76
CA LEU C 123 6.50 -16.52 -20.20
C LEU C 123 5.19 -16.19 -20.92
N THR C 124 4.15 -16.96 -20.65
CA THR C 124 2.83 -16.77 -21.25
C THR C 124 2.30 -15.34 -21.10
N PHE C 125 2.38 -14.80 -19.88
CA PHE C 125 1.98 -13.41 -19.60
C PHE C 125 2.91 -12.40 -20.29
N TYR C 126 4.08 -12.85 -20.71
CA TYR C 126 4.96 -12.02 -21.50
C TYR C 126 4.52 -12.08 -22.95
N ARG C 127 4.73 -13.23 -23.58
CA ARG C 127 4.33 -13.44 -24.98
C ARG C 127 2.98 -12.82 -25.29
N ASN C 128 2.00 -13.09 -24.45
CA ASN C 128 0.63 -12.70 -24.72
C ASN C 128 0.14 -11.47 -23.95
N GLY C 129 0.83 -11.14 -22.86
CA GLY C 129 0.39 -10.09 -21.97
C GLY C 129 -0.90 -10.49 -21.27
N VAL C 130 -1.15 -9.91 -20.11
CA VAL C 130 -2.36 -10.21 -19.37
C VAL C 130 -3.44 -9.19 -19.74
N PRO C 131 -4.70 -9.45 -19.34
CA PRO C 131 -5.75 -8.46 -19.61
C PRO C 131 -5.41 -7.09 -19.03
N GLY C 132 -6.07 -6.05 -19.53
CA GLY C 132 -5.88 -4.70 -19.03
C GLY C 132 -4.45 -4.21 -19.15
N HIS C 133 -3.57 -5.04 -19.69
CA HIS C 133 -2.16 -4.66 -19.84
C HIS C 133 -1.60 -5.00 -21.22
N ASP C 134 -0.57 -4.28 -21.62
CA ASP C 134 0.14 -4.56 -22.87
C ASP C 134 0.88 -5.88 -22.77
N GLU C 135 1.32 -6.40 -23.91
CA GLU C 135 2.10 -7.63 -23.94
C GLU C 135 3.58 -7.30 -23.85
N HIS C 136 4.39 -8.34 -23.66
CA HIS C 136 5.81 -8.16 -23.42
C HIS C 136 6.05 -7.15 -22.32
N ASN C 137 5.42 -7.40 -21.17
CA ASN C 137 5.60 -6.59 -19.98
C ASN C 137 6.21 -7.44 -18.89
N VAL C 138 7.53 -7.30 -18.70
CA VAL C 138 8.28 -8.14 -17.77
C VAL C 138 7.72 -8.08 -16.36
N GLY C 139 7.50 -6.88 -15.86
CA GLY C 139 6.91 -6.71 -14.55
C GLY C 139 5.61 -7.46 -14.40
N VAL C 140 4.60 -7.05 -15.16
CA VAL C 140 3.26 -7.62 -15.06
C VAL C 140 3.23 -9.15 -15.18
N ALA C 141 4.11 -9.68 -16.03
CA ALA C 141 4.19 -11.12 -16.25
C ALA C 141 4.58 -11.81 -14.96
N MET C 142 5.48 -11.18 -14.21
CA MET C 142 5.90 -11.68 -12.91
C MET C 142 4.90 -11.31 -11.83
N SER C 143 4.56 -10.04 -11.75
CA SER C 143 3.66 -9.55 -10.72
C SER C 143 2.38 -10.37 -10.67
N THR C 144 1.91 -10.83 -11.83
CA THR C 144 0.72 -11.68 -11.87
C THR C 144 1.03 -13.08 -11.36
N THR C 145 2.14 -13.65 -11.81
CA THR C 145 2.57 -14.97 -11.37
C THR C 145 2.61 -14.98 -9.85
N MET C 146 3.35 -14.03 -9.29
CA MET C 146 3.45 -13.86 -7.84
C MET C 146 2.07 -13.89 -7.19
N PHE C 147 1.18 -13.05 -7.71
CA PHE C 147 -0.20 -12.96 -7.26
C PHE C 147 -0.90 -14.31 -7.19
N HIS C 148 -0.44 -15.27 -7.99
CA HIS C 148 -1.08 -16.58 -8.07
C HIS C 148 -0.48 -17.56 -7.05
N TRP C 149 0.82 -17.43 -6.79
CA TRP C 149 1.55 -18.45 -6.03
C TRP C 149 2.05 -18.01 -4.65
N THR C 150 1.97 -16.72 -4.34
CA THR C 150 2.45 -16.23 -3.06
C THR C 150 1.33 -15.96 -2.05
N LEU C 151 1.06 -14.70 -1.75
CA LEU C 151 0.14 -14.41 -0.65
C LEU C 151 -1.15 -15.21 -0.75
N HIS C 152 -2.00 -14.86 -1.72
CA HIS C 152 -3.33 -15.46 -1.88
C HIS C 152 -3.45 -16.97 -1.60
N PRO C 153 -2.59 -17.79 -2.25
CA PRO C 153 -2.67 -19.24 -2.04
C PRO C 153 -2.37 -19.64 -0.59
N TRP C 154 -1.30 -19.11 -0.03
CA TRP C 154 -0.92 -19.48 1.34
C TRP C 154 -1.83 -18.90 2.41
N ALA C 155 -2.39 -17.72 2.17
CA ALA C 155 -3.38 -17.16 3.08
C ALA C 155 -4.51 -18.17 3.28
N ILE C 156 -4.90 -18.84 2.20
CA ILE C 156 -5.90 -19.91 2.31
C ILE C 156 -5.38 -21.01 3.22
N TYR C 157 -4.30 -21.67 2.82
CA TYR C 157 -3.72 -22.75 3.62
C TYR C 157 -3.56 -22.31 5.07
N ALA C 158 -3.01 -21.11 5.27
CA ALA C 158 -2.76 -20.60 6.61
C ALA C 158 -4.05 -20.54 7.43
N ILE C 159 -5.17 -20.23 6.82
CA ILE C 159 -6.44 -20.24 7.54
C ILE C 159 -6.80 -21.65 8.00
N VAL C 160 -6.96 -22.56 7.05
CA VAL C 160 -7.26 -23.96 7.33
C VAL C 160 -6.27 -24.55 8.35
N GLY C 161 -4.98 -24.38 8.06
CA GLY C 161 -3.95 -24.81 8.98
C GLY C 161 -4.19 -24.24 10.36
N LEU C 162 -4.07 -22.92 10.47
CA LEU C 162 -4.39 -22.21 11.70
C LEU C 162 -5.64 -22.78 12.38
N ALA C 163 -6.65 -23.10 11.58
CA ALA C 163 -7.89 -23.68 12.10
C ALA C 163 -7.64 -25.05 12.73
N ILE C 164 -7.15 -25.99 11.92
CA ILE C 164 -6.88 -27.34 12.41
C ILE C 164 -5.88 -27.36 13.58
N ALA C 165 -4.89 -26.46 13.55
CA ALA C 165 -3.90 -26.39 14.62
C ALA C 165 -4.50 -25.89 15.93
N TYR C 166 -5.44 -24.95 15.84
CA TYR C 166 -6.07 -24.41 17.04
C TYR C 166 -7.04 -25.41 17.65
N SER C 167 -7.95 -25.91 16.83
CA SER C 167 -8.93 -26.90 17.26
C SER C 167 -8.27 -28.10 17.93
N THR C 168 -7.17 -28.57 17.33
CA THR C 168 -6.47 -29.76 17.82
C THR C 168 -5.64 -29.50 19.07
N PHE C 169 -4.72 -28.53 18.99
CA PHE C 169 -3.75 -28.28 20.05
C PHE C 169 -4.27 -27.36 21.17
N ARG C 170 -4.80 -26.19 20.80
CA ARG C 170 -5.26 -25.23 21.80
C ARG C 170 -6.45 -25.77 22.58
N VAL C 171 -7.46 -26.26 21.87
CA VAL C 171 -8.65 -26.80 22.52
C VAL C 171 -8.45 -28.26 22.90
N GLY C 172 -8.53 -29.14 21.91
CA GLY C 172 -8.36 -30.56 22.13
C GLY C 172 -9.34 -31.40 21.33
N ARG C 173 -9.95 -30.78 20.33
CA ARG C 173 -10.87 -31.49 19.45
C ARG C 173 -10.10 -32.42 18.53
N LYS C 174 -10.80 -33.39 17.93
CA LYS C 174 -10.16 -34.31 17.02
C LYS C 174 -9.55 -33.54 15.86
N GLN C 175 -8.52 -34.12 15.24
CA GLN C 175 -7.88 -33.47 14.10
C GLN C 175 -8.71 -33.64 12.85
N LEU C 176 -9.77 -32.86 12.76
CA LEU C 176 -10.73 -32.97 11.67
C LEU C 176 -11.26 -31.58 11.32
N LEU C 177 -11.74 -31.42 10.09
CA LEU C 177 -12.28 -30.15 9.66
C LEU C 177 -13.63 -29.86 10.33
N SER C 178 -14.44 -30.89 10.53
CA SER C 178 -15.72 -30.74 11.22
C SER C 178 -15.52 -30.02 12.55
N SER C 179 -14.57 -30.51 13.35
CA SER C 179 -14.30 -29.95 14.66
C SER C 179 -13.91 -28.47 14.56
N ALA C 180 -13.32 -28.09 13.44
CA ALA C 180 -12.93 -26.70 13.22
C ALA C 180 -14.16 -25.80 13.19
N PHE C 181 -15.32 -26.42 12.97
CA PHE C 181 -16.58 -25.68 12.88
C PHE C 181 -17.44 -25.74 14.14
N VAL C 182 -16.95 -26.45 15.15
CA VAL C 182 -17.68 -26.58 16.43
C VAL C 182 -18.28 -25.27 16.96
N PRO C 183 -17.51 -24.16 16.94
CA PRO C 183 -18.03 -22.89 17.46
C PRO C 183 -19.35 -22.47 16.80
N LEU C 184 -19.56 -22.88 15.56
CA LEU C 184 -20.77 -22.52 14.82
C LEU C 184 -21.74 -23.68 14.70
N ILE C 185 -21.25 -24.80 14.17
CA ILE C 185 -22.05 -25.99 13.92
C ILE C 185 -22.48 -26.66 15.23
N GLY C 186 -21.75 -26.38 16.30
CA GLY C 186 -22.02 -26.98 17.60
C GLY C 186 -21.26 -28.27 17.83
N GLU C 187 -21.27 -28.76 19.06
CA GLU C 187 -20.61 -30.01 19.39
C GLU C 187 -21.26 -31.18 18.64
N LYS C 188 -22.59 -31.21 18.64
CA LYS C 188 -23.34 -32.27 18.00
C LYS C 188 -23.20 -32.23 16.48
N GLY C 189 -22.68 -31.12 15.98
CA GLY C 189 -22.57 -30.92 14.55
C GLY C 189 -21.41 -31.62 13.88
N ALA C 190 -20.26 -31.66 14.57
CA ALA C 190 -19.06 -32.25 14.01
C ALA C 190 -19.25 -33.74 13.71
N GLU C 191 -20.08 -34.40 14.51
CA GLU C 191 -20.37 -35.81 14.32
C GLU C 191 -21.62 -35.97 13.45
N GLY C 192 -22.43 -34.92 13.38
CA GLY C 192 -23.68 -34.95 12.63
C GLY C 192 -23.51 -35.06 11.13
N TRP C 193 -24.45 -34.48 10.39
CA TRP C 193 -24.44 -34.57 8.93
C TRP C 193 -23.43 -33.59 8.32
N LEU C 194 -23.45 -32.35 8.78
CA LEU C 194 -22.49 -31.35 8.32
C LEU C 194 -21.07 -31.79 8.66
N GLY C 195 -20.86 -32.21 9.91
CA GLY C 195 -19.57 -32.68 10.35
C GLY C 195 -18.96 -33.70 9.41
N LYS C 196 -19.82 -34.58 8.88
CA LYS C 196 -19.39 -35.56 7.89
C LYS C 196 -19.32 -34.92 6.51
N LEU C 197 -20.34 -34.12 6.17
CA LEU C 197 -20.38 -33.40 4.91
C LEU C 197 -19.09 -32.61 4.72
N ILE C 198 -18.83 -31.71 5.67
CA ILE C 198 -17.64 -30.86 5.65
C ILE C 198 -16.37 -31.69 5.48
N ASP C 199 -16.27 -32.78 6.22
CA ASP C 199 -15.11 -33.66 6.15
C ASP C 199 -15.13 -34.55 4.89
N ILE C 200 -16.29 -34.65 4.25
CA ILE C 200 -16.40 -35.34 2.97
C ILE C 200 -15.91 -34.41 1.86
N LEU C 201 -16.54 -33.25 1.74
CA LEU C 201 -16.11 -32.23 0.79
C LEU C 201 -14.60 -32.02 0.91
N ALA C 202 -14.11 -31.99 2.14
CA ALA C 202 -12.68 -31.86 2.41
C ALA C 202 -11.89 -32.96 1.72
N ILE C 203 -12.40 -34.19 1.80
CA ILE C 203 -11.76 -35.35 1.18
C ILE C 203 -11.74 -35.28 -0.34
N ILE C 204 -12.92 -35.19 -0.96
CA ILE C 204 -13.00 -35.08 -2.42
C ILE C 204 -12.22 -33.87 -2.90
N ALA C 205 -12.21 -32.81 -2.09
CA ALA C 205 -11.44 -31.62 -2.40
C ALA C 205 -9.97 -31.98 -2.56
N THR C 206 -9.47 -32.71 -1.58
CA THR C 206 -8.08 -33.18 -1.59
C THR C 206 -7.84 -34.16 -2.73
N VAL C 207 -8.87 -34.90 -3.10
CA VAL C 207 -8.75 -35.90 -4.17
C VAL C 207 -8.41 -35.25 -5.50
N PHE C 208 -9.29 -34.40 -5.99
CA PHE C 208 -9.06 -33.69 -7.24
C PHE C 208 -8.00 -32.61 -7.05
N GLY C 209 -7.85 -32.15 -5.82
CA GLY C 209 -6.82 -31.18 -5.49
C GLY C 209 -5.45 -31.77 -5.77
N THR C 210 -5.19 -32.94 -5.20
CA THR C 210 -3.96 -33.66 -5.44
C THR C 210 -3.94 -34.23 -6.86
N ALA C 211 -4.96 -35.02 -7.19
CA ALA C 211 -5.06 -35.65 -8.51
C ALA C 211 -4.76 -34.66 -9.61
N CYS C 212 -5.07 -33.40 -9.35
CA CYS C 212 -4.74 -32.34 -10.28
C CYS C 212 -3.22 -32.24 -10.42
N SER C 213 -2.56 -32.11 -9.28
CA SER C 213 -1.10 -32.06 -9.22
C SER C 213 -0.51 -33.29 -9.89
N LEU C 214 -1.11 -34.45 -9.62
CA LEU C 214 -0.68 -35.74 -10.16
C LEU C 214 -0.73 -35.77 -11.69
N GLY C 215 -1.86 -35.36 -12.23
CA GLY C 215 -2.03 -35.27 -13.67
C GLY C 215 -0.95 -34.43 -14.33
N LEU C 216 -0.76 -33.21 -13.83
CA LEU C 216 0.25 -32.30 -14.37
C LEU C 216 1.59 -33.01 -14.48
N GLY C 217 2.01 -33.66 -13.40
CA GLY C 217 3.22 -34.46 -13.40
C GLY C 217 3.18 -35.49 -14.50
N ALA C 218 2.25 -36.43 -14.40
CA ALA C 218 2.13 -37.51 -15.38
C ALA C 218 2.14 -36.99 -16.82
N LEU C 219 1.47 -35.86 -17.06
CA LEU C 219 1.42 -35.26 -18.38
C LEU C 219 2.74 -34.59 -18.74
N GLN C 220 3.32 -33.88 -17.78
CA GLN C 220 4.60 -33.21 -18.00
C GLN C 220 5.70 -34.24 -18.21
N ILE C 221 5.78 -35.19 -17.28
CA ILE C 221 6.71 -36.30 -17.40
C ILE C 221 6.57 -36.94 -18.78
N GLY C 222 5.32 -37.20 -19.16
CA GLY C 222 5.01 -37.77 -20.45
C GLY C 222 5.54 -36.95 -21.59
N ALA C 223 5.13 -35.68 -21.65
CA ALA C 223 5.59 -34.78 -22.69
C ALA C 223 7.08 -34.49 -22.53
N GLY C 224 7.65 -34.99 -21.44
CA GLY C 224 9.07 -34.84 -21.19
C GLY C 224 9.86 -36.02 -21.74
N LEU C 225 9.19 -37.16 -21.85
CA LEU C 225 9.81 -38.35 -22.43
C LEU C 225 9.87 -38.21 -23.95
N SER C 226 8.80 -37.68 -24.52
CA SER C 226 8.72 -37.46 -25.96
C SER C 226 9.67 -36.36 -26.39
N ALA C 227 10.12 -35.57 -25.42
CA ALA C 227 11.06 -34.49 -25.69
C ALA C 227 12.49 -34.89 -25.33
N ALA C 228 12.61 -35.84 -24.41
CA ALA C 228 13.91 -36.41 -24.07
C ALA C 228 14.22 -37.53 -25.06
N ASN C 229 13.36 -37.67 -26.06
CA ASN C 229 13.52 -38.69 -27.09
C ASN C 229 13.65 -40.10 -26.50
N ILE C 230 12.62 -40.50 -25.76
CA ILE C 230 12.54 -41.84 -25.19
C ILE C 230 11.32 -42.55 -25.75
N ILE C 231 10.17 -41.90 -25.62
CA ILE C 231 8.92 -42.43 -26.17
C ILE C 231 8.55 -41.66 -27.43
N GLU C 232 7.90 -42.34 -28.36
CA GLU C 232 7.54 -41.74 -29.64
C GLU C 232 6.78 -40.43 -29.42
N ASP C 233 5.59 -40.54 -28.86
CA ASP C 233 4.76 -39.37 -28.56
C ASP C 233 3.97 -39.63 -27.29
N PRO C 234 3.48 -38.56 -26.63
CA PRO C 234 2.65 -38.74 -25.43
C PRO C 234 1.29 -39.35 -25.79
N SER C 235 1.31 -40.58 -26.27
CA SER C 235 0.09 -41.28 -26.66
C SER C 235 -0.79 -41.53 -25.45
N ASP C 236 -2.06 -41.80 -25.69
CA ASP C 236 -2.99 -42.09 -24.59
C ASP C 236 -2.65 -43.41 -23.91
N TRP C 237 -1.61 -44.07 -24.42
CA TRP C 237 -1.08 -45.27 -23.77
C TRP C 237 0.20 -44.94 -23.03
N THR C 238 0.87 -43.87 -23.45
CA THR C 238 2.08 -43.41 -22.79
C THR C 238 1.73 -42.68 -21.48
N ILE C 239 0.72 -41.82 -21.54
CA ILE C 239 0.30 -41.05 -20.38
C ILE C 239 -0.41 -41.95 -19.36
N VAL C 240 -0.27 -43.25 -19.53
CA VAL C 240 -0.84 -44.23 -18.61
C VAL C 240 0.25 -44.99 -17.86
N GLY C 241 1.19 -45.57 -18.61
CA GLY C 241 2.33 -46.26 -18.02
C GLY C 241 3.06 -45.38 -17.03
N ILE C 242 3.16 -44.09 -17.33
CA ILE C 242 3.75 -43.11 -16.43
C ILE C 242 3.09 -43.19 -15.06
N VAL C 243 1.77 -42.98 -15.04
CA VAL C 243 1.00 -42.95 -13.80
C VAL C 243 1.10 -44.25 -13.01
N SER C 244 0.71 -45.35 -13.64
CA SER C 244 0.65 -46.65 -12.99
C SER C 244 1.92 -47.04 -12.23
N VAL C 245 3.08 -46.74 -12.81
CA VAL C 245 4.35 -47.03 -12.15
C VAL C 245 4.56 -46.12 -10.93
N LEU C 246 4.31 -44.83 -11.10
CA LEU C 246 4.35 -43.91 -9.96
C LEU C 246 3.25 -44.22 -8.96
N THR C 247 2.21 -44.91 -9.42
CA THR C 247 1.14 -45.37 -8.55
C THR C 247 1.60 -46.59 -7.76
N LEU C 248 2.48 -47.39 -8.34
CA LEU C 248 3.09 -48.50 -7.64
C LEU C 248 4.15 -47.99 -6.68
N ALA C 249 4.85 -46.93 -7.12
CA ALA C 249 5.88 -46.29 -6.30
C ALA C 249 5.26 -45.73 -5.03
N PHE C 250 4.08 -45.13 -5.17
CA PHE C 250 3.33 -44.62 -4.03
C PHE C 250 3.09 -45.71 -2.98
N ILE C 251 2.42 -46.78 -3.40
CA ILE C 251 2.11 -47.89 -2.50
C ILE C 251 3.30 -48.32 -1.65
N PHE C 252 4.40 -48.64 -2.31
CA PHE C 252 5.60 -49.12 -1.63
C PHE C 252 6.03 -48.22 -0.47
N SER C 253 5.89 -46.91 -0.64
CA SER C 253 6.31 -45.95 0.38
C SER C 253 5.28 -45.83 1.50
N ALA C 254 4.07 -46.32 1.25
CA ALA C 254 2.99 -46.25 2.23
C ALA C 254 2.81 -47.57 2.98
N ILE C 255 2.91 -48.68 2.24
CA ILE C 255 2.70 -50.01 2.80
C ILE C 255 3.90 -50.48 3.64
N SER C 256 5.01 -49.78 3.53
CA SER C 256 6.20 -50.10 4.33
C SER C 256 6.48 -48.99 5.33
N GLY C 257 5.45 -48.19 5.61
CA GLY C 257 5.60 -47.03 6.48
C GLY C 257 5.68 -45.75 5.66
N VAL C 258 4.74 -44.84 5.89
CA VAL C 258 4.67 -43.59 5.14
C VAL C 258 5.77 -42.60 5.55
N GLY C 259 6.57 -43.00 6.53
CA GLY C 259 7.65 -42.16 7.02
C GLY C 259 8.70 -41.80 5.97
N LYS C 260 8.76 -42.59 4.91
CA LYS C 260 9.74 -42.38 3.85
C LYS C 260 9.36 -41.17 2.99
N GLY C 261 8.06 -40.86 2.92
CA GLY C 261 7.58 -39.77 2.11
C GLY C 261 7.84 -38.40 2.71
N ILE C 262 7.59 -38.27 4.01
CA ILE C 262 7.70 -36.97 4.66
C ILE C 262 9.10 -36.37 4.65
N GLN C 263 10.13 -37.20 4.85
CA GLN C 263 11.50 -36.69 4.92
C GLN C 263 12.50 -37.47 4.08
N TYR C 264 12.24 -38.75 3.84
CA TYR C 264 13.17 -39.57 3.08
C TYR C 264 13.09 -39.24 1.59
N LEU C 265 11.97 -38.67 1.17
CA LEU C 265 11.82 -38.19 -0.20
C LEU C 265 11.97 -36.68 -0.23
N SER C 266 11.46 -36.02 0.81
CA SER C 266 11.58 -34.57 0.93
C SER C 266 13.03 -34.14 0.76
N ASN C 267 13.94 -34.85 1.42
CA ASN C 267 15.37 -34.55 1.31
C ASN C 267 15.89 -34.78 -0.10
N ALA C 268 15.32 -35.78 -0.79
CA ALA C 268 15.68 -36.03 -2.17
C ALA C 268 15.22 -34.89 -3.07
N ASN C 269 13.99 -34.43 -2.84
CA ASN C 269 13.44 -33.31 -3.58
C ASN C 269 14.18 -32.00 -3.27
N MET C 270 14.46 -31.78 -2.00
CA MET C 270 15.23 -30.61 -1.58
C MET C 270 16.54 -30.52 -2.35
N VAL C 271 17.02 -31.66 -2.83
CA VAL C 271 18.27 -31.69 -3.60
C VAL C 271 18.03 -31.48 -5.08
N LEU C 272 17.33 -32.42 -5.72
CA LEU C 272 17.03 -32.31 -7.14
C LEU C 272 16.51 -30.92 -7.50
N ALA C 273 15.51 -30.45 -6.76
CA ALA C 273 14.94 -29.13 -6.99
C ALA C 273 15.98 -28.03 -6.86
N ALA C 274 16.53 -27.86 -5.66
CA ALA C 274 17.57 -26.86 -5.43
C ALA C 274 18.69 -26.98 -6.45
N LEU C 275 19.09 -28.22 -6.75
CA LEU C 275 20.08 -28.48 -7.79
C LEU C 275 19.63 -27.85 -9.11
N LEU C 276 18.48 -28.29 -9.59
CA LEU C 276 17.94 -27.85 -10.87
C LEU C 276 17.86 -26.33 -10.94
N ALA C 277 17.18 -25.72 -9.98
CA ALA C 277 17.07 -24.27 -9.91
C ALA C 277 18.42 -23.58 -10.02
N ILE C 278 19.41 -24.07 -9.26
CA ILE C 278 20.76 -23.52 -9.32
C ILE C 278 21.36 -23.66 -10.72
N PHE C 279 21.10 -24.80 -11.36
CA PHE C 279 21.58 -25.04 -12.71
C PHE C 279 21.24 -23.88 -13.65
N VAL C 280 19.95 -23.76 -13.99
CA VAL C 280 19.47 -22.66 -14.81
C VAL C 280 19.96 -21.31 -14.29
N PHE C 281 19.98 -21.16 -12.97
CA PHE C 281 20.40 -19.90 -12.36
C PHE C 281 21.80 -19.47 -12.78
N VAL C 282 22.74 -20.41 -12.74
CA VAL C 282 24.13 -20.12 -13.08
C VAL C 282 24.37 -20.18 -14.60
N VAL C 283 23.92 -21.25 -15.21
CA VAL C 283 24.02 -21.41 -16.65
C VAL C 283 23.32 -20.27 -17.37
N GLY C 284 22.02 -20.11 -17.13
CA GLY C 284 21.22 -19.07 -17.74
C GLY C 284 21.65 -17.66 -17.35
N PRO C 285 20.82 -16.66 -17.67
CA PRO C 285 21.14 -15.25 -17.47
C PRO C 285 21.12 -14.85 -15.99
N THR C 286 22.11 -15.34 -15.25
CA THR C 286 22.15 -15.15 -13.79
C THR C 286 21.74 -13.76 -13.37
N VAL C 287 22.33 -12.75 -14.00
CA VAL C 287 22.04 -11.36 -13.67
C VAL C 287 20.57 -10.99 -13.89
N SER C 288 20.02 -11.38 -15.03
CA SER C 288 18.60 -11.13 -15.29
C SER C 288 17.75 -11.79 -14.19
N ILE C 289 17.98 -13.07 -13.97
CA ILE C 289 17.28 -13.81 -12.93
C ILE C 289 17.27 -13.07 -11.59
N LEU C 290 18.41 -12.49 -11.23
CA LEU C 290 18.51 -11.71 -10.00
C LEU C 290 17.65 -10.45 -10.05
N ASN C 291 17.75 -9.72 -11.17
CA ASN C 291 16.93 -8.54 -11.39
C ASN C 291 15.45 -8.82 -11.11
N LEU C 292 15.03 -10.05 -11.36
CA LEU C 292 13.63 -10.43 -11.21
C LEU C 292 13.27 -10.83 -9.79
N LEU C 293 14.10 -10.42 -8.83
CA LEU C 293 13.77 -10.63 -7.42
C LEU C 293 13.07 -9.39 -6.87
N PRO C 294 13.65 -8.21 -7.11
CA PRO C 294 12.97 -6.97 -6.75
C PRO C 294 11.91 -6.60 -7.79
N GLY C 295 12.08 -7.10 -9.01
CA GLY C 295 11.09 -6.90 -10.05
C GLY C 295 9.82 -7.67 -9.74
N SER C 296 9.99 -8.95 -9.44
CA SER C 296 8.87 -9.77 -9.00
C SER C 296 8.21 -9.16 -7.77
N ILE C 297 8.98 -8.95 -6.71
CA ILE C 297 8.43 -8.45 -5.45
C ILE C 297 7.93 -7.02 -5.57
N GLY C 298 8.81 -6.12 -6.00
CA GLY C 298 8.42 -4.75 -6.26
C GLY C 298 7.13 -4.65 -7.04
N ASN C 299 7.09 -5.25 -8.22
CA ASN C 299 5.87 -5.18 -9.03
C ASN C 299 4.69 -5.79 -8.30
N TYR C 300 4.89 -6.98 -7.73
CA TYR C 300 3.79 -7.71 -7.09
C TYR C 300 3.12 -6.91 -5.98
N LEU C 301 3.85 -5.96 -5.40
CA LEU C 301 3.28 -5.09 -4.38
C LEU C 301 2.52 -3.93 -5.03
N SER C 302 3.04 -3.45 -6.14
CA SER C 302 2.42 -2.32 -6.82
C SER C 302 1.06 -2.74 -7.34
N ASN C 303 1.02 -3.91 -7.96
CA ASN C 303 -0.15 -4.40 -8.67
C ASN C 303 -1.07 -5.29 -7.84
N PHE C 304 -0.80 -5.40 -6.54
CA PHE C 304 -1.58 -6.32 -5.72
C PHE C 304 -3.09 -6.10 -5.85
N PHE C 305 -3.56 -4.91 -5.50
CA PHE C 305 -4.99 -4.64 -5.48
C PHE C 305 -5.61 -4.55 -6.86
N GLN C 306 -4.89 -3.96 -7.82
CA GLN C 306 -5.40 -3.92 -9.18
C GLN C 306 -5.68 -5.35 -9.63
N MET C 307 -4.81 -6.26 -9.20
CA MET C 307 -5.01 -7.68 -9.45
C MET C 307 -6.14 -8.26 -8.62
N ALA C 308 -6.31 -7.75 -7.41
CA ALA C 308 -7.35 -8.24 -6.52
C ALA C 308 -8.73 -7.80 -7.01
N GLY C 309 -8.75 -6.87 -7.96
CA GLY C 309 -10.00 -6.34 -8.49
C GLY C 309 -10.27 -6.74 -9.92
N ARG C 310 -9.38 -7.53 -10.51
CA ARG C 310 -9.62 -8.05 -11.85
C ARG C 310 -10.78 -9.04 -11.82
N THR C 311 -11.65 -8.97 -12.82
CA THR C 311 -12.84 -9.80 -12.89
C THR C 311 -13.35 -9.86 -14.32
N ALA C 312 -14.47 -10.53 -14.54
CA ALA C 312 -15.04 -10.64 -15.89
C ALA C 312 -15.41 -9.27 -16.46
N MET C 313 -15.71 -8.32 -15.58
CA MET C 313 -15.97 -6.95 -16.01
C MET C 313 -14.67 -6.24 -16.38
N SER C 314 -13.57 -6.62 -15.76
CA SER C 314 -12.30 -5.94 -16.01
C SER C 314 -11.93 -6.01 -17.50
N ALA C 315 -11.17 -5.03 -17.95
CA ALA C 315 -10.75 -4.96 -19.35
C ALA C 315 -11.94 -4.70 -20.26
N ASP C 316 -12.75 -3.71 -19.90
CA ASP C 316 -13.94 -3.39 -20.66
C ASP C 316 -14.77 -4.64 -20.91
N GLY C 317 -14.82 -5.51 -19.92
CA GLY C 317 -15.69 -6.66 -19.92
C GLY C 317 -15.23 -7.77 -20.86
N THR C 318 -13.93 -8.03 -20.86
CA THR C 318 -13.35 -9.01 -21.79
C THR C 318 -12.22 -9.79 -21.16
N ALA C 319 -12.36 -10.21 -19.91
CA ALA C 319 -11.29 -10.99 -19.27
C ALA C 319 -11.81 -12.11 -18.37
N GLY C 320 -13.10 -12.43 -18.50
CA GLY C 320 -13.69 -13.50 -17.74
C GLY C 320 -13.22 -14.87 -18.19
N GLU C 321 -12.59 -14.93 -19.35
CA GLU C 321 -12.06 -16.19 -19.86
C GLU C 321 -10.61 -16.38 -19.43
N TRP C 322 -9.79 -15.35 -19.62
CA TRP C 322 -8.42 -15.35 -19.11
C TRP C 322 -8.40 -15.87 -17.68
N LEU C 323 -9.43 -15.51 -16.92
CA LEU C 323 -9.56 -15.90 -15.52
C LEU C 323 -9.75 -17.40 -15.35
N GLY C 324 -10.85 -17.92 -15.89
CA GLY C 324 -11.16 -19.33 -15.75
C GLY C 324 -10.01 -20.24 -16.14
N SER C 325 -9.05 -19.71 -16.89
CA SER C 325 -7.90 -20.50 -17.32
C SER C 325 -6.67 -20.23 -16.45
N TRP C 326 -6.77 -19.24 -15.56
CA TRP C 326 -5.69 -18.92 -14.63
C TRP C 326 -6.20 -18.62 -13.24
N THR C 327 -6.35 -17.34 -12.94
CA THR C 327 -6.76 -16.87 -11.62
C THR C 327 -7.81 -17.79 -10.98
N ILE C 328 -9.02 -17.78 -11.52
CA ILE C 328 -10.11 -18.61 -10.97
C ILE C 328 -9.69 -20.05 -10.79
N PHE C 329 -8.95 -20.58 -11.75
CA PHE C 329 -8.47 -21.96 -11.66
C PHE C 329 -7.59 -22.15 -10.43
N TYR C 330 -6.50 -21.39 -10.37
CA TYR C 330 -5.60 -21.47 -9.23
C TYR C 330 -6.33 -21.35 -7.91
N TRP C 331 -7.11 -20.28 -7.74
CA TRP C 331 -7.91 -20.09 -6.54
C TRP C 331 -8.63 -21.38 -6.16
N ALA C 332 -9.26 -22.01 -7.15
CA ALA C 332 -9.98 -23.26 -6.93
C ALA C 332 -9.02 -24.39 -6.59
N TRP C 333 -7.83 -24.35 -7.17
CA TRP C 333 -6.81 -25.37 -6.90
C TRP C 333 -6.22 -25.21 -5.50
N TRP C 334 -6.25 -23.98 -4.98
CA TRP C 334 -5.76 -23.74 -3.63
C TRP C 334 -6.82 -24.11 -2.58
N ILE C 335 -8.04 -23.61 -2.76
CA ILE C 335 -9.16 -24.02 -1.92
C ILE C 335 -9.15 -25.54 -1.75
N SER C 336 -8.92 -26.25 -2.86
CA SER C 336 -8.96 -27.71 -2.87
C SER C 336 -7.79 -28.33 -2.11
N TRP C 337 -6.59 -27.79 -2.30
CA TRP C 337 -5.42 -28.32 -1.65
C TRP C 337 -5.32 -27.86 -0.18
N SER C 338 -6.17 -26.91 0.20
CA SER C 338 -6.12 -26.32 1.55
C SER C 338 -6.29 -27.32 2.69
N PRO C 339 -7.14 -28.35 2.50
CA PRO C 339 -7.26 -29.39 3.53
C PRO C 339 -5.93 -30.10 3.75
N PHE C 340 -5.28 -30.51 2.67
CA PHE C 340 -4.00 -31.20 2.76
C PHE C 340 -2.91 -30.33 3.40
N VAL C 341 -2.69 -29.14 2.85
CA VAL C 341 -1.67 -28.23 3.37
C VAL C 341 -1.96 -27.76 4.81
N GLY C 342 -3.23 -27.59 5.13
CA GLY C 342 -3.62 -27.23 6.48
C GLY C 342 -3.10 -28.21 7.52
N MET C 343 -3.23 -29.50 7.22
CA MET C 343 -2.73 -30.56 8.10
C MET C 343 -1.21 -30.48 8.24
N PHE C 344 -0.52 -30.61 7.11
CA PHE C 344 0.93 -30.54 7.09
C PHE C 344 1.43 -29.40 7.98
N LEU C 345 0.92 -28.20 7.71
CA LEU C 345 1.25 -27.01 8.49
C LEU C 345 0.89 -27.18 9.96
N ALA C 346 -0.39 -27.46 10.22
CA ALA C 346 -0.86 -27.66 11.60
C ALA C 346 0.07 -28.57 12.39
N ARG C 347 0.47 -29.69 11.78
CA ARG C 347 1.35 -30.64 12.44
C ARG C 347 2.70 -30.03 12.82
N ILE C 348 3.41 -29.46 11.85
CA ILE C 348 4.75 -28.93 12.10
C ILE C 348 4.71 -27.52 12.67
N SER C 349 3.63 -27.18 13.37
CA SER C 349 3.46 -25.81 13.87
C SER C 349 2.85 -25.74 15.26
N ARG C 350 2.87 -26.85 15.99
CA ARG C 350 2.34 -26.85 17.34
C ARG C 350 3.20 -26.00 18.25
N GLY C 351 2.57 -25.23 19.12
CA GLY C 351 3.28 -24.44 20.10
C GLY C 351 3.89 -23.16 19.53
N ARG C 352 3.49 -22.85 18.31
CA ARG C 352 3.93 -21.62 17.67
C ARG C 352 2.81 -20.59 17.76
N SER C 353 3.16 -19.36 18.10
CA SER C 353 2.20 -18.27 18.18
C SER C 353 1.53 -18.06 16.82
N ILE C 354 0.29 -17.57 16.84
CA ILE C 354 -0.48 -17.37 15.62
C ILE C 354 0.21 -16.33 14.72
N ARG C 355 0.54 -15.19 15.30
CA ARG C 355 1.30 -14.17 14.59
C ARG C 355 2.56 -14.72 13.93
N GLU C 356 3.38 -15.42 14.70
CA GLU C 356 4.61 -16.01 14.17
C GLU C 356 4.29 -17.08 13.14
N PHE C 357 3.14 -17.72 13.31
CA PHE C 357 2.71 -18.79 12.43
C PHE C 357 2.43 -18.21 11.05
N ILE C 358 1.41 -17.37 10.97
CA ILE C 358 1.05 -16.72 9.72
C ILE C 358 2.27 -16.17 8.98
N LEU C 359 3.00 -15.23 9.59
CA LEU C 359 4.13 -14.59 8.92
C LEU C 359 5.08 -15.61 8.28
N GLY C 360 5.25 -16.75 8.94
CA GLY C 360 6.04 -17.84 8.40
C GLY C 360 5.37 -18.52 7.22
N VAL C 361 4.07 -18.74 7.32
CA VAL C 361 3.32 -19.46 6.27
C VAL C 361 3.09 -18.58 5.04
N LEU C 362 3.22 -17.28 5.20
CA LEU C 362 3.07 -16.36 4.09
C LEU C 362 4.41 -16.01 3.45
N LEU C 363 5.43 -15.76 4.27
CA LEU C 363 6.72 -15.26 3.76
C LEU C 363 7.70 -16.34 3.29
N VAL C 364 7.86 -17.40 4.06
CA VAL C 364 8.79 -18.45 3.68
C VAL C 364 8.42 -19.00 2.31
N PRO C 365 7.17 -19.47 2.15
CA PRO C 365 6.76 -20.01 0.85
C PRO C 365 6.87 -18.97 -0.25
N ALA C 366 6.38 -17.75 0.02
CA ALA C 366 6.47 -16.67 -0.94
C ALA C 366 7.89 -16.54 -1.44
N GLY C 367 8.84 -16.66 -0.52
CA GLY C 367 10.25 -16.64 -0.86
C GLY C 367 10.61 -17.72 -1.88
N VAL C 368 10.16 -18.93 -1.64
CA VAL C 368 10.42 -20.04 -2.54
C VAL C 368 9.91 -19.74 -3.96
N SER C 369 8.63 -19.40 -4.06
CA SER C 369 8.01 -19.10 -5.34
C SER C 369 8.72 -17.95 -6.06
N THR C 370 8.93 -16.85 -5.34
CA THR C 370 9.58 -15.67 -5.90
C THR C 370 10.83 -16.02 -6.68
N VAL C 371 11.82 -16.60 -6.02
CA VAL C 371 13.08 -16.94 -6.68
C VAL C 371 12.89 -18.00 -7.76
N TRP C 372 12.03 -18.98 -7.49
CA TRP C 372 11.79 -20.06 -8.45
C TRP C 372 11.29 -19.55 -9.80
N PHE C 373 10.17 -18.84 -9.80
CA PHE C 373 9.64 -18.25 -11.04
C PHE C 373 10.62 -17.25 -11.59
N SER C 374 11.17 -16.43 -10.70
CA SER C 374 12.15 -15.43 -11.07
C SER C 374 13.28 -16.05 -11.91
N ILE C 375 13.63 -17.30 -11.59
CA ILE C 375 14.64 -18.03 -12.33
C ILE C 375 14.10 -18.58 -13.65
N PHE C 376 13.14 -19.50 -13.56
CA PHE C 376 12.63 -20.21 -14.74
C PHE C 376 11.91 -19.29 -15.73
N GLY C 377 10.75 -18.79 -15.33
CA GLY C 377 10.07 -17.80 -16.14
C GLY C 377 11.03 -16.72 -16.56
N GLY C 378 11.79 -16.20 -15.60
CA GLY C 378 12.78 -15.18 -15.87
C GLY C 378 13.65 -15.52 -17.07
N THR C 379 14.28 -16.69 -17.03
CA THR C 379 15.13 -17.17 -18.12
C THR C 379 14.33 -17.35 -19.41
N ALA C 380 13.07 -17.73 -19.28
CA ALA C 380 12.19 -17.86 -20.43
C ALA C 380 11.92 -16.48 -21.06
N ILE C 381 11.49 -15.54 -20.23
CA ILE C 381 11.23 -14.17 -20.69
C ILE C 381 12.47 -13.55 -21.35
N VAL C 382 13.64 -13.76 -20.76
CA VAL C 382 14.88 -13.26 -21.33
C VAL C 382 15.18 -13.96 -22.66
N PHE C 383 14.81 -15.24 -22.76
CA PHE C 383 14.96 -15.96 -24.01
C PHE C 383 14.10 -15.32 -25.09
N GLU C 384 12.86 -15.00 -24.74
CA GLU C 384 11.93 -14.33 -25.64
C GLU C 384 12.50 -13.00 -26.11
N GLN C 385 12.87 -12.16 -25.15
CA GLN C 385 13.42 -10.84 -25.44
C GLN C 385 14.57 -10.87 -26.44
N ASN C 386 15.39 -11.91 -26.37
CA ASN C 386 16.60 -11.96 -27.19
C ASN C 386 16.53 -12.95 -28.36
N GLY C 387 15.48 -12.85 -29.16
CA GLY C 387 15.36 -13.61 -30.39
C GLY C 387 15.21 -15.12 -30.26
N GLU C 388 15.54 -15.65 -29.08
CA GLU C 388 15.55 -17.10 -28.89
C GLU C 388 14.41 -17.59 -28.01
N SER C 389 13.29 -17.93 -28.64
CA SER C 389 12.10 -18.35 -27.91
C SER C 389 12.09 -19.85 -27.61
N ILE C 390 11.39 -20.22 -26.53
CA ILE C 390 11.28 -21.62 -26.12
C ILE C 390 9.83 -22.08 -26.19
N TRP C 391 8.94 -21.14 -26.52
CA TRP C 391 7.51 -21.39 -26.59
C TRP C 391 7.17 -22.77 -27.16
N GLY C 392 7.71 -23.08 -28.34
CA GLY C 392 7.43 -24.35 -28.98
C GLY C 392 6.02 -24.40 -29.55
N ASP C 393 5.22 -25.36 -29.08
CA ASP C 393 3.84 -25.50 -29.55
C ASP C 393 2.81 -24.96 -28.55
N GLY C 394 3.28 -24.19 -27.58
CA GLY C 394 2.41 -23.65 -26.56
C GLY C 394 2.01 -24.69 -25.52
N ALA C 395 2.47 -25.92 -25.73
CA ALA C 395 2.19 -27.00 -24.80
C ALA C 395 2.96 -26.82 -23.49
N ALA C 396 2.29 -26.29 -22.48
CA ALA C 396 2.92 -26.05 -21.19
C ALA C 396 3.67 -27.28 -20.69
N GLU C 397 3.19 -28.45 -21.11
CA GLU C 397 3.76 -29.72 -20.67
C GLU C 397 5.23 -29.83 -21.05
N GLU C 398 5.57 -29.28 -22.22
CA GLU C 398 6.92 -29.45 -22.76
C GLU C 398 7.82 -28.23 -22.60
N GLN C 399 7.26 -27.10 -22.19
CA GLN C 399 8.02 -25.86 -22.13
C GLN C 399 9.16 -25.87 -21.11
N LEU C 400 8.99 -26.61 -20.01
CA LEU C 400 10.06 -26.73 -19.02
C LEU C 400 11.31 -27.29 -19.67
N PHE C 401 11.13 -28.40 -20.38
CA PHE C 401 12.23 -29.08 -21.06
C PHE C 401 12.83 -28.22 -22.16
N GLY C 402 11.97 -27.68 -23.02
CA GLY C 402 12.42 -26.74 -24.03
C GLY C 402 13.36 -25.72 -23.44
N LEU C 403 12.96 -25.13 -22.31
CA LEU C 403 13.81 -24.20 -21.58
C LEU C 403 15.17 -24.84 -21.30
N LEU C 404 15.13 -26.01 -20.67
CA LEU C 404 16.34 -26.74 -20.29
C LEU C 404 17.28 -26.98 -21.47
N HIS C 405 16.76 -27.61 -22.52
CA HIS C 405 17.57 -27.99 -23.69
C HIS C 405 18.22 -26.79 -24.37
N ALA C 406 17.81 -25.58 -24.00
CA ALA C 406 18.38 -24.37 -24.57
C ALA C 406 19.66 -23.96 -23.84
N LEU C 407 19.97 -24.65 -22.76
CA LEU C 407 21.17 -24.39 -21.97
C LEU C 407 22.16 -25.56 -22.06
N PRO C 408 23.46 -25.27 -21.97
CA PRO C 408 24.49 -26.32 -22.03
C PRO C 408 24.29 -27.36 -20.94
N GLY C 409 24.40 -28.63 -21.30
CA GLY C 409 24.18 -29.71 -20.35
C GLY C 409 22.70 -29.86 -20.05
N GLY C 410 21.89 -29.00 -20.64
CA GLY C 410 20.45 -29.02 -20.46
C GLY C 410 19.84 -30.31 -20.97
N GLN C 411 20.69 -31.24 -21.37
CA GLN C 411 20.24 -32.55 -21.81
C GLN C 411 20.09 -33.52 -20.65
N ILE C 412 21.00 -33.42 -19.67
CA ILE C 412 20.92 -34.25 -18.48
C ILE C 412 19.91 -33.70 -17.47
N MET C 413 19.87 -32.38 -17.34
CA MET C 413 18.94 -31.72 -16.43
C MET C 413 17.49 -32.05 -16.79
N GLY C 414 17.25 -32.26 -18.08
CA GLY C 414 15.94 -32.65 -18.56
C GLY C 414 15.56 -34.05 -18.11
N ILE C 415 16.58 -34.86 -17.82
CA ILE C 415 16.38 -36.21 -17.33
C ILE C 415 16.14 -36.17 -15.82
N ILE C 416 16.84 -35.27 -15.14
CA ILE C 416 16.68 -35.11 -13.70
C ILE C 416 15.27 -34.60 -13.38
N ALA C 417 14.86 -33.53 -14.04
CA ALA C 417 13.52 -32.99 -13.88
C ALA C 417 12.48 -34.09 -14.05
N MET C 418 12.73 -35.00 -14.98
CA MET C 418 11.85 -36.15 -15.20
C MET C 418 11.65 -36.94 -13.91
N ILE C 419 12.68 -37.00 -13.08
CA ILE C 419 12.66 -37.79 -11.86
C ILE C 419 12.09 -37.02 -10.67
N LEU C 420 12.52 -35.77 -10.51
CA LEU C 420 11.99 -34.93 -9.44
C LEU C 420 10.48 -34.84 -9.55
N LEU C 421 9.97 -34.99 -10.77
CA LEU C 421 8.53 -35.04 -10.99
C LEU C 421 7.94 -36.31 -10.38
N GLY C 422 8.65 -37.42 -10.57
CA GLY C 422 8.25 -38.68 -9.97
C GLY C 422 8.28 -38.60 -8.46
N THR C 423 9.41 -38.15 -7.91
CA THR C 423 9.56 -38.00 -6.47
C THR C 423 8.47 -37.09 -5.89
N PHE C 424 8.24 -35.96 -6.54
CA PHE C 424 7.16 -35.04 -6.17
C PHE C 424 5.82 -35.76 -6.28
N PHE C 425 5.61 -36.41 -7.41
CA PHE C 425 4.39 -37.17 -7.64
C PHE C 425 4.11 -38.12 -6.48
N ILE C 426 5.17 -38.50 -5.78
CA ILE C 426 5.04 -39.33 -4.60
C ILE C 426 4.83 -38.47 -3.35
N THR C 427 5.83 -37.68 -2.98
CA THR C 427 5.72 -36.82 -1.81
C THR C 427 4.42 -36.01 -1.79
N SER C 428 3.75 -35.92 -2.93
CA SER C 428 2.46 -35.25 -3.02
C SER C 428 1.30 -36.22 -2.83
N ALA C 429 1.37 -37.36 -3.52
CA ALA C 429 0.37 -38.41 -3.36
C ALA C 429 0.61 -39.20 -2.06
N ASP C 430 1.75 -38.94 -1.44
CA ASP C 430 2.18 -39.64 -0.23
C ASP C 430 1.78 -38.84 1.02
N SER C 431 2.21 -37.59 1.06
CA SER C 431 1.82 -36.68 2.14
C SER C 431 0.30 -36.52 2.14
N ALA C 432 -0.31 -36.59 0.97
CA ALA C 432 -1.76 -36.44 0.85
C ALA C 432 -2.50 -37.69 1.32
N SER C 433 -2.00 -38.86 0.95
CA SER C 433 -2.62 -40.12 1.35
C SER C 433 -2.81 -40.22 2.87
N THR C 434 -1.80 -39.83 3.62
CA THR C 434 -1.90 -39.79 5.08
C THR C 434 -2.99 -38.82 5.52
N VAL C 435 -2.88 -37.58 5.07
CA VAL C 435 -3.86 -36.54 5.39
C VAL C 435 -5.26 -36.98 4.98
N MET C 436 -5.37 -37.63 3.82
CA MET C 436 -6.64 -38.14 3.35
C MET C 436 -7.13 -39.28 4.24
N GLY C 437 -6.20 -40.15 4.64
CA GLY C 437 -6.54 -41.24 5.54
C GLY C 437 -6.90 -40.73 6.91
N THR C 438 -6.31 -39.60 7.29
CA THR C 438 -6.55 -39.00 8.60
C THR C 438 -7.99 -38.52 8.78
N MET C 439 -8.52 -37.83 7.78
CA MET C 439 -9.89 -37.33 7.84
C MET C 439 -10.90 -38.46 7.73
N SER C 440 -10.42 -39.68 7.46
CA SER C 440 -11.27 -40.84 7.32
C SER C 440 -11.46 -41.55 8.66
N GLN C 441 -10.44 -41.47 9.51
CA GLN C 441 -10.44 -42.19 10.78
C GLN C 441 -10.66 -41.27 11.98
N HIS C 442 -11.77 -40.54 11.98
CA HIS C 442 -12.14 -39.70 13.13
C HIS C 442 -11.05 -38.78 13.65
N GLY C 443 -10.10 -38.41 12.79
CA GLY C 443 -9.03 -37.51 13.17
C GLY C 443 -7.79 -38.25 13.63
N GLN C 444 -7.71 -39.53 13.30
CA GLN C 444 -6.55 -40.34 13.66
C GLN C 444 -5.27 -39.73 13.10
N LEU C 445 -4.28 -39.52 13.96
CA LEU C 445 -3.07 -38.85 13.55
C LEU C 445 -2.24 -39.72 12.61
N GLU C 446 -1.95 -40.95 13.04
CA GLU C 446 -1.19 -41.89 12.23
C GLU C 446 -2.16 -42.74 11.41
N ALA C 447 -2.34 -42.36 10.15
CA ALA C 447 -3.30 -43.05 9.29
C ALA C 447 -2.88 -44.49 8.98
N ASN C 448 -3.87 -45.32 8.63
CA ASN C 448 -3.62 -46.72 8.33
C ASN C 448 -2.67 -46.90 7.15
N LYS C 449 -1.94 -48.01 7.13
CA LYS C 449 -1.01 -48.32 6.05
C LYS C 449 -1.75 -48.76 4.80
N TRP C 450 -3.01 -49.15 4.98
CA TRP C 450 -3.85 -49.62 3.86
C TRP C 450 -4.74 -48.49 3.34
N VAL C 451 -5.30 -47.70 4.26
CA VAL C 451 -6.18 -46.60 3.89
C VAL C 451 -5.46 -45.56 3.03
N THR C 452 -4.37 -45.01 3.56
CA THR C 452 -3.57 -44.04 2.82
C THR C 452 -3.19 -44.62 1.46
N ALA C 453 -2.61 -45.81 1.47
CA ALA C 453 -2.22 -46.50 0.26
C ALA C 453 -3.41 -46.66 -0.69
N ALA C 454 -4.58 -46.87 -0.12
CA ALA C 454 -5.80 -47.00 -0.91
C ALA C 454 -6.22 -45.66 -1.52
N TRP C 455 -6.27 -44.63 -0.69
CA TRP C 455 -6.64 -43.30 -1.14
C TRP C 455 -5.72 -42.81 -2.25
N GLY C 456 -4.42 -42.82 -2.00
CA GLY C 456 -3.45 -42.41 -2.99
C GLY C 456 -3.74 -43.00 -4.35
N VAL C 457 -3.93 -44.32 -4.39
CA VAL C 457 -4.25 -45.01 -5.64
C VAL C 457 -5.57 -44.50 -6.22
N ALA C 458 -6.58 -44.38 -5.36
CA ALA C 458 -7.87 -43.85 -5.80
C ALA C 458 -7.70 -42.45 -6.40
N THR C 459 -7.00 -41.58 -5.68
CA THR C 459 -6.72 -40.23 -6.13
C THR C 459 -6.01 -40.25 -7.48
N ALA C 460 -4.98 -41.08 -7.59
CA ALA C 460 -4.25 -41.22 -8.84
C ALA C 460 -5.18 -41.70 -9.96
N ALA C 461 -6.07 -42.62 -9.63
CA ALA C 461 -7.06 -43.11 -10.58
C ALA C 461 -7.82 -41.95 -11.21
N ILE C 462 -8.05 -40.90 -10.43
CA ILE C 462 -8.69 -39.69 -10.92
C ILE C 462 -7.75 -38.90 -11.83
N GLY C 463 -6.50 -38.77 -11.40
CA GLY C 463 -5.48 -38.12 -12.21
C GLY C 463 -5.49 -38.70 -13.61
N LEU C 464 -5.24 -40.00 -13.71
CA LEU C 464 -5.35 -40.71 -14.98
C LEU C 464 -6.66 -40.38 -15.70
N THR C 465 -7.77 -40.44 -14.96
CA THR C 465 -9.09 -40.18 -15.52
C THR C 465 -9.17 -38.82 -16.20
N LEU C 466 -9.02 -37.75 -15.42
CA LEU C 466 -9.03 -36.40 -15.95
C LEU C 466 -8.04 -36.25 -17.10
N LEU C 467 -6.88 -36.88 -16.95
CA LEU C 467 -5.80 -36.76 -17.93
C LEU C 467 -6.16 -37.44 -19.26
N LEU C 468 -6.80 -38.60 -19.18
CA LEU C 468 -7.18 -39.34 -20.39
C LEU C 468 -8.52 -38.88 -20.94
N SER C 469 -9.41 -38.47 -20.04
CA SER C 469 -10.76 -38.06 -20.43
C SER C 469 -10.74 -36.85 -21.37
N GLY C 470 -9.77 -35.97 -21.19
CA GLY C 470 -9.66 -34.78 -22.01
C GLY C 470 -9.02 -35.09 -23.34
N GLY C 471 -8.01 -35.96 -23.32
CA GLY C 471 -7.35 -36.40 -24.53
C GLY C 471 -6.20 -35.51 -24.96
N ASP C 472 -6.41 -34.75 -26.03
CA ASP C 472 -5.40 -33.85 -26.56
C ASP C 472 -5.44 -32.52 -25.83
N ASN C 473 -4.38 -32.22 -25.08
CA ASN C 473 -4.35 -31.05 -24.20
C ASN C 473 -5.49 -31.15 -23.19
N ALA C 474 -5.48 -32.24 -22.42
CA ALA C 474 -6.58 -32.57 -21.52
C ALA C 474 -6.57 -31.70 -20.27
N LEU C 475 -5.51 -30.91 -20.09
CA LEU C 475 -5.37 -30.12 -18.89
C LEU C 475 -6.61 -29.26 -18.62
N SER C 476 -7.36 -28.95 -19.67
CA SER C 476 -8.65 -28.28 -19.52
C SER C 476 -9.48 -28.97 -18.43
N ASN C 477 -9.85 -30.22 -18.67
CA ASN C 477 -10.55 -31.03 -17.68
C ASN C 477 -9.90 -30.94 -16.31
N LEU C 478 -8.63 -31.33 -16.26
CA LEU C 478 -7.82 -31.18 -15.04
C LEU C 478 -8.15 -29.89 -14.31
N GLN C 479 -8.13 -28.78 -15.05
CA GLN C 479 -8.46 -27.48 -14.49
C GLN C 479 -9.96 -27.40 -14.20
N ASN C 480 -10.78 -27.53 -15.24
CA ASN C 480 -12.23 -27.41 -15.12
C ASN C 480 -12.80 -28.23 -13.96
N VAL C 481 -12.52 -29.53 -13.98
CA VAL C 481 -12.98 -30.44 -12.94
C VAL C 481 -12.47 -30.03 -11.56
N THR C 482 -11.16 -29.76 -11.47
CA THR C 482 -10.59 -29.26 -10.22
C THR C 482 -11.38 -28.06 -9.71
N ILE C 483 -11.61 -27.10 -10.60
CA ILE C 483 -12.46 -25.95 -10.32
C ILE C 483 -13.85 -26.38 -9.83
N VAL C 484 -14.43 -27.37 -10.50
CA VAL C 484 -15.75 -27.87 -10.13
C VAL C 484 -15.74 -28.67 -8.84
N ALA C 485 -14.59 -29.22 -8.49
CA ALA C 485 -14.47 -30.02 -7.27
C ALA C 485 -14.30 -29.13 -6.05
N ALA C 486 -13.59 -28.02 -6.24
CA ALA C 486 -13.31 -27.10 -5.15
C ALA C 486 -14.49 -26.18 -4.84
N THR C 487 -15.26 -25.84 -5.88
CA THR C 487 -16.33 -24.85 -5.73
C THR C 487 -17.13 -24.92 -4.43
N PRO C 488 -17.57 -26.13 -4.03
CA PRO C 488 -18.33 -26.19 -2.79
C PRO C 488 -17.47 -25.85 -1.57
N PHE C 489 -16.26 -26.40 -1.55
CA PHE C 489 -15.35 -26.20 -0.42
C PHE C 489 -14.88 -24.76 -0.28
N LEU C 490 -15.12 -23.94 -1.30
CA LEU C 490 -14.82 -22.51 -1.25
C LEU C 490 -15.63 -21.84 -0.14
N PHE C 491 -16.85 -22.33 0.06
CA PHE C 491 -17.72 -21.81 1.10
C PHE C 491 -17.33 -22.40 2.45
N VAL C 492 -16.95 -23.68 2.45
CA VAL C 492 -16.36 -24.30 3.63
C VAL C 492 -15.30 -23.37 4.23
N VAL C 493 -14.27 -23.08 3.44
CA VAL C 493 -13.23 -22.13 3.85
C VAL C 493 -13.80 -20.76 4.28
N ILE C 494 -14.65 -20.17 3.45
CA ILE C 494 -15.26 -18.88 3.81
C ILE C 494 -15.87 -18.94 5.22
N GLY C 495 -16.72 -19.94 5.44
CA GLY C 495 -17.35 -20.13 6.75
C GLY C 495 -16.34 -20.47 7.82
N LEU C 496 -15.21 -21.02 7.39
CA LEU C 496 -14.14 -21.38 8.31
C LEU C 496 -13.50 -20.12 8.91
N MET C 497 -13.64 -19.00 8.21
CA MET C 497 -13.19 -17.72 8.76
C MET C 497 -14.00 -17.36 9.99
N PHE C 498 -15.29 -17.64 9.92
CA PHE C 498 -16.22 -17.27 10.99
C PHE C 498 -16.01 -18.11 12.25
N ALA C 499 -15.86 -19.41 12.08
CA ALA C 499 -15.56 -20.30 13.20
C ALA C 499 -14.29 -19.86 13.92
N LEU C 500 -13.23 -19.66 13.16
CA LEU C 500 -11.94 -19.25 13.71
C LEU C 500 -12.07 -18.04 14.63
N VAL C 501 -12.87 -17.05 14.23
CA VAL C 501 -13.00 -15.83 15.00
C VAL C 501 -13.67 -16.05 16.35
N LYS C 502 -14.85 -16.65 16.35
CA LYS C 502 -15.58 -16.90 17.58
C LYS C 502 -14.80 -17.84 18.48
N ASP C 503 -14.17 -18.82 17.86
CA ASP C 503 -13.30 -19.76 18.56
C ASP C 503 -12.17 -19.04 19.29
N LEU C 504 -11.56 -18.06 18.62
CA LEU C 504 -10.46 -17.28 19.19
C LEU C 504 -10.95 -16.27 20.23
N SER C 505 -12.08 -15.63 19.95
CA SER C 505 -12.63 -14.68 20.89
C SER C 505 -13.00 -15.40 22.19
N ASN C 506 -13.15 -16.71 22.10
CA ASN C 506 -13.46 -17.52 23.27
C ASN C 506 -12.23 -18.11 23.92
N ASP C 507 -11.06 -17.86 23.34
CA ASP C 507 -9.82 -18.41 23.87
C ASP C 507 -9.52 -17.84 25.26
N VAL C 508 -9.15 -18.73 26.17
CA VAL C 508 -8.94 -18.38 27.57
C VAL C 508 -7.95 -17.23 27.80
N ILE C 509 -7.03 -17.03 26.85
CA ILE C 509 -6.00 -16.00 27.01
C ILE C 509 -6.52 -14.61 26.63
N TYR C 510 -7.35 -14.55 25.60
CA TYR C 510 -7.96 -13.29 25.21
C TYR C 510 -9.01 -12.88 26.24
N LEU C 511 -9.49 -13.86 26.99
CA LEU C 511 -10.36 -13.61 28.13
C LEU C 511 -9.51 -13.30 29.36
N GLU C 512 -8.37 -13.97 29.46
CA GLU C 512 -7.41 -13.72 30.54
C GLU C 512 -6.84 -12.32 30.41
N TYR C 513 -6.83 -11.81 29.19
CA TYR C 513 -6.32 -10.46 28.92
C TYR C 513 -7.47 -9.46 28.79
#